data_1BG7
# 
_entry.id   1BG7 
# 
_audit_conform.dict_name       mmcif_pdbx.dic 
_audit_conform.dict_version    5.392 
_audit_conform.dict_location   http://mmcif.pdb.org/dictionaries/ascii/mmcif_pdbx.dic 
# 
loop_
_database_2.database_id 
_database_2.database_code 
_database_2.pdbx_database_accession 
_database_2.pdbx_DOI 
PDB   1BG7         pdb_00001bg7 10.2210/pdb1bg7/pdb 
WWPDB D_1000171717 ?            ?                   
# 
loop_
_pdbx_audit_revision_history.ordinal 
_pdbx_audit_revision_history.data_content_type 
_pdbx_audit_revision_history.major_revision 
_pdbx_audit_revision_history.minor_revision 
_pdbx_audit_revision_history.revision_date 
1 'Structure model' 1 0 1999-01-13 
2 'Structure model' 1 1 2008-03-24 
3 'Structure model' 1 2 2011-07-13 
4 'Structure model' 1 3 2011-11-16 
5 'Structure model' 1 4 2021-11-03 
6 'Structure model' 1 5 2023-08-02 
7 'Structure model' 1 6 2024-05-22 
# 
_pdbx_audit_revision_details.ordinal             1 
_pdbx_audit_revision_details.revision_ordinal    1 
_pdbx_audit_revision_details.data_content_type   'Structure model' 
_pdbx_audit_revision_details.provider            repository 
_pdbx_audit_revision_details.type                'Initial release' 
_pdbx_audit_revision_details.description         ? 
_pdbx_audit_revision_details.details             ? 
# 
loop_
_pdbx_audit_revision_group.ordinal 
_pdbx_audit_revision_group.revision_ordinal 
_pdbx_audit_revision_group.data_content_type 
_pdbx_audit_revision_group.group 
1 2 'Structure model' 'Version format compliance' 
2 3 'Structure model' 'Derived calculations'      
3 3 'Structure model' 'Version format compliance' 
4 4 'Structure model' 'Atomic model'              
5 5 'Structure model' 'Database references'       
6 5 'Structure model' 'Derived calculations'      
7 5 'Structure model' Other                       
8 6 'Structure model' 'Refinement description'    
9 7 'Structure model' 'Data collection'           
# 
loop_
_pdbx_audit_revision_category.ordinal 
_pdbx_audit_revision_category.revision_ordinal 
_pdbx_audit_revision_category.data_content_type 
_pdbx_audit_revision_category.category 
1 5 'Structure model' database_2                    
2 5 'Structure model' pdbx_database_status          
3 5 'Structure model' pdbx_struct_conn_angle        
4 5 'Structure model' struct_conn                   
5 5 'Structure model' struct_ref_seq_dif            
6 5 'Structure model' struct_site                   
7 6 'Structure model' pdbx_initial_refinement_model 
8 7 'Structure model' chem_comp_atom                
9 7 'Structure model' chem_comp_bond                
# 
loop_
_pdbx_audit_revision_item.ordinal 
_pdbx_audit_revision_item.revision_ordinal 
_pdbx_audit_revision_item.data_content_type 
_pdbx_audit_revision_item.item 
1  5 'Structure model' '_database_2.pdbx_DOI'                        
2  5 'Structure model' '_database_2.pdbx_database_accession'         
3  5 'Structure model' '_pdbx_database_status.process_site'          
4  5 'Structure model' '_pdbx_struct_conn_angle.ptnr1_auth_comp_id'  
5  5 'Structure model' '_pdbx_struct_conn_angle.ptnr1_auth_seq_id'   
6  5 'Structure model' '_pdbx_struct_conn_angle.ptnr1_label_atom_id' 
7  5 'Structure model' '_pdbx_struct_conn_angle.ptnr1_label_comp_id' 
8  5 'Structure model' '_pdbx_struct_conn_angle.ptnr1_label_seq_id'  
9  5 'Structure model' '_pdbx_struct_conn_angle.ptnr1_symmetry'      
10 5 'Structure model' '_pdbx_struct_conn_angle.ptnr3_auth_comp_id'  
11 5 'Structure model' '_pdbx_struct_conn_angle.ptnr3_auth_seq_id'   
12 5 'Structure model' '_pdbx_struct_conn_angle.ptnr3_label_atom_id' 
13 5 'Structure model' '_pdbx_struct_conn_angle.ptnr3_label_comp_id' 
14 5 'Structure model' '_pdbx_struct_conn_angle.ptnr3_label_seq_id'  
15 5 'Structure model' '_pdbx_struct_conn_angle.ptnr3_symmetry'      
16 5 'Structure model' '_pdbx_struct_conn_angle.value'               
17 5 'Structure model' '_struct_conn.pdbx_dist_value'                
18 5 'Structure model' '_struct_conn.ptnr1_auth_comp_id'             
19 5 'Structure model' '_struct_conn.ptnr1_auth_seq_id'              
20 5 'Structure model' '_struct_conn.ptnr1_label_asym_id'            
21 5 'Structure model' '_struct_conn.ptnr1_label_atom_id'            
22 5 'Structure model' '_struct_conn.ptnr1_label_comp_id'            
23 5 'Structure model' '_struct_conn.ptnr1_label_seq_id'             
24 5 'Structure model' '_struct_conn.ptnr1_symmetry'                 
25 5 'Structure model' '_struct_conn.ptnr2_auth_comp_id'             
26 5 'Structure model' '_struct_conn.ptnr2_auth_seq_id'              
27 5 'Structure model' '_struct_conn.ptnr2_label_asym_id'            
28 5 'Structure model' '_struct_conn.ptnr2_label_atom_id'            
29 5 'Structure model' '_struct_conn.ptnr2_label_comp_id'            
30 5 'Structure model' '_struct_conn.ptnr2_label_seq_id'             
31 5 'Structure model' '_struct_conn.ptnr2_symmetry'                 
32 5 'Structure model' '_struct_ref_seq_dif.details'                 
33 5 'Structure model' '_struct_site.pdbx_auth_asym_id'              
34 5 'Structure model' '_struct_site.pdbx_auth_comp_id'              
35 5 'Structure model' '_struct_site.pdbx_auth_seq_id'               
# 
_pdbx_database_status.status_code                     REL 
_pdbx_database_status.entry_id                        1BG7 
_pdbx_database_status.recvd_initial_deposition_date   1998-06-05 
_pdbx_database_status.deposit_site                    ? 
_pdbx_database_status.process_site                    BNL 
_pdbx_database_status.status_code_sf                  REL 
_pdbx_database_status.status_code_mr                  ? 
_pdbx_database_status.SG_entry                        ? 
_pdbx_database_status.pdb_format_compatible           Y 
_pdbx_database_status.status_code_cs                  ? 
_pdbx_database_status.status_code_nmr_data            ? 
_pdbx_database_status.methods_development_category    ? 
# 
loop_
_audit_author.name 
_audit_author.pdbx_ordinal 
'Takagi, H.'     1 
'Shi, D.'        2 
'Ha, Y.'         3 
'Allewell, N.M.' 4 
'Theil, E.C.'    5 
# 
_citation.id                        primary 
_citation.title                     'Localized unfolding at the junction of three ferritin subunits. A mechanism for iron release?' 
_citation.journal_abbrev            J.Biol.Chem. 
_citation.journal_volume            273 
_citation.page_first                18685 
_citation.page_last                 18688 
_citation.year                      1998 
_citation.journal_id_ASTM           JBCHA3 
_citation.country                   US 
_citation.journal_id_ISSN           0021-9258 
_citation.journal_id_CSD            0071 
_citation.book_publisher            ? 
_citation.pdbx_database_id_PubMed   9668036 
_citation.pdbx_database_id_DOI      10.1074/jbc.273.30.18685 
# 
loop_
_citation_author.citation_id 
_citation_author.name 
_citation_author.ordinal 
_citation_author.identifier_ORCID 
primary 'Takagi, H.'     1 ? 
primary 'Shi, D.'        2 ? 
primary 'Ha, Y.'         3 ? 
primary 'Allewell, N.M.' 4 ? 
primary 'Theil, E.C.'    5 ? 
# 
loop_
_entity.id 
_entity.type 
_entity.src_method 
_entity.pdbx_description 
_entity.formula_weight 
_entity.pdbx_number_of_molecules 
_entity.pdbx_ec 
_entity.pdbx_mutation 
_entity.pdbx_fragment 
_entity.details 
1 polymer     man FERRITIN      20546.098 1  ? 'K82Q, L134P' ? ? 
2 non-polymer syn 'CALCIUM ION' 40.078    1  ? ?             ? ? 
3 water       nat water         18.015    32 ? ?             ? ? 
# 
_entity_poly.entity_id                      1 
_entity_poly.type                           'polypeptide(L)' 
_entity_poly.nstd_linkage                   no 
_entity_poly.nstd_monomer                   no 
_entity_poly.pdbx_seq_one_letter_code       
;MDSQVRQNFHRDCEAAINRMVNMELYASYTYLSMAFYFDRDDIALHNVAKFFKEQSHEEREHAEKLMKDQNKRGGRIVLQ
DVQKPERDEWGNTLEAMQAALQLEKTVNQALLDLHKVGSDKVDPHLCDFLETEYPEEQVKSIKQLGDYITNLKRLGLPQN
GMGEYLFDKHTMGESS
;
_entity_poly.pdbx_seq_one_letter_code_can   
;MDSQVRQNFHRDCEAAINRMVNMELYASYTYLSMAFYFDRDDIALHNVAKFFKEQSHEEREHAEKLMKDQNKRGGRIVLQ
DVQKPERDEWGNTLEAMQAALQLEKTVNQALLDLHKVGSDKVDPHLCDFLETEYPEEQVKSIKQLGDYITNLKRLGLPQN
GMGEYLFDKHTMGESS
;
_entity_poly.pdbx_strand_id                 A 
_entity_poly.pdbx_target_identifier         ? 
# 
loop_
_pdbx_entity_nonpoly.entity_id 
_pdbx_entity_nonpoly.name 
_pdbx_entity_nonpoly.comp_id 
2 'CALCIUM ION' CA  
3 water         HOH 
# 
loop_
_entity_poly_seq.entity_id 
_entity_poly_seq.num 
_entity_poly_seq.mon_id 
_entity_poly_seq.hetero 
1 1   MET n 
1 2   ASP n 
1 3   SER n 
1 4   GLN n 
1 5   VAL n 
1 6   ARG n 
1 7   GLN n 
1 8   ASN n 
1 9   PHE n 
1 10  HIS n 
1 11  ARG n 
1 12  ASP n 
1 13  CYS n 
1 14  GLU n 
1 15  ALA n 
1 16  ALA n 
1 17  ILE n 
1 18  ASN n 
1 19  ARG n 
1 20  MET n 
1 21  VAL n 
1 22  ASN n 
1 23  MET n 
1 24  GLU n 
1 25  LEU n 
1 26  TYR n 
1 27  ALA n 
1 28  SER n 
1 29  TYR n 
1 30  THR n 
1 31  TYR n 
1 32  LEU n 
1 33  SER n 
1 34  MET n 
1 35  ALA n 
1 36  PHE n 
1 37  TYR n 
1 38  PHE n 
1 39  ASP n 
1 40  ARG n 
1 41  ASP n 
1 42  ASP n 
1 43  ILE n 
1 44  ALA n 
1 45  LEU n 
1 46  HIS n 
1 47  ASN n 
1 48  VAL n 
1 49  ALA n 
1 50  LYS n 
1 51  PHE n 
1 52  PHE n 
1 53  LYS n 
1 54  GLU n 
1 55  GLN n 
1 56  SER n 
1 57  HIS n 
1 58  GLU n 
1 59  GLU n 
1 60  ARG n 
1 61  GLU n 
1 62  HIS n 
1 63  ALA n 
1 64  GLU n 
1 65  LYS n 
1 66  LEU n 
1 67  MET n 
1 68  LYS n 
1 69  ASP n 
1 70  GLN n 
1 71  ASN n 
1 72  LYS n 
1 73  ARG n 
1 74  GLY n 
1 75  GLY n 
1 76  ARG n 
1 77  ILE n 
1 78  VAL n 
1 79  LEU n 
1 80  GLN n 
1 81  ASP n 
1 82  VAL n 
1 83  GLN n 
1 84  LYS n 
1 85  PRO n 
1 86  GLU n 
1 87  ARG n 
1 88  ASP n 
1 89  GLU n 
1 90  TRP n 
1 91  GLY n 
1 92  ASN n 
1 93  THR n 
1 94  LEU n 
1 95  GLU n 
1 96  ALA n 
1 97  MET n 
1 98  GLN n 
1 99  ALA n 
1 100 ALA n 
1 101 LEU n 
1 102 GLN n 
1 103 LEU n 
1 104 GLU n 
1 105 LYS n 
1 106 THR n 
1 107 VAL n 
1 108 ASN n 
1 109 GLN n 
1 110 ALA n 
1 111 LEU n 
1 112 LEU n 
1 113 ASP n 
1 114 LEU n 
1 115 HIS n 
1 116 LYS n 
1 117 VAL n 
1 118 GLY n 
1 119 SER n 
1 120 ASP n 
1 121 LYS n 
1 122 VAL n 
1 123 ASP n 
1 124 PRO n 
1 125 HIS n 
1 126 LEU n 
1 127 CYS n 
1 128 ASP n 
1 129 PHE n 
1 130 LEU n 
1 131 GLU n 
1 132 THR n 
1 133 GLU n 
1 134 TYR n 
1 135 PRO n 
1 136 GLU n 
1 137 GLU n 
1 138 GLN n 
1 139 VAL n 
1 140 LYS n 
1 141 SER n 
1 142 ILE n 
1 143 LYS n 
1 144 GLN n 
1 145 LEU n 
1 146 GLY n 
1 147 ASP n 
1 148 TYR n 
1 149 ILE n 
1 150 THR n 
1 151 ASN n 
1 152 LEU n 
1 153 LYS n 
1 154 ARG n 
1 155 LEU n 
1 156 GLY n 
1 157 LEU n 
1 158 PRO n 
1 159 GLN n 
1 160 ASN n 
1 161 GLY n 
1 162 MET n 
1 163 GLY n 
1 164 GLU n 
1 165 TYR n 
1 166 LEU n 
1 167 PHE n 
1 168 ASP n 
1 169 LYS n 
1 170 HIS n 
1 171 THR n 
1 172 MET n 
1 173 GLY n 
1 174 GLU n 
1 175 SER n 
1 176 SER n 
# 
_entity_src_gen.entity_id                          1 
_entity_src_gen.pdbx_src_id                        1 
_entity_src_gen.pdbx_alt_source_flag               sample 
_entity_src_gen.pdbx_seq_type                      ? 
_entity_src_gen.pdbx_beg_seq_num                   ? 
_entity_src_gen.pdbx_end_seq_num                   ? 
_entity_src_gen.gene_src_common_name               bullfrog 
_entity_src_gen.gene_src_genus                     Rana 
_entity_src_gen.pdbx_gene_src_gene                 ? 
_entity_src_gen.gene_src_species                   ? 
_entity_src_gen.gene_src_strain                    BL21-DE3 
_entity_src_gen.gene_src_tissue                    ? 
_entity_src_gen.gene_src_tissue_fraction           ? 
_entity_src_gen.gene_src_details                   ? 
_entity_src_gen.pdbx_gene_src_fragment             ? 
_entity_src_gen.pdbx_gene_src_scientific_name      'Rana catesbeiana' 
_entity_src_gen.pdbx_gene_src_ncbi_taxonomy_id     8400 
_entity_src_gen.pdbx_gene_src_variant              ? 
_entity_src_gen.pdbx_gene_src_cell_line            BL21 
_entity_src_gen.pdbx_gene_src_atcc                 ? 
_entity_src_gen.pdbx_gene_src_organ                ? 
_entity_src_gen.pdbx_gene_src_organelle            ? 
_entity_src_gen.pdbx_gene_src_cell                 ? 
_entity_src_gen.pdbx_gene_src_cellular_location    ? 
_entity_src_gen.host_org_common_name               ? 
_entity_src_gen.pdbx_host_org_scientific_name      'Escherichia coli BL21(DE3)' 
_entity_src_gen.pdbx_host_org_ncbi_taxonomy_id     469008 
_entity_src_gen.host_org_genus                     Escherichia 
_entity_src_gen.pdbx_host_org_gene                 ? 
_entity_src_gen.pdbx_host_org_organ                ? 
_entity_src_gen.host_org_species                   'Escherichia coli' 
_entity_src_gen.pdbx_host_org_tissue               ? 
_entity_src_gen.pdbx_host_org_tissue_fraction      ? 
_entity_src_gen.pdbx_host_org_strain               'BL21 (DE3)' 
_entity_src_gen.pdbx_host_org_variant              ? 
_entity_src_gen.pdbx_host_org_cell_line            ? 
_entity_src_gen.pdbx_host_org_atcc                 ? 
_entity_src_gen.pdbx_host_org_culture_collection   ? 
_entity_src_gen.pdbx_host_org_cell                 ? 
_entity_src_gen.pdbx_host_org_organelle            ? 
_entity_src_gen.pdbx_host_org_cellular_location    ? 
_entity_src_gen.pdbx_host_org_vector_type          ? 
_entity_src_gen.pdbx_host_org_vector               PET-9A 
_entity_src_gen.host_org_details                   ? 
_entity_src_gen.expression_system_id               ? 
_entity_src_gen.plasmid_name                       BL21 
_entity_src_gen.plasmid_details                    ? 
_entity_src_gen.pdbx_description                   ? 
# 
loop_
_chem_comp.id 
_chem_comp.type 
_chem_comp.mon_nstd_flag 
_chem_comp.name 
_chem_comp.pdbx_synonyms 
_chem_comp.formula 
_chem_comp.formula_weight 
ALA 'L-peptide linking' y ALANINE         ? 'C3 H7 N O2'     89.093  
ARG 'L-peptide linking' y ARGININE        ? 'C6 H15 N4 O2 1' 175.209 
ASN 'L-peptide linking' y ASPARAGINE      ? 'C4 H8 N2 O3'    132.118 
ASP 'L-peptide linking' y 'ASPARTIC ACID' ? 'C4 H7 N O4'     133.103 
CA  non-polymer         . 'CALCIUM ION'   ? 'Ca 2'           40.078  
CYS 'L-peptide linking' y CYSTEINE        ? 'C3 H7 N O2 S'   121.158 
GLN 'L-peptide linking' y GLUTAMINE       ? 'C5 H10 N2 O3'   146.144 
GLU 'L-peptide linking' y 'GLUTAMIC ACID' ? 'C5 H9 N O4'     147.129 
GLY 'peptide linking'   y GLYCINE         ? 'C2 H5 N O2'     75.067  
HIS 'L-peptide linking' y HISTIDINE       ? 'C6 H10 N3 O2 1' 156.162 
HOH non-polymer         . WATER           ? 'H2 O'           18.015  
ILE 'L-peptide linking' y ISOLEUCINE      ? 'C6 H13 N O2'    131.173 
LEU 'L-peptide linking' y LEUCINE         ? 'C6 H13 N O2'    131.173 
LYS 'L-peptide linking' y LYSINE          ? 'C6 H15 N2 O2 1' 147.195 
MET 'L-peptide linking' y METHIONINE      ? 'C5 H11 N O2 S'  149.211 
PHE 'L-peptide linking' y PHENYLALANINE   ? 'C9 H11 N O2'    165.189 
PRO 'L-peptide linking' y PROLINE         ? 'C5 H9 N O2'     115.130 
SER 'L-peptide linking' y SERINE          ? 'C3 H7 N O3'     105.093 
THR 'L-peptide linking' y THREONINE       ? 'C4 H9 N O3'     119.119 
TRP 'L-peptide linking' y TRYPTOPHAN      ? 'C11 H12 N2 O2'  204.225 
TYR 'L-peptide linking' y TYROSINE        ? 'C9 H11 N O3'    181.189 
VAL 'L-peptide linking' y VALINE          ? 'C5 H11 N O2'    117.146 
# 
loop_
_pdbx_poly_seq_scheme.asym_id 
_pdbx_poly_seq_scheme.entity_id 
_pdbx_poly_seq_scheme.seq_id 
_pdbx_poly_seq_scheme.mon_id 
_pdbx_poly_seq_scheme.ndb_seq_num 
_pdbx_poly_seq_scheme.pdb_seq_num 
_pdbx_poly_seq_scheme.auth_seq_num 
_pdbx_poly_seq_scheme.pdb_mon_id 
_pdbx_poly_seq_scheme.auth_mon_id 
_pdbx_poly_seq_scheme.pdb_strand_id 
_pdbx_poly_seq_scheme.pdb_ins_code 
_pdbx_poly_seq_scheme.hetero 
A 1 1   MET 1   0   ?   ?   ?   A . n 
A 1 2   ASP 2   1   1   ASP ASP A . n 
A 1 3   SER 3   2   2   SER SER A . n 
A 1 4   GLN 4   3   3   GLN GLN A . n 
A 1 5   VAL 5   4   4   VAL VAL A . n 
A 1 6   ARG 6   5   5   ARG ARG A . n 
A 1 7   GLN 7   6   6   GLN GLN A . n 
A 1 8   ASN 8   7   7   ASN ASN A . n 
A 1 9   PHE 9   8   8   PHE PHE A . n 
A 1 10  HIS 10  9   9   HIS HIS A . n 
A 1 11  ARG 11  10  10  ARG ARG A . n 
A 1 12  ASP 12  11  11  ASP ASP A . n 
A 1 13  CYS 13  12  12  CYS CYS A . n 
A 1 14  GLU 14  13  13  GLU GLU A . n 
A 1 15  ALA 15  14  14  ALA ALA A . n 
A 1 16  ALA 16  15  15  ALA ALA A . n 
A 1 17  ILE 17  16  16  ILE ILE A . n 
A 1 18  ASN 18  17  17  ASN ASN A . n 
A 1 19  ARG 19  18  18  ARG ARG A . n 
A 1 20  MET 20  19  19  MET MET A . n 
A 1 21  VAL 21  20  20  VAL VAL A . n 
A 1 22  ASN 22  21  21  ASN ASN A . n 
A 1 23  MET 23  22  22  MET MET A . n 
A 1 24  GLU 24  23  23  GLU GLU A . n 
A 1 25  LEU 25  24  24  LEU LEU A . n 
A 1 26  TYR 26  25  25  TYR TYR A . n 
A 1 27  ALA 27  26  26  ALA ALA A . n 
A 1 28  SER 28  27  27  SER SER A . n 
A 1 29  TYR 29  28  28  TYR TYR A . n 
A 1 30  THR 30  29  29  THR THR A . n 
A 1 31  TYR 31  30  30  TYR TYR A . n 
A 1 32  LEU 32  31  31  LEU LEU A . n 
A 1 33  SER 33  32  32  SER SER A . n 
A 1 34  MET 34  33  33  MET MET A . n 
A 1 35  ALA 35  34  34  ALA ALA A . n 
A 1 36  PHE 36  35  35  PHE PHE A . n 
A 1 37  TYR 37  36  36  TYR TYR A . n 
A 1 38  PHE 38  37  37  PHE PHE A . n 
A 1 39  ASP 39  38  38  ASP ASP A . n 
A 1 40  ARG 40  39  39  ARG ARG A . n 
A 1 41  ASP 41  40  40  ASP ASP A . n 
A 1 42  ASP 42  41  41  ASP ASP A . n 
A 1 43  ILE 43  42  42  ILE ILE A . n 
A 1 44  ALA 44  43  43  ALA ALA A . n 
A 1 45  LEU 45  44  44  LEU LEU A . n 
A 1 46  HIS 46  45  45  HIS HIS A . n 
A 1 47  ASN 47  46  46  ASN ASN A . n 
A 1 48  VAL 48  47  47  VAL VAL A . n 
A 1 49  ALA 49  48  48  ALA ALA A . n 
A 1 50  LYS 50  49  49  LYS LYS A . n 
A 1 51  PHE 51  50  50  PHE PHE A . n 
A 1 52  PHE 52  51  51  PHE PHE A . n 
A 1 53  LYS 53  52  52  LYS LYS A . n 
A 1 54  GLU 54  53  53  GLU GLU A . n 
A 1 55  GLN 55  54  54  GLN GLN A . n 
A 1 56  SER 56  55  55  SER SER A . n 
A 1 57  HIS 57  56  56  HIS HIS A . n 
A 1 58  GLU 58  57  57  GLU GLU A . n 
A 1 59  GLU 59  58  58  GLU GLU A . n 
A 1 60  ARG 60  59  59  ARG ARG A . n 
A 1 61  GLU 61  60  60  GLU GLU A . n 
A 1 62  HIS 62  61  61  HIS HIS A . n 
A 1 63  ALA 63  62  62  ALA ALA A . n 
A 1 64  GLU 64  63  63  GLU GLU A . n 
A 1 65  LYS 65  64  64  LYS LYS A . n 
A 1 66  LEU 66  65  65  LEU LEU A . n 
A 1 67  MET 67  66  66  MET MET A . n 
A 1 68  LYS 68  67  67  LYS LYS A . n 
A 1 69  ASP 69  68  68  ASP ASP A . n 
A 1 70  GLN 70  69  69  GLN GLN A . n 
A 1 71  ASN 71  70  70  ASN ASN A . n 
A 1 72  LYS 72  71  71  LYS LYS A . n 
A 1 73  ARG 73  72  72  ARG ARG A . n 
A 1 74  GLY 74  73  73  GLY GLY A . n 
A 1 75  GLY 75  74  74  GLY GLY A . n 
A 1 76  ARG 76  75  75  ARG ARG A . n 
A 1 77  ILE 77  76  76  ILE ILE A . n 
A 1 78  VAL 78  77  77  VAL VAL A . n 
A 1 79  LEU 79  78  78  LEU LEU A . n 
A 1 80  GLN 80  79  79  GLN GLN A . n 
A 1 81  ASP 81  80  80  ASP ASP A . n 
A 1 82  VAL 82  81  81  VAL VAL A . n 
A 1 83  GLN 83  82  82  GLN GLN A . n 
A 1 84  LYS 84  83  83  LYS LYS A . n 
A 1 85  PRO 85  84  84  PRO PRO A . n 
A 1 86  GLU 86  85  85  GLU GLU A . n 
A 1 87  ARG 87  86  86  ARG ARG A . n 
A 1 88  ASP 88  87  87  ASP ASP A . n 
A 1 89  GLU 89  88  88  GLU GLU A . n 
A 1 90  TRP 90  89  89  TRP TRP A . n 
A 1 91  GLY 91  90  90  GLY GLY A . n 
A 1 92  ASN 92  91  91  ASN ASN A . n 
A 1 93  THR 93  92  92  THR THR A . n 
A 1 94  LEU 94  93  93  LEU LEU A . n 
A 1 95  GLU 95  94  94  GLU GLU A . n 
A 1 96  ALA 96  95  95  ALA ALA A . n 
A 1 97  MET 97  96  96  MET MET A . n 
A 1 98  GLN 98  97  97  GLN GLN A . n 
A 1 99  ALA 99  98  98  ALA ALA A . n 
A 1 100 ALA 100 99  99  ALA ALA A . n 
A 1 101 LEU 101 100 100 LEU LEU A . n 
A 1 102 GLN 102 101 101 GLN GLN A . n 
A 1 103 LEU 103 102 102 LEU LEU A . n 
A 1 104 GLU 104 103 103 GLU GLU A . n 
A 1 105 LYS 105 104 104 LYS LYS A . n 
A 1 106 THR 106 105 105 THR THR A . n 
A 1 107 VAL 107 106 106 VAL VAL A . n 
A 1 108 ASN 108 107 107 ASN ASN A . n 
A 1 109 GLN 109 108 108 GLN GLN A . n 
A 1 110 ALA 110 109 109 ALA ALA A . n 
A 1 111 LEU 111 110 110 LEU LEU A . n 
A 1 112 LEU 112 111 111 LEU LEU A . n 
A 1 113 ASP 113 112 112 ASP ASP A . n 
A 1 114 LEU 114 113 113 LEU LEU A . n 
A 1 115 HIS 115 114 ?   ?   ?   A . n 
A 1 116 LYS 116 115 ?   ?   ?   A . n 
A 1 117 VAL 117 116 ?   ?   ?   A . n 
A 1 118 GLY 118 117 ?   ?   ?   A . n 
A 1 119 SER 119 118 ?   ?   ?   A . n 
A 1 120 ASP 120 119 ?   ?   ?   A . n 
A 1 121 LYS 121 120 ?   ?   ?   A . n 
A 1 122 VAL 122 121 ?   ?   ?   A . n 
A 1 123 ASP 123 122 ?   ?   ?   A . n 
A 1 124 PRO 124 123 ?   ?   ?   A . n 
A 1 125 HIS 125 124 ?   ?   ?   A . n 
A 1 126 LEU 126 125 ?   ?   ?   A . n 
A 1 127 CYS 127 126 ?   ?   ?   A . n 
A 1 128 ASP 128 127 ?   ?   ?   A . n 
A 1 129 PHE 129 128 ?   ?   ?   A . n 
A 1 130 LEU 130 129 ?   ?   ?   A . n 
A 1 131 GLU 131 130 ?   ?   ?   A . n 
A 1 132 THR 132 131 ?   ?   ?   A . n 
A 1 133 GLU 133 132 ?   ?   ?   A . n 
A 1 134 TYR 134 133 ?   ?   ?   A . n 
A 1 135 PRO 135 134 134 PRO PRO A . n 
A 1 136 GLU 136 135 135 GLU GLU A . n 
A 1 137 GLU 137 136 136 GLU GLU A . n 
A 1 138 GLN 138 137 137 GLN GLN A . n 
A 1 139 VAL 139 138 138 VAL VAL A . n 
A 1 140 LYS 140 139 139 LYS LYS A . n 
A 1 141 SER 141 140 140 SER SER A . n 
A 1 142 ILE 142 141 141 ILE ILE A . n 
A 1 143 LYS 143 142 142 LYS LYS A . n 
A 1 144 GLN 144 143 143 GLN GLN A . n 
A 1 145 LEU 145 144 144 LEU LEU A . n 
A 1 146 GLY 146 145 145 GLY GLY A . n 
A 1 147 ASP 147 146 146 ASP ASP A . n 
A 1 148 TYR 148 147 147 TYR TYR A . n 
A 1 149 ILE 149 148 148 ILE ILE A . n 
A 1 150 THR 150 149 149 THR THR A . n 
A 1 151 ASN 151 150 150 ASN ASN A . n 
A 1 152 LEU 152 151 151 LEU LEU A . n 
A 1 153 LYS 153 152 152 LYS LYS A . n 
A 1 154 ARG 154 153 153 ARG ARG A . n 
A 1 155 LEU 155 154 154 LEU LEU A . n 
A 1 156 GLY 156 155 155 GLY GLY A . n 
A 1 157 LEU 157 156 156 LEU LEU A . n 
A 1 158 PRO 158 157 157 PRO PRO A . n 
A 1 159 GLN 159 158 158 GLN GLN A . n 
A 1 160 ASN 160 159 159 ASN ASN A . n 
A 1 161 GLY 161 160 160 GLY GLY A . n 
A 1 162 MET 162 161 161 MET MET A . n 
A 1 163 GLY 163 162 162 GLY GLY A . n 
A 1 164 GLU 164 163 163 GLU GLU A . n 
A 1 165 TYR 165 164 164 TYR TYR A . n 
A 1 166 LEU 166 165 165 LEU LEU A . n 
A 1 167 PHE 167 166 166 PHE PHE A . n 
A 1 168 ASP 168 167 167 ASP ASP A . n 
A 1 169 LYS 169 168 168 LYS LYS A . n 
A 1 170 HIS 170 169 169 HIS HIS A . n 
A 1 171 THR 171 170 170 THR THR A . n 
A 1 172 MET 172 171 171 MET MET A . n 
A 1 173 GLY 173 172 172 GLY GLY A . n 
A 1 174 GLU 174 173 173 GLU GLU A . n 
A 1 175 SER 175 174 ?   ?   ?   A . n 
A 1 176 SER 176 175 ?   ?   ?   A . n 
# 
loop_
_pdbx_nonpoly_scheme.asym_id 
_pdbx_nonpoly_scheme.entity_id 
_pdbx_nonpoly_scheme.mon_id 
_pdbx_nonpoly_scheme.ndb_seq_num 
_pdbx_nonpoly_scheme.pdb_seq_num 
_pdbx_nonpoly_scheme.auth_seq_num 
_pdbx_nonpoly_scheme.pdb_mon_id 
_pdbx_nonpoly_scheme.auth_mon_id 
_pdbx_nonpoly_scheme.pdb_strand_id 
_pdbx_nonpoly_scheme.pdb_ins_code 
B 2 CA  1  176 174 CA  CA  A . 
C 3 HOH 1  177 175 HOH HOH A . 
C 3 HOH 2  178 176 HOH HOH A . 
C 3 HOH 3  179 177 HOH HOH A . 
C 3 HOH 4  180 178 HOH HOH A . 
C 3 HOH 5  181 179 HOH HOH A . 
C 3 HOH 6  182 180 HOH HOH A . 
C 3 HOH 7  183 181 HOH HOH A . 
C 3 HOH 8  184 182 HOH HOH A . 
C 3 HOH 9  185 183 HOH HOH A . 
C 3 HOH 10 186 184 HOH HOH A . 
C 3 HOH 11 187 185 HOH HOH A . 
C 3 HOH 12 188 186 HOH HOH A . 
C 3 HOH 13 189 187 HOH HOH A . 
C 3 HOH 14 190 188 HOH HOH A . 
C 3 HOH 15 191 189 HOH HOH A . 
C 3 HOH 16 192 190 HOH HOH A . 
C 3 HOH 17 193 191 HOH HOH A . 
C 3 HOH 18 194 192 HOH HOH A . 
C 3 HOH 19 195 193 HOH HOH A . 
C 3 HOH 20 196 194 HOH HOH A . 
C 3 HOH 21 197 195 HOH HOH A . 
C 3 HOH 22 198 196 HOH HOH A . 
C 3 HOH 23 199 197 HOH HOH A . 
C 3 HOH 24 200 198 HOH HOH A . 
C 3 HOH 25 201 199 HOH HOH A . 
C 3 HOH 26 202 200 HOH HOH A . 
C 3 HOH 27 203 201 HOH HOH A . 
C 3 HOH 28 204 202 HOH HOH A . 
C 3 HOH 29 205 203 HOH HOH A . 
C 3 HOH 30 206 204 HOH HOH A . 
C 3 HOH 31 207 205 HOH HOH A . 
C 3 HOH 32 208 206 HOH HOH A . 
# 
loop_
_pdbx_unobs_or_zero_occ_atoms.id 
_pdbx_unobs_or_zero_occ_atoms.PDB_model_num 
_pdbx_unobs_or_zero_occ_atoms.polymer_flag 
_pdbx_unobs_or_zero_occ_atoms.occupancy_flag 
_pdbx_unobs_or_zero_occ_atoms.auth_asym_id 
_pdbx_unobs_or_zero_occ_atoms.auth_comp_id 
_pdbx_unobs_or_zero_occ_atoms.auth_seq_id 
_pdbx_unobs_or_zero_occ_atoms.PDB_ins_code 
_pdbx_unobs_or_zero_occ_atoms.auth_atom_id 
_pdbx_unobs_or_zero_occ_atoms.label_alt_id 
_pdbx_unobs_or_zero_occ_atoms.label_asym_id 
_pdbx_unobs_or_zero_occ_atoms.label_comp_id 
_pdbx_unobs_or_zero_occ_atoms.label_seq_id 
_pdbx_unobs_or_zero_occ_atoms.label_atom_id 
1  1 Y 1 A ARG 10  ? CG  ? A ARG 11  CG  
2  1 Y 1 A ARG 10  ? CD  ? A ARG 11  CD  
3  1 Y 1 A ARG 10  ? NE  ? A ARG 11  NE  
4  1 Y 1 A ARG 10  ? CZ  ? A ARG 11  CZ  
5  1 Y 1 A ARG 10  ? NH1 ? A ARG 11  NH1 
6  1 Y 1 A ARG 10  ? NH2 ? A ARG 11  NH2 
7  1 Y 1 A GLU 53  ? CD  ? A GLU 54  CD  
8  1 Y 1 A GLU 53  ? OE1 ? A GLU 54  OE1 
9  1 Y 1 A GLU 53  ? OE2 ? A GLU 54  OE2 
10 1 Y 1 A LYS 64  ? CG  ? A LYS 65  CG  
11 1 Y 1 A LYS 64  ? CD  ? A LYS 65  CD  
12 1 Y 1 A LYS 64  ? CE  ? A LYS 65  CE  
13 1 Y 1 A LYS 64  ? NZ  ? A LYS 65  NZ  
14 1 Y 1 A GLU 135 ? CG  ? A GLU 136 CG  
15 1 Y 1 A GLU 135 ? CD  ? A GLU 136 CD  
16 1 Y 1 A GLU 135 ? OE1 ? A GLU 136 OE1 
17 1 Y 1 A GLU 135 ? OE2 ? A GLU 136 OE2 
18 1 Y 1 A GLU 173 ? CG  ? A GLU 174 CG  
19 1 Y 1 A GLU 173 ? CD  ? A GLU 174 CD  
20 1 Y 1 A GLU 173 ? OE1 ? A GLU 174 OE1 
21 1 Y 1 A GLU 173 ? OE2 ? A GLU 174 OE2 
# 
loop_
_software.name 
_software.classification 
_software.version 
_software.citation_id 
_software.pdbx_ordinal 
X-PLOR    'model building' 3.8 ? 1 
X-PLOR    refinement       3.8 ? 2 
DENZO     'data reduction' .   ? 3 
SCALEPACK 'data scaling'   .   ? 4 
X-PLOR    phasing          3.8 ? 5 
# 
_cell.entry_id           1BG7 
_cell.length_a           182.800 
_cell.length_b           182.800 
_cell.length_c           182.800 
_cell.angle_alpha        90.00 
_cell.angle_beta         90.00 
_cell.angle_gamma        90.00 
_cell.Z_PDB              96 
_cell.pdbx_unique_axis   ? 
# 
_symmetry.entry_id                         1BG7 
_symmetry.space_group_name_H-M             'F 4 3 2' 
_symmetry.pdbx_full_space_group_name_H-M   ? 
_symmetry.cell_setting                     ? 
_symmetry.Int_Tables_number                209 
# 
_exptl.entry_id          1BG7 
_exptl.method            'X-RAY DIFFRACTION' 
_exptl.crystals_number   1 
# 
_exptl_crystal.id                    1 
_exptl_crystal.density_meas          ? 
_exptl_crystal.density_Matthews      3.6 
_exptl_crystal.density_percent_sol   63 
_exptl_crystal.description           ? 
# 
_exptl_crystal_grow.crystal_id      1 
_exptl_crystal_grow.method          ? 
_exptl_crystal_grow.temp            ? 
_exptl_crystal_grow.temp_details    ? 
_exptl_crystal_grow.pH              4.6 
_exptl_crystal_grow.pdbx_pH_range   ? 
_exptl_crystal_grow.pdbx_details    'pH 4.6' 
# 
_diffrn.id                     1 
_diffrn.ambient_temp           120 
_diffrn.ambient_temp_details   ? 
_diffrn.crystal_id             1 
# 
_diffrn_detector.diffrn_id              1 
_diffrn_detector.detector               'CCD AREA DETECTOR' 
_diffrn_detector.type                   SIEMENS 
_diffrn_detector.pdbx_collection_date   1998-02 
_diffrn_detector.details                COLLIMATOR 
# 
_diffrn_radiation.diffrn_id                        1 
_diffrn_radiation.wavelength_id                    1 
_diffrn_radiation.pdbx_monochromatic_or_laue_m_l   M 
_diffrn_radiation.monochromator                    'SI(111)' 
_diffrn_radiation.pdbx_diffrn_protocol             ? 
_diffrn_radiation.pdbx_scattering_type             x-ray 
# 
_diffrn_radiation_wavelength.id           1 
_diffrn_radiation_wavelength.wavelength   1.10 
_diffrn_radiation_wavelength.wt           1.0 
# 
_diffrn_source.diffrn_id                   1 
_diffrn_source.source                      SYNCHROTRON 
_diffrn_source.type                        'NSLS BEAMLINE X12C' 
_diffrn_source.pdbx_synchrotron_site       NSLS 
_diffrn_source.pdbx_synchrotron_beamline   X12C 
_diffrn_source.pdbx_wavelength             1.10 
_diffrn_source.pdbx_wavelength_list        ? 
# 
_reflns.entry_id                     1BG7 
_reflns.observed_criterion_sigma_I   2 
_reflns.observed_criterion_sigma_F   ? 
_reflns.d_resolution_low             ? 
_reflns.d_resolution_high            1.8 
_reflns.number_obs                   1179393 
_reflns.number_all                   ? 
_reflns.percent_possible_obs         99.2 
_reflns.pdbx_Rmerge_I_obs            0.0780000 
_reflns.pdbx_Rsym_value              0.0780000 
_reflns.pdbx_netI_over_sigmaI        37 
_reflns.B_iso_Wilson_estimate        30.5 
_reflns.pdbx_redundancy              60.0 
_reflns.pdbx_ordinal                 1 
_reflns.pdbx_diffrn_id               1 
# 
_reflns_shell.d_res_high             1.81 
_reflns_shell.d_res_low              1.89 
_reflns_shell.percent_possible_all   98.1 
_reflns_shell.Rmerge_I_obs           0.1070000 
_reflns_shell.pdbx_Rsym_value        0.1070000 
_reflns_shell.meanI_over_sigI_obs    0.8 
_reflns_shell.pdbx_redundancy        50 
_reflns_shell.pdbx_ordinal           1 
_reflns_shell.pdbx_diffrn_id         1 
# 
_refine.entry_id                                 1BG7 
_refine.ls_number_reflns_obs                     21668 
_refine.ls_number_reflns_all                     ? 
_refine.pdbx_ls_sigma_I                          ? 
_refine.pdbx_ls_sigma_F                          2.0 
_refine.pdbx_data_cutoff_high_absF               100000 
_refine.pdbx_data_cutoff_low_absF                0.001 
_refine.pdbx_data_cutoff_high_rms_absF           ? 
_refine.ls_d_res_low                             40.0 
_refine.ls_d_res_high                            1.85 
_refine.ls_percent_reflns_obs                    98.0 
_refine.ls_R_factor_obs                          0.2070000 
_refine.ls_R_factor_all                          ? 
_refine.ls_R_factor_R_work                       0.2070000 
_refine.ls_R_factor_R_free                       0.2330000 
_refine.ls_R_factor_R_free_error                 0.017 
_refine.ls_R_factor_R_free_error_details         ? 
_refine.ls_percent_reflns_R_free                 9.8 
_refine.ls_number_reflns_R_free                  2400 
_refine.ls_number_parameters                     ? 
_refine.ls_number_restraints                     ? 
_refine.occupancy_min                            ? 
_refine.occupancy_max                            ? 
_refine.B_iso_mean                               30.3 
_refine.aniso_B[1][1]                            0.00 
_refine.aniso_B[2][2]                            0.00 
_refine.aniso_B[3][3]                            0.00 
_refine.aniso_B[1][2]                            0.00 
_refine.aniso_B[1][3]                            0.00 
_refine.aniso_B[2][3]                            0.00 
_refine.solvent_model_details                    ? 
_refine.solvent_model_param_ksol                 ? 
_refine.solvent_model_param_bsol                 ? 
_refine.pdbx_ls_cross_valid_method               THROUGHOUT 
_refine.details                                  ? 
_refine.pdbx_starting_model                      1FHA 
_refine.pdbx_method_to_determine_struct          'MOLECULAR REPLACEMENT' 
_refine.pdbx_isotropic_thermal_model             RESTRAINTS 
_refine.pdbx_stereochemistry_target_values       ? 
_refine.pdbx_stereochem_target_val_spec_case     ? 
_refine.pdbx_R_Free_selection_details            RANDOM 
_refine.pdbx_overall_ESU_R                       ? 
_refine.pdbx_overall_ESU_R_Free                  ? 
_refine.overall_SU_ML                            ? 
_refine.overall_SU_B                             ? 
_refine.pdbx_refine_id                           'X-RAY DIFFRACTION' 
_refine.pdbx_diffrn_id                           1 
_refine.pdbx_TLS_residual_ADP_flag               ? 
_refine.correlation_coeff_Fo_to_Fc               ? 
_refine.correlation_coeff_Fo_to_Fc_free          ? 
_refine.pdbx_solvent_vdw_probe_radii             ? 
_refine.pdbx_solvent_ion_probe_radii             ? 
_refine.pdbx_solvent_shrinkage_radii             ? 
_refine.pdbx_overall_phase_error                 ? 
_refine.overall_SU_R_Cruickshank_DPI             ? 
_refine.pdbx_overall_SU_R_free_Cruickshank_DPI   ? 
_refine.pdbx_overall_SU_R_Blow_DPI               ? 
_refine.pdbx_overall_SU_R_free_Blow_DPI          ? 
# 
_refine_analyze.entry_id                        1BG7 
_refine_analyze.Luzzati_coordinate_error_obs    0.02 
_refine_analyze.Luzzati_sigma_a_obs             ? 
_refine_analyze.Luzzati_d_res_low_obs           40.0 
_refine_analyze.Luzzati_coordinate_error_free   ? 
_refine_analyze.Luzzati_sigma_a_free            ? 
_refine_analyze.Luzzati_d_res_low_free          ? 
_refine_analyze.number_disordered_residues      ? 
_refine_analyze.occupancy_sum_hydrogen          ? 
_refine_analyze.occupancy_sum_non_hydrogen      ? 
_refine_analyze.pdbx_refine_id                  'X-RAY DIFFRACTION' 
# 
_refine_hist.pdbx_refine_id                   'X-RAY DIFFRACTION' 
_refine_hist.cycle_id                         LAST 
_refine_hist.pdbx_number_atoms_protein        1234 
_refine_hist.pdbx_number_atoms_nucleic_acid   0 
_refine_hist.pdbx_number_atoms_ligand         1 
_refine_hist.number_atoms_solvent             32 
_refine_hist.number_atoms_total               1267 
_refine_hist.d_res_high                       1.85 
_refine_hist.d_res_low                        40.0 
# 
loop_
_refine_ls_restr.type 
_refine_ls_restr.dev_ideal 
_refine_ls_restr.dev_ideal_target 
_refine_ls_restr.weight 
_refine_ls_restr.number 
_refine_ls_restr.pdbx_refine_id 
_refine_ls_restr.pdbx_restraint_function 
x_bond_d                0.012 ?   ? ? 'X-RAY DIFFRACTION' ? 
x_bond_d_na             ?     ?   ? ? 'X-RAY DIFFRACTION' ? 
x_bond_d_prot           ?     ?   ? ? 'X-RAY DIFFRACTION' ? 
x_angle_d               ?     ?   ? ? 'X-RAY DIFFRACTION' ? 
x_angle_d_na            ?     ?   ? ? 'X-RAY DIFFRACTION' ? 
x_angle_d_prot          ?     ?   ? ? 'X-RAY DIFFRACTION' ? 
x_angle_deg             2.5   ?   ? ? 'X-RAY DIFFRACTION' ? 
x_angle_deg_na          ?     ?   ? ? 'X-RAY DIFFRACTION' ? 
x_angle_deg_prot        ?     ?   ? ? 'X-RAY DIFFRACTION' ? 
x_dihedral_angle_d      20.1  ?   ? ? 'X-RAY DIFFRACTION' ? 
x_dihedral_angle_d_na   ?     ?   ? ? 'X-RAY DIFFRACTION' ? 
x_dihedral_angle_d_prot ?     ?   ? ? 'X-RAY DIFFRACTION' ? 
x_improper_angle_d      0.93  ?   ? ? 'X-RAY DIFFRACTION' ? 
x_improper_angle_d_na   ?     ?   ? ? 'X-RAY DIFFRACTION' ? 
x_improper_angle_d_prot ?     ?   ? ? 'X-RAY DIFFRACTION' ? 
x_mcbond_it             2.5   2.9 ? ? 'X-RAY DIFFRACTION' ? 
x_mcangle_it            3.6   3.8 ? ? 'X-RAY DIFFRACTION' ? 
x_scbond_it             5.0   5.3 ? ? 'X-RAY DIFFRACTION' ? 
x_scangle_it            7.6   7.9 ? ? 'X-RAY DIFFRACTION' ? 
# 
_refine_ls_shell.pdbx_total_number_of_bins_used   8 
_refine_ls_shell.d_res_high                       1.85 
_refine_ls_shell.d_res_low                        1.93 
_refine_ls_shell.number_reflns_R_work             2226 
_refine_ls_shell.R_factor_R_work                  0.3550000 
_refine_ls_shell.percent_reflns_obs               98.0 
_refine_ls_shell.R_factor_R_free                  0.3500000 
_refine_ls_shell.R_factor_R_free_error            0.042 
_refine_ls_shell.percent_reflns_R_free            9.8 
_refine_ls_shell.number_reflns_R_free             255 
_refine_ls_shell.pdbx_refine_id                   'X-RAY DIFFRACTION' 
_refine_ls_shell.number_reflns_all                ? 
_refine_ls_shell.R_factor_all                     ? 
# 
loop_
_pdbx_xplor_file.serial_no 
_pdbx_xplor_file.param_file 
_pdbx_xplor_file.topol_file 
_pdbx_xplor_file.pdbx_refine_id 
1 PARAM19X.PRO TOPH19X.PRO 'X-RAY DIFFRACTION' 
2 ?            ?           'X-RAY DIFFRACTION' 
# 
_struct.entry_id                  1BG7 
_struct.title                     'LOCALIZED UNFOLDING AT THE JUNCTION OF THREE FERRITIN SUBUNITS. A MECHANISM FOR IRON RELEASE?' 
_struct.pdbx_model_details        ? 
_struct.pdbx_CASP_flag            ? 
_struct.pdbx_model_type_details   ? 
# 
_struct_keywords.entry_id        1BG7 
_struct_keywords.pdbx_keywords   'IRON STORAGE' 
_struct_keywords.text            'FERRITIN, IRON STORAGE' 
# 
loop_
_struct_asym.id 
_struct_asym.pdbx_blank_PDB_chainid_flag 
_struct_asym.pdbx_modified 
_struct_asym.entity_id 
_struct_asym.details 
A N N 1 ? 
B N N 2 ? 
C N N 3 ? 
# 
_struct_ref.id                         1 
_struct_ref.db_name                    UNP 
_struct_ref.db_code                    FRI1_RANCA 
_struct_ref.entity_id                  1 
_struct_ref.pdbx_db_accession          P07229 
_struct_ref.pdbx_align_begin           1 
_struct_ref.pdbx_seq_one_letter_code   
;MDSQVRQNFHRDCEAAINRMVNMELYASYTYLSMAFYFDRDDIALHNVAKFFKEQSHEEREHAEKLMKDQNKRGGRIVLQ
DVKKPERDEWGNTLEAMQAALQLEKTVNQALLDLHKVGSDKVDPHLCDFLETEYLEEQVKSIKQLGDYITNLKRLGLPQN
GMGEYLFDKHTMGESS
;
_struct_ref.pdbx_db_isoform            ? 
# 
_struct_ref_seq.align_id                      1 
_struct_ref_seq.ref_id                        1 
_struct_ref_seq.pdbx_PDB_id_code              1BG7 
_struct_ref_seq.pdbx_strand_id                A 
_struct_ref_seq.seq_align_beg                 1 
_struct_ref_seq.pdbx_seq_align_beg_ins_code   ? 
_struct_ref_seq.seq_align_end                 176 
_struct_ref_seq.pdbx_seq_align_end_ins_code   ? 
_struct_ref_seq.pdbx_db_accession             P07229 
_struct_ref_seq.db_align_beg                  1 
_struct_ref_seq.pdbx_db_align_beg_ins_code    ? 
_struct_ref_seq.db_align_end                  176 
_struct_ref_seq.pdbx_db_align_end_ins_code    ? 
_struct_ref_seq.pdbx_auth_seq_align_beg       0 
_struct_ref_seq.pdbx_auth_seq_align_end       175 
# 
loop_
_struct_ref_seq_dif.align_id 
_struct_ref_seq_dif.pdbx_pdb_id_code 
_struct_ref_seq_dif.mon_id 
_struct_ref_seq_dif.pdbx_pdb_strand_id 
_struct_ref_seq_dif.seq_num 
_struct_ref_seq_dif.pdbx_pdb_ins_code 
_struct_ref_seq_dif.pdbx_seq_db_name 
_struct_ref_seq_dif.pdbx_seq_db_accession_code 
_struct_ref_seq_dif.db_mon_id 
_struct_ref_seq_dif.pdbx_seq_db_seq_num 
_struct_ref_seq_dif.details 
_struct_ref_seq_dif.pdbx_auth_seq_num 
_struct_ref_seq_dif.pdbx_ordinal 
1 1BG7 GLN A 83  ? UNP P07229 LYS 83  'engineered mutation' 82  1 
1 1BG7 PRO A 135 ? UNP P07229 LEU 135 'engineered mutation' 134 2 
# 
_pdbx_struct_assembly.id                   1 
_pdbx_struct_assembly.details              author_and_software_defined_assembly 
_pdbx_struct_assembly.method_details       PISA,PQS 
_pdbx_struct_assembly.oligomeric_details   24-meric 
_pdbx_struct_assembly.oligomeric_count     24 
# 
loop_
_pdbx_struct_assembly_prop.biol_id 
_pdbx_struct_assembly_prop.type 
_pdbx_struct_assembly_prop.value 
_pdbx_struct_assembly_prop.details 
1 'ABSA (A^2)' 81850  ? 
1 MORE         -331   ? 
1 'SSA (A^2)'  138520 ? 
# 
_pdbx_struct_assembly_gen.assembly_id       1 
_pdbx_struct_assembly_gen.oper_expression   1,2,3,4,5,6,7,8,9,10,11,12,13,14,15,16,17,18,19,20,21,22,23,24 
_pdbx_struct_assembly_gen.asym_id_list      A,B,C 
# 
loop_
_pdbx_struct_oper_list.id 
_pdbx_struct_oper_list.type 
_pdbx_struct_oper_list.name 
_pdbx_struct_oper_list.symmetry_operation 
_pdbx_struct_oper_list.matrix[1][1] 
_pdbx_struct_oper_list.matrix[1][2] 
_pdbx_struct_oper_list.matrix[1][3] 
_pdbx_struct_oper_list.vector[1] 
_pdbx_struct_oper_list.matrix[2][1] 
_pdbx_struct_oper_list.matrix[2][2] 
_pdbx_struct_oper_list.matrix[2][3] 
_pdbx_struct_oper_list.vector[2] 
_pdbx_struct_oper_list.matrix[3][1] 
_pdbx_struct_oper_list.matrix[3][2] 
_pdbx_struct_oper_list.matrix[3][3] 
_pdbx_struct_oper_list.vector[3] 
1  'identity operation'         1_555  x,y,z    1.0000000000  0.0000000000  0.0000000000  0.0000000000   0.0000000000  1.0000000000  0.0000000000  0.0000000000   0.0000000000  0.0000000000  1.0000000000  0.0000000000   
2  'crystal symmetry operation' 2_555  -x,-y,z  -0.9985420234 -0.0271367745 -0.0466628650 -74.6354797715 -0.0271367745 -0.4949133416 0.8685184971  -32.5684091295 -0.0466628650 0.8685184971  0.4934553650  16.6081698917  
3  'crystal symmetry operation' 3_555  -x,y,-z  -0.8641288960 -0.4331953697 0.2561699099  -80.2383044637 -0.4331953697 0.3811489184  -0.8167418648 8.3039100829   0.2561699099  -0.8167418648 -0.5170200223 56.6002557028  
4  'crystal symmetry operation' 4_555  x,-y,-z  0.8626709194  0.4603321441  -0.2095070449 2.6193676931   0.4603321441  -0.8862355767 -0.0517766322 14.6576527710  -0.2095070449 -0.0517766322 -0.9764353427 55.4941184089  
5  'crystal symmetry operation' 5_555  z,x,y    0.2846305342  -0.4452502108 -0.8489627252 -0.9829871134  -0.9265144023 0.0995618548  -0.3628477635 -25.7542125829 0.2460823467  0.8898537447  -0.3841923890 56.0412235268  
6  'crystal symmetry operation' 6_555  z,-x,-y  -0.2325178620 -0.5247035151 -0.8189149316 -21.8251497359 0.9393932946  -0.3392718721 -0.0493440466 34.1278258256  -0.2519438072 -0.7807565678 0.5717897340  2.3128962277   
7  'crystal symmetry operation' 7_555  -z,-x,y  -0.2705558445 0.4003761336  0.8754989929  -75.5700836225 0.6645474542  0.7356626012  -0.1310618871 28.8772086118  -0.6965459181 0.5463510674  -0.4651067567 21.9398712941  
8  'crystal symmetry operation' 8_555  -z,x,-y  0.2184431723  0.5695775923  0.7923786638  -53.8761960703 -0.6774263465 -0.4959525839 0.5432536972  -46.8576681302 0.7024073786  -0.6554482443 0.2775094117  48.4085529549  
9  'crystal symmetry operation' 9_555  y,z,x    0.2846305342  -0.9265144023 0.2460823467  -37.3726165281 -0.4452502108 0.0995618548  0.8898537447  -47.7420306571 -0.8489627252 -0.3628477635 -0.3841923890 11.3512336946  
10 'crystal symmetry operation' 10_555 -y,z,-x  -0.2705558445 0.6645474542  -0.6965459181 -24.3540754697 0.4003761336  0.7356626012  0.5463510674  -2.9742966061  0.8754989929  -0.1310618871 -0.4651067567 80.1506159430  
11 'crystal symmetry operation' 11_555 y,-z,-x  0.2184431723  -0.6774263465 0.7024073786  -53.9762565331 0.5695775923  -0.4959525839 -0.6554482443 39.1767934936  0.7923786638  0.5432536972  0.2775094117  54.7121206591  
12 'crystal symmetry operation' 12_555 -y,-z,x  -0.2325178620 0.9393932946  -0.2519438072 -36.5514680112 -0.5247035151 -0.3392718721 -0.7807565678 1.9326874941   -0.8189149316 -0.0493440466 0.5717897340  -17.5114262932 
13 'crystal symmetry operation' 13_555 y,x,-z   0.5023447182  -0.7262382964 0.4692842645  -35.7862882367 -0.7262382964 -0.6489340583 -0.2268535315 -24.3043543735 0.4692842645  -0.2268535315 -0.8534106599 76.9524804718  
14 'crystal symmetry operation' 14_555 -y,-x,-z -0.5038026948 0.7533750709  -0.4226213995 -41.8326485339 0.7533750709  0.1438474000  -0.6416649656 47.2659172274  -0.4226213995 -0.6416649656 -0.6400447052 35.1418936400  
15 'crystal symmetry operation' 15_555 y,-x,z   0.0007289883  -0.8777024524 0.4792054608  -55.5625848245 0.8505656779  0.2525433292  0.4612590319  15.7391172100  -0.5258683259 0.4072594652  0.7467276825  -10.8891261181 
16 'crystal symmetry operation' 16_555 -y,x,z   0.0007289883  0.8505656779  -0.5258683259 -19.0728949470 -0.8777024524 0.2525433292  0.4072594652  -48.3075263395 0.4792054608  0.4612590319  0.7467276825  27.4972960098  
17 'crystal symmetry operation' 17_555 x,z,-y   0.9313354597  0.1216196366  -0.3432534420 8.7228732156   0.3387125075  0.0568822116  0.9391689152  -19.5908352606 0.1337463971  -0.9909455474 0.0117823286  34.5074366128  
18 'crystal symmetry operation' 18_555 -x,z,y   -0.9172607700 -0.3835865847 -0.1072101294 -70.4495652134 -0.3835865847 0.7783422443  0.4970358968  -31.1254920026 -0.1072101294 0.4970358968  -0.8610814743 56.9944130248  
19 'crystal symmetry operation' 19_555 -x,-z,-y -0.9454101494 -0.0767455594 0.3167171743  -84.4242190218 -0.0767455594 -0.8921066676 -0.4452592646 6.8609929561   0.3167171743  -0.4452592646 0.8375168170  16.2140125698  
20 'crystal symmetry operation' 20_555 x,-z,y   0.9313354597  0.3387125075  0.1337463971  -6.1035055225  0.1216196366  0.0568822116  -0.9909455474 34.2484880316  -0.3432534420 0.9391689152  0.0117823286  20.9866817962  
21 'crystal symmetry operation' 21_555 z,y,-x   0.0679355520  -0.7080139939 -0.7029231432 -14.5611783869 0.2748186243  0.6905744592  -0.6690154259 31.2434332443  0.9590930531  -0.1477264389 0.2414899888  60.5572840280  
22 'crystal symmetry operation' 22_555 z,-y,x   -0.0158228797 -0.2619397320 -0.9649545136 -8.2469584625  -0.2619397320 -0.9302844765 0.2568236158  -22.8698200016 -0.9649545136 0.2568236158  -0.0538926438 -2.2031642735  
23 'crystal symmetry operation' 23_555 -z,y,x   0.0679355520  0.2748186243  0.9590930531  -65.6771260768 -0.7080139939 0.6905744592  -0.1477264389 -22.9395231614 -0.7029231432 -0.6690154259 0.2414899888  -3.9570283251  
24 'crystal symmetry operation' 24_555 -z,-y,-x -0.1200482243 0.6951351016  0.7087846036  -63.7691536160 0.6951351016  -0.4508644419 0.5599182490  4.9590636431   0.7087846036  0.5599182490  -0.4290873338 74.3054525741 
# 
_struct_biol.id   1 
# 
loop_
_struct_conf.conf_type_id 
_struct_conf.id 
_struct_conf.pdbx_PDB_helix_id 
_struct_conf.beg_label_comp_id 
_struct_conf.beg_label_asym_id 
_struct_conf.beg_label_seq_id 
_struct_conf.pdbx_beg_PDB_ins_code 
_struct_conf.end_label_comp_id 
_struct_conf.end_label_asym_id 
_struct_conf.end_label_seq_id 
_struct_conf.pdbx_end_PDB_ins_code 
_struct_conf.beg_auth_comp_id 
_struct_conf.beg_auth_asym_id 
_struct_conf.beg_auth_seq_id 
_struct_conf.end_auth_comp_id 
_struct_conf.end_auth_asym_id 
_struct_conf.end_auth_seq_id 
_struct_conf.pdbx_PDB_helix_class 
_struct_conf.details 
_struct_conf.pdbx_PDB_helix_length 
HELX_P HELX_P1 1 ARG A 11  ? PHE A 38  ? ARG A 10  PHE A 37  1 ? 28 
HELX_P HELX_P2 2 HIS A 46  ? ARG A 73  ? HIS A 45  ARG A 72  1 ? 28 
HELX_P HELX_P3 3 THR A 93  ? LEU A 112 ? THR A 92  LEU A 111 1 ? 20 
HELX_P HELX_P4 4 GLN A 138 ? ARG A 154 ? GLN A 137 ARG A 153 1 ? 17 
HELX_P HELX_P5 5 GLY A 161 ? HIS A 170 ? GLY A 160 HIS A 169 1 ? 10 
# 
_struct_conf_type.id          HELX_P 
_struct_conf_type.criteria    ? 
_struct_conf_type.reference   ? 
# 
loop_
_struct_conn.id 
_struct_conn.conn_type_id 
_struct_conn.pdbx_leaving_atom_flag 
_struct_conn.pdbx_PDB_id 
_struct_conn.ptnr1_label_asym_id 
_struct_conn.ptnr1_label_comp_id 
_struct_conn.ptnr1_label_seq_id 
_struct_conn.ptnr1_label_atom_id 
_struct_conn.pdbx_ptnr1_label_alt_id 
_struct_conn.pdbx_ptnr1_PDB_ins_code 
_struct_conn.pdbx_ptnr1_standard_comp_id 
_struct_conn.ptnr1_symmetry 
_struct_conn.ptnr2_label_asym_id 
_struct_conn.ptnr2_label_comp_id 
_struct_conn.ptnr2_label_seq_id 
_struct_conn.ptnr2_label_atom_id 
_struct_conn.pdbx_ptnr2_label_alt_id 
_struct_conn.pdbx_ptnr2_PDB_ins_code 
_struct_conn.ptnr1_auth_asym_id 
_struct_conn.ptnr1_auth_comp_id 
_struct_conn.ptnr1_auth_seq_id 
_struct_conn.ptnr2_auth_asym_id 
_struct_conn.ptnr2_auth_comp_id 
_struct_conn.ptnr2_auth_seq_id 
_struct_conn.ptnr2_symmetry 
_struct_conn.pdbx_ptnr3_label_atom_id 
_struct_conn.pdbx_ptnr3_label_seq_id 
_struct_conn.pdbx_ptnr3_label_comp_id 
_struct_conn.pdbx_ptnr3_label_asym_id 
_struct_conn.pdbx_ptnr3_label_alt_id 
_struct_conn.pdbx_ptnr3_PDB_ins_code 
_struct_conn.details 
_struct_conn.pdbx_dist_value 
_struct_conn.pdbx_value_order 
_struct_conn.pdbx_role 
metalc1 metalc ? ? A ASP 81 OD1 ? ? ? 22_555 B CA . CA ? ? A ASP 80 A CA 176 1_555 ? ? ? ? ? ? ? 2.791 ? ? 
metalc2 metalc ? ? A ASP 81 OD1 ? ? ? 51_555 B CA . CA ? ? A ASP 80 A CA 176 1_555 ? ? ? ? ? ? ? 2.791 ? ? 
metalc3 metalc ? ? A ASP 81 OD2 ? ? ? 22_555 B CA . CA ? ? A ASP 80 A CA 176 1_555 ? ? ? ? ? ? ? 2.289 ? ? 
metalc4 metalc ? ? A ASP 81 OD2 ? ? ? 51_555 B CA . CA ? ? A ASP 80 A CA 176 1_555 ? ? ? ? ? ? ? 2.289 ? ? 
metalc5 metalc ? ? A GLN 83 NE2 ? ? ? 1_555  B CA . CA ? ? A GLN 82 A CA 176 1_555 ? ? ? ? ? ? ? 2.351 ? ? 
metalc6 metalc ? ? A GLN 83 NE2 ? ? ? 72_555 B CA . CA ? ? A GLN 82 A CA 176 1_555 ? ? ? ? ? ? ? 2.351 ? ? 
# 
_struct_conn_type.id          metalc 
_struct_conn_type.criteria    ? 
_struct_conn_type.reference   ? 
# 
loop_
_pdbx_struct_conn_angle.id 
_pdbx_struct_conn_angle.ptnr1_label_atom_id 
_pdbx_struct_conn_angle.ptnr1_label_alt_id 
_pdbx_struct_conn_angle.ptnr1_label_asym_id 
_pdbx_struct_conn_angle.ptnr1_label_comp_id 
_pdbx_struct_conn_angle.ptnr1_label_seq_id 
_pdbx_struct_conn_angle.ptnr1_auth_atom_id 
_pdbx_struct_conn_angle.ptnr1_auth_asym_id 
_pdbx_struct_conn_angle.ptnr1_auth_comp_id 
_pdbx_struct_conn_angle.ptnr1_auth_seq_id 
_pdbx_struct_conn_angle.ptnr1_PDB_ins_code 
_pdbx_struct_conn_angle.ptnr1_symmetry 
_pdbx_struct_conn_angle.ptnr2_label_atom_id 
_pdbx_struct_conn_angle.ptnr2_label_alt_id 
_pdbx_struct_conn_angle.ptnr2_label_asym_id 
_pdbx_struct_conn_angle.ptnr2_label_comp_id 
_pdbx_struct_conn_angle.ptnr2_label_seq_id 
_pdbx_struct_conn_angle.ptnr2_auth_atom_id 
_pdbx_struct_conn_angle.ptnr2_auth_asym_id 
_pdbx_struct_conn_angle.ptnr2_auth_comp_id 
_pdbx_struct_conn_angle.ptnr2_auth_seq_id 
_pdbx_struct_conn_angle.ptnr2_PDB_ins_code 
_pdbx_struct_conn_angle.ptnr2_symmetry 
_pdbx_struct_conn_angle.ptnr3_label_atom_id 
_pdbx_struct_conn_angle.ptnr3_label_alt_id 
_pdbx_struct_conn_angle.ptnr3_label_asym_id 
_pdbx_struct_conn_angle.ptnr3_label_comp_id 
_pdbx_struct_conn_angle.ptnr3_label_seq_id 
_pdbx_struct_conn_angle.ptnr3_auth_atom_id 
_pdbx_struct_conn_angle.ptnr3_auth_asym_id 
_pdbx_struct_conn_angle.ptnr3_auth_comp_id 
_pdbx_struct_conn_angle.ptnr3_auth_seq_id 
_pdbx_struct_conn_angle.ptnr3_PDB_ins_code 
_pdbx_struct_conn_angle.ptnr3_symmetry 
_pdbx_struct_conn_angle.value 
_pdbx_struct_conn_angle.value_esd 
1  OD1 ? A ASP 81 ? A ASP 80 ? 22_555 CA ? B CA . ? A CA 176 ? 1_555 OD1 ? A ASP 81 ? A ASP 80 ? 51_555 172.6 ? 
2  OD1 ? A ASP 81 ? A ASP 80 ? 22_555 CA ? B CA . ? A CA 176 ? 1_555 OD2 ? A ASP 81 ? A ASP 80 ? 22_555 49.0  ? 
3  OD1 ? A ASP 81 ? A ASP 80 ? 51_555 CA ? B CA . ? A CA 176 ? 1_555 OD2 ? A ASP 81 ? A ASP 80 ? 22_555 123.7 ? 
4  OD1 ? A ASP 81 ? A ASP 80 ? 22_555 CA ? B CA . ? A CA 176 ? 1_555 OD2 ? A ASP 81 ? A ASP 80 ? 51_555 123.7 ? 
5  OD1 ? A ASP 81 ? A ASP 80 ? 51_555 CA ? B CA . ? A CA 176 ? 1_555 OD2 ? A ASP 81 ? A ASP 80 ? 51_555 49.0  ? 
6  OD2 ? A ASP 81 ? A ASP 80 ? 22_555 CA ? B CA . ? A CA 176 ? 1_555 OD2 ? A ASP 81 ? A ASP 80 ? 51_555 78.6  ? 
7  OD1 ? A ASP 81 ? A ASP 80 ? 22_555 CA ? B CA . ? A CA 176 ? 1_555 NE2 ? A GLN 83 ? A GLN 82 ? 1_555  74.8  ? 
8  OD1 ? A ASP 81 ? A ASP 80 ? 51_555 CA ? B CA . ? A CA 176 ? 1_555 NE2 ? A GLN 83 ? A GLN 82 ? 1_555  104.0 ? 
9  OD2 ? A ASP 81 ? A ASP 80 ? 22_555 CA ? B CA . ? A CA 176 ? 1_555 NE2 ? A GLN 83 ? A GLN 82 ? 1_555  84.1  ? 
10 OD2 ? A ASP 81 ? A ASP 80 ? 51_555 CA ? B CA . ? A CA 176 ? 1_555 NE2 ? A GLN 83 ? A GLN 82 ? 1_555  81.8  ? 
11 OD1 ? A ASP 81 ? A ASP 80 ? 22_555 CA ? B CA . ? A CA 176 ? 1_555 NE2 ? A GLN 83 ? A GLN 82 ? 72_555 104.0 ? 
12 OD1 ? A ASP 81 ? A ASP 80 ? 51_555 CA ? B CA . ? A CA 176 ? 1_555 NE2 ? A GLN 83 ? A GLN 82 ? 72_555 74.8  ? 
13 OD2 ? A ASP 81 ? A ASP 80 ? 22_555 CA ? B CA . ? A CA 176 ? 1_555 NE2 ? A GLN 83 ? A GLN 82 ? 72_555 81.8  ? 
14 OD2 ? A ASP 81 ? A ASP 80 ? 51_555 CA ? B CA . ? A CA 176 ? 1_555 NE2 ? A GLN 83 ? A GLN 82 ? 72_555 84.1  ? 
15 NE2 ? A GLN 83 ? A GLN 82 ? 1_555  CA ? B CA . ? A CA 176 ? 1_555 NE2 ? A GLN 83 ? A GLN 82 ? 72_555 161.7 ? 
# 
_struct_mon_prot_cis.pdbx_id                1 
_struct_mon_prot_cis.label_comp_id          LEU 
_struct_mon_prot_cis.label_seq_id           157 
_struct_mon_prot_cis.label_asym_id          A 
_struct_mon_prot_cis.label_alt_id           . 
_struct_mon_prot_cis.pdbx_PDB_ins_code      ? 
_struct_mon_prot_cis.auth_comp_id           LEU 
_struct_mon_prot_cis.auth_seq_id            156 
_struct_mon_prot_cis.auth_asym_id           A 
_struct_mon_prot_cis.pdbx_label_comp_id_2   PRO 
_struct_mon_prot_cis.pdbx_label_seq_id_2    158 
_struct_mon_prot_cis.pdbx_label_asym_id_2   A 
_struct_mon_prot_cis.pdbx_PDB_ins_code_2    ? 
_struct_mon_prot_cis.pdbx_auth_comp_id_2    PRO 
_struct_mon_prot_cis.pdbx_auth_seq_id_2     157 
_struct_mon_prot_cis.pdbx_auth_asym_id_2    A 
_struct_mon_prot_cis.pdbx_PDB_model_num     1 
_struct_mon_prot_cis.pdbx_omega_angle       10.48 
# 
_struct_site.id                   AC1 
_struct_site.pdbx_evidence_code   Software 
_struct_site.pdbx_auth_asym_id    A 
_struct_site.pdbx_auth_comp_id    CA 
_struct_site.pdbx_auth_seq_id     176 
_struct_site.pdbx_auth_ins_code   ? 
_struct_site.pdbx_num_residues    4 
_struct_site.details              'BINDING SITE FOR RESIDUE CA A 176' 
# 
loop_
_struct_site_gen.id 
_struct_site_gen.site_id 
_struct_site_gen.pdbx_num_res 
_struct_site_gen.label_comp_id 
_struct_site_gen.label_asym_id 
_struct_site_gen.label_seq_id 
_struct_site_gen.pdbx_auth_ins_code 
_struct_site_gen.auth_comp_id 
_struct_site_gen.auth_asym_id 
_struct_site_gen.auth_seq_id 
_struct_site_gen.label_atom_id 
_struct_site_gen.label_alt_id 
_struct_site_gen.symmetry 
_struct_site_gen.details 
1 AC1 4 ASP A 81 ? ASP A 80 . ? 22_555 ? 
2 AC1 4 ASP A 81 ? ASP A 80 . ? 51_555 ? 
3 AC1 4 GLN A 83 ? GLN A 82 . ? 72_555 ? 
4 AC1 4 GLN A 83 ? GLN A 82 . ? 1_555  ? 
# 
loop_
_pdbx_validate_rmsd_bond.id 
_pdbx_validate_rmsd_bond.PDB_model_num 
_pdbx_validate_rmsd_bond.auth_atom_id_1 
_pdbx_validate_rmsd_bond.auth_asym_id_1 
_pdbx_validate_rmsd_bond.auth_comp_id_1 
_pdbx_validate_rmsd_bond.auth_seq_id_1 
_pdbx_validate_rmsd_bond.PDB_ins_code_1 
_pdbx_validate_rmsd_bond.label_alt_id_1 
_pdbx_validate_rmsd_bond.auth_atom_id_2 
_pdbx_validate_rmsd_bond.auth_asym_id_2 
_pdbx_validate_rmsd_bond.auth_comp_id_2 
_pdbx_validate_rmsd_bond.auth_seq_id_2 
_pdbx_validate_rmsd_bond.PDB_ins_code_2 
_pdbx_validate_rmsd_bond.label_alt_id_2 
_pdbx_validate_rmsd_bond.bond_value 
_pdbx_validate_rmsd_bond.bond_target_value 
_pdbx_validate_rmsd_bond.bond_deviation 
_pdbx_validate_rmsd_bond.bond_standard_deviation 
_pdbx_validate_rmsd_bond.linker_flag 
1 1 NE2 A HIS 9  ? ? CD2 A HIS 9  ? ? 1.306 1.373 -0.067 0.011 N 
2 1 NE2 A HIS 61 ? ? CD2 A HIS 61 ? ? 1.305 1.373 -0.068 0.011 N 
# 
loop_
_pdbx_validate_rmsd_angle.id 
_pdbx_validate_rmsd_angle.PDB_model_num 
_pdbx_validate_rmsd_angle.auth_atom_id_1 
_pdbx_validate_rmsd_angle.auth_asym_id_1 
_pdbx_validate_rmsd_angle.auth_comp_id_1 
_pdbx_validate_rmsd_angle.auth_seq_id_1 
_pdbx_validate_rmsd_angle.PDB_ins_code_1 
_pdbx_validate_rmsd_angle.label_alt_id_1 
_pdbx_validate_rmsd_angle.auth_atom_id_2 
_pdbx_validate_rmsd_angle.auth_asym_id_2 
_pdbx_validate_rmsd_angle.auth_comp_id_2 
_pdbx_validate_rmsd_angle.auth_seq_id_2 
_pdbx_validate_rmsd_angle.PDB_ins_code_2 
_pdbx_validate_rmsd_angle.label_alt_id_2 
_pdbx_validate_rmsd_angle.auth_atom_id_3 
_pdbx_validate_rmsd_angle.auth_asym_id_3 
_pdbx_validate_rmsd_angle.auth_comp_id_3 
_pdbx_validate_rmsd_angle.auth_seq_id_3 
_pdbx_validate_rmsd_angle.PDB_ins_code_3 
_pdbx_validate_rmsd_angle.label_alt_id_3 
_pdbx_validate_rmsd_angle.angle_value 
_pdbx_validate_rmsd_angle.angle_target_value 
_pdbx_validate_rmsd_angle.angle_deviation 
_pdbx_validate_rmsd_angle.angle_standard_deviation 
_pdbx_validate_rmsd_angle.linker_flag 
1 1 NE  A ARG 86  ? ? CZ  A ARG 86  ? ? NH2 A ARG 86  ? ? 117.13 120.30 -3.17  0.50 N 
2 1 CD1 A TRP 89  ? ? CG  A TRP 89  ? ? CD2 A TRP 89  ? ? 112.38 106.30 6.08   0.80 N 
3 1 CE2 A TRP 89  ? ? CD2 A TRP 89  ? ? CG  A TRP 89  ? ? 100.98 107.30 -6.32  0.80 N 
4 1 NE  A ARG 153 ? ? CZ  A ARG 153 ? ? NH1 A ARG 153 ? ? 126.31 120.30 6.01   0.50 N 
5 1 NE  A ARG 153 ? ? CZ  A ARG 153 ? ? NH2 A ARG 153 ? ? 112.88 120.30 -7.42  0.50 N 
6 1 CG  A MET 171 ? ? SD  A MET 171 ? ? CE  A MET 171 ? ? 87.31  100.20 -12.89 1.60 N 
# 
loop_
_pdbx_struct_special_symmetry.id 
_pdbx_struct_special_symmetry.PDB_model_num 
_pdbx_struct_special_symmetry.auth_asym_id 
_pdbx_struct_special_symmetry.auth_comp_id 
_pdbx_struct_special_symmetry.auth_seq_id 
_pdbx_struct_special_symmetry.PDB_ins_code 
_pdbx_struct_special_symmetry.label_asym_id 
_pdbx_struct_special_symmetry.label_comp_id 
_pdbx_struct_special_symmetry.label_seq_id 
1 1 A CA  176 ? B CA  . 
2 1 A HOH 177 ? C HOH . 
# 
loop_
_pdbx_unobs_or_zero_occ_residues.id 
_pdbx_unobs_or_zero_occ_residues.PDB_model_num 
_pdbx_unobs_or_zero_occ_residues.polymer_flag 
_pdbx_unobs_or_zero_occ_residues.occupancy_flag 
_pdbx_unobs_or_zero_occ_residues.auth_asym_id 
_pdbx_unobs_or_zero_occ_residues.auth_comp_id 
_pdbx_unobs_or_zero_occ_residues.auth_seq_id 
_pdbx_unobs_or_zero_occ_residues.PDB_ins_code 
_pdbx_unobs_or_zero_occ_residues.label_asym_id 
_pdbx_unobs_or_zero_occ_residues.label_comp_id 
_pdbx_unobs_or_zero_occ_residues.label_seq_id 
1  1 Y 1 A MET 0   ? A MET 1   
2  1 Y 1 A HIS 114 ? A HIS 115 
3  1 Y 1 A LYS 115 ? A LYS 116 
4  1 Y 1 A VAL 116 ? A VAL 117 
5  1 Y 1 A GLY 117 ? A GLY 118 
6  1 Y 1 A SER 118 ? A SER 119 
7  1 Y 1 A ASP 119 ? A ASP 120 
8  1 Y 1 A LYS 120 ? A LYS 121 
9  1 Y 1 A VAL 121 ? A VAL 122 
10 1 Y 1 A ASP 122 ? A ASP 123 
11 1 Y 1 A PRO 123 ? A PRO 124 
12 1 Y 1 A HIS 124 ? A HIS 125 
13 1 Y 1 A LEU 125 ? A LEU 126 
14 1 Y 1 A CYS 126 ? A CYS 127 
15 1 Y 1 A ASP 127 ? A ASP 128 
16 1 Y 1 A PHE 128 ? A PHE 129 
17 1 Y 1 A LEU 129 ? A LEU 130 
18 1 Y 1 A GLU 130 ? A GLU 131 
19 1 Y 1 A THR 131 ? A THR 132 
20 1 Y 1 A GLU 132 ? A GLU 133 
21 1 Y 1 A TYR 133 ? A TYR 134 
22 1 Y 1 A SER 174 ? A SER 175 
23 1 Y 1 A SER 175 ? A SER 176 
# 
loop_
_chem_comp_atom.comp_id 
_chem_comp_atom.atom_id 
_chem_comp_atom.type_symbol 
_chem_comp_atom.pdbx_aromatic_flag 
_chem_comp_atom.pdbx_stereo_config 
_chem_comp_atom.pdbx_ordinal 
ALA N    N  N N 1   
ALA CA   C  N S 2   
ALA C    C  N N 3   
ALA O    O  N N 4   
ALA CB   C  N N 5   
ALA OXT  O  N N 6   
ALA H    H  N N 7   
ALA H2   H  N N 8   
ALA HA   H  N N 9   
ALA HB1  H  N N 10  
ALA HB2  H  N N 11  
ALA HB3  H  N N 12  
ALA HXT  H  N N 13  
ARG N    N  N N 14  
ARG CA   C  N S 15  
ARG C    C  N N 16  
ARG O    O  N N 17  
ARG CB   C  N N 18  
ARG CG   C  N N 19  
ARG CD   C  N N 20  
ARG NE   N  N N 21  
ARG CZ   C  N N 22  
ARG NH1  N  N N 23  
ARG NH2  N  N N 24  
ARG OXT  O  N N 25  
ARG H    H  N N 26  
ARG H2   H  N N 27  
ARG HA   H  N N 28  
ARG HB2  H  N N 29  
ARG HB3  H  N N 30  
ARG HG2  H  N N 31  
ARG HG3  H  N N 32  
ARG HD2  H  N N 33  
ARG HD3  H  N N 34  
ARG HE   H  N N 35  
ARG HH11 H  N N 36  
ARG HH12 H  N N 37  
ARG HH21 H  N N 38  
ARG HH22 H  N N 39  
ARG HXT  H  N N 40  
ASN N    N  N N 41  
ASN CA   C  N S 42  
ASN C    C  N N 43  
ASN O    O  N N 44  
ASN CB   C  N N 45  
ASN CG   C  N N 46  
ASN OD1  O  N N 47  
ASN ND2  N  N N 48  
ASN OXT  O  N N 49  
ASN H    H  N N 50  
ASN H2   H  N N 51  
ASN HA   H  N N 52  
ASN HB2  H  N N 53  
ASN HB3  H  N N 54  
ASN HD21 H  N N 55  
ASN HD22 H  N N 56  
ASN HXT  H  N N 57  
ASP N    N  N N 58  
ASP CA   C  N S 59  
ASP C    C  N N 60  
ASP O    O  N N 61  
ASP CB   C  N N 62  
ASP CG   C  N N 63  
ASP OD1  O  N N 64  
ASP OD2  O  N N 65  
ASP OXT  O  N N 66  
ASP H    H  N N 67  
ASP H2   H  N N 68  
ASP HA   H  N N 69  
ASP HB2  H  N N 70  
ASP HB3  H  N N 71  
ASP HD2  H  N N 72  
ASP HXT  H  N N 73  
CA  CA   CA N N 74  
CYS N    N  N N 75  
CYS CA   C  N R 76  
CYS C    C  N N 77  
CYS O    O  N N 78  
CYS CB   C  N N 79  
CYS SG   S  N N 80  
CYS OXT  O  N N 81  
CYS H    H  N N 82  
CYS H2   H  N N 83  
CYS HA   H  N N 84  
CYS HB2  H  N N 85  
CYS HB3  H  N N 86  
CYS HG   H  N N 87  
CYS HXT  H  N N 88  
GLN N    N  N N 89  
GLN CA   C  N S 90  
GLN C    C  N N 91  
GLN O    O  N N 92  
GLN CB   C  N N 93  
GLN CG   C  N N 94  
GLN CD   C  N N 95  
GLN OE1  O  N N 96  
GLN NE2  N  N N 97  
GLN OXT  O  N N 98  
GLN H    H  N N 99  
GLN H2   H  N N 100 
GLN HA   H  N N 101 
GLN HB2  H  N N 102 
GLN HB3  H  N N 103 
GLN HG2  H  N N 104 
GLN HG3  H  N N 105 
GLN HE21 H  N N 106 
GLN HE22 H  N N 107 
GLN HXT  H  N N 108 
GLU N    N  N N 109 
GLU CA   C  N S 110 
GLU C    C  N N 111 
GLU O    O  N N 112 
GLU CB   C  N N 113 
GLU CG   C  N N 114 
GLU CD   C  N N 115 
GLU OE1  O  N N 116 
GLU OE2  O  N N 117 
GLU OXT  O  N N 118 
GLU H    H  N N 119 
GLU H2   H  N N 120 
GLU HA   H  N N 121 
GLU HB2  H  N N 122 
GLU HB3  H  N N 123 
GLU HG2  H  N N 124 
GLU HG3  H  N N 125 
GLU HE2  H  N N 126 
GLU HXT  H  N N 127 
GLY N    N  N N 128 
GLY CA   C  N N 129 
GLY C    C  N N 130 
GLY O    O  N N 131 
GLY OXT  O  N N 132 
GLY H    H  N N 133 
GLY H2   H  N N 134 
GLY HA2  H  N N 135 
GLY HA3  H  N N 136 
GLY HXT  H  N N 137 
HIS N    N  N N 138 
HIS CA   C  N S 139 
HIS C    C  N N 140 
HIS O    O  N N 141 
HIS CB   C  N N 142 
HIS CG   C  Y N 143 
HIS ND1  N  Y N 144 
HIS CD2  C  Y N 145 
HIS CE1  C  Y N 146 
HIS NE2  N  Y N 147 
HIS OXT  O  N N 148 
HIS H    H  N N 149 
HIS H2   H  N N 150 
HIS HA   H  N N 151 
HIS HB2  H  N N 152 
HIS HB3  H  N N 153 
HIS HD1  H  N N 154 
HIS HD2  H  N N 155 
HIS HE1  H  N N 156 
HIS HE2  H  N N 157 
HIS HXT  H  N N 158 
HOH O    O  N N 159 
HOH H1   H  N N 160 
HOH H2   H  N N 161 
ILE N    N  N N 162 
ILE CA   C  N S 163 
ILE C    C  N N 164 
ILE O    O  N N 165 
ILE CB   C  N S 166 
ILE CG1  C  N N 167 
ILE CG2  C  N N 168 
ILE CD1  C  N N 169 
ILE OXT  O  N N 170 
ILE H    H  N N 171 
ILE H2   H  N N 172 
ILE HA   H  N N 173 
ILE HB   H  N N 174 
ILE HG12 H  N N 175 
ILE HG13 H  N N 176 
ILE HG21 H  N N 177 
ILE HG22 H  N N 178 
ILE HG23 H  N N 179 
ILE HD11 H  N N 180 
ILE HD12 H  N N 181 
ILE HD13 H  N N 182 
ILE HXT  H  N N 183 
LEU N    N  N N 184 
LEU CA   C  N S 185 
LEU C    C  N N 186 
LEU O    O  N N 187 
LEU CB   C  N N 188 
LEU CG   C  N N 189 
LEU CD1  C  N N 190 
LEU CD2  C  N N 191 
LEU OXT  O  N N 192 
LEU H    H  N N 193 
LEU H2   H  N N 194 
LEU HA   H  N N 195 
LEU HB2  H  N N 196 
LEU HB3  H  N N 197 
LEU HG   H  N N 198 
LEU HD11 H  N N 199 
LEU HD12 H  N N 200 
LEU HD13 H  N N 201 
LEU HD21 H  N N 202 
LEU HD22 H  N N 203 
LEU HD23 H  N N 204 
LEU HXT  H  N N 205 
LYS N    N  N N 206 
LYS CA   C  N S 207 
LYS C    C  N N 208 
LYS O    O  N N 209 
LYS CB   C  N N 210 
LYS CG   C  N N 211 
LYS CD   C  N N 212 
LYS CE   C  N N 213 
LYS NZ   N  N N 214 
LYS OXT  O  N N 215 
LYS H    H  N N 216 
LYS H2   H  N N 217 
LYS HA   H  N N 218 
LYS HB2  H  N N 219 
LYS HB3  H  N N 220 
LYS HG2  H  N N 221 
LYS HG3  H  N N 222 
LYS HD2  H  N N 223 
LYS HD3  H  N N 224 
LYS HE2  H  N N 225 
LYS HE3  H  N N 226 
LYS HZ1  H  N N 227 
LYS HZ2  H  N N 228 
LYS HZ3  H  N N 229 
LYS HXT  H  N N 230 
MET N    N  N N 231 
MET CA   C  N S 232 
MET C    C  N N 233 
MET O    O  N N 234 
MET CB   C  N N 235 
MET CG   C  N N 236 
MET SD   S  N N 237 
MET CE   C  N N 238 
MET OXT  O  N N 239 
MET H    H  N N 240 
MET H2   H  N N 241 
MET HA   H  N N 242 
MET HB2  H  N N 243 
MET HB3  H  N N 244 
MET HG2  H  N N 245 
MET HG3  H  N N 246 
MET HE1  H  N N 247 
MET HE2  H  N N 248 
MET HE3  H  N N 249 
MET HXT  H  N N 250 
PHE N    N  N N 251 
PHE CA   C  N S 252 
PHE C    C  N N 253 
PHE O    O  N N 254 
PHE CB   C  N N 255 
PHE CG   C  Y N 256 
PHE CD1  C  Y N 257 
PHE CD2  C  Y N 258 
PHE CE1  C  Y N 259 
PHE CE2  C  Y N 260 
PHE CZ   C  Y N 261 
PHE OXT  O  N N 262 
PHE H    H  N N 263 
PHE H2   H  N N 264 
PHE HA   H  N N 265 
PHE HB2  H  N N 266 
PHE HB3  H  N N 267 
PHE HD1  H  N N 268 
PHE HD2  H  N N 269 
PHE HE1  H  N N 270 
PHE HE2  H  N N 271 
PHE HZ   H  N N 272 
PHE HXT  H  N N 273 
PRO N    N  N N 274 
PRO CA   C  N S 275 
PRO C    C  N N 276 
PRO O    O  N N 277 
PRO CB   C  N N 278 
PRO CG   C  N N 279 
PRO CD   C  N N 280 
PRO OXT  O  N N 281 
PRO H    H  N N 282 
PRO HA   H  N N 283 
PRO HB2  H  N N 284 
PRO HB3  H  N N 285 
PRO HG2  H  N N 286 
PRO HG3  H  N N 287 
PRO HD2  H  N N 288 
PRO HD3  H  N N 289 
PRO HXT  H  N N 290 
SER N    N  N N 291 
SER CA   C  N S 292 
SER C    C  N N 293 
SER O    O  N N 294 
SER CB   C  N N 295 
SER OG   O  N N 296 
SER OXT  O  N N 297 
SER H    H  N N 298 
SER H2   H  N N 299 
SER HA   H  N N 300 
SER HB2  H  N N 301 
SER HB3  H  N N 302 
SER HG   H  N N 303 
SER HXT  H  N N 304 
THR N    N  N N 305 
THR CA   C  N S 306 
THR C    C  N N 307 
THR O    O  N N 308 
THR CB   C  N R 309 
THR OG1  O  N N 310 
THR CG2  C  N N 311 
THR OXT  O  N N 312 
THR H    H  N N 313 
THR H2   H  N N 314 
THR HA   H  N N 315 
THR HB   H  N N 316 
THR HG1  H  N N 317 
THR HG21 H  N N 318 
THR HG22 H  N N 319 
THR HG23 H  N N 320 
THR HXT  H  N N 321 
TRP N    N  N N 322 
TRP CA   C  N S 323 
TRP C    C  N N 324 
TRP O    O  N N 325 
TRP CB   C  N N 326 
TRP CG   C  Y N 327 
TRP CD1  C  Y N 328 
TRP CD2  C  Y N 329 
TRP NE1  N  Y N 330 
TRP CE2  C  Y N 331 
TRP CE3  C  Y N 332 
TRP CZ2  C  Y N 333 
TRP CZ3  C  Y N 334 
TRP CH2  C  Y N 335 
TRP OXT  O  N N 336 
TRP H    H  N N 337 
TRP H2   H  N N 338 
TRP HA   H  N N 339 
TRP HB2  H  N N 340 
TRP HB3  H  N N 341 
TRP HD1  H  N N 342 
TRP HE1  H  N N 343 
TRP HE3  H  N N 344 
TRP HZ2  H  N N 345 
TRP HZ3  H  N N 346 
TRP HH2  H  N N 347 
TRP HXT  H  N N 348 
TYR N    N  N N 349 
TYR CA   C  N S 350 
TYR C    C  N N 351 
TYR O    O  N N 352 
TYR CB   C  N N 353 
TYR CG   C  Y N 354 
TYR CD1  C  Y N 355 
TYR CD2  C  Y N 356 
TYR CE1  C  Y N 357 
TYR CE2  C  Y N 358 
TYR CZ   C  Y N 359 
TYR OH   O  N N 360 
TYR OXT  O  N N 361 
TYR H    H  N N 362 
TYR H2   H  N N 363 
TYR HA   H  N N 364 
TYR HB2  H  N N 365 
TYR HB3  H  N N 366 
TYR HD1  H  N N 367 
TYR HD2  H  N N 368 
TYR HE1  H  N N 369 
TYR HE2  H  N N 370 
TYR HH   H  N N 371 
TYR HXT  H  N N 372 
VAL N    N  N N 373 
VAL CA   C  N S 374 
VAL C    C  N N 375 
VAL O    O  N N 376 
VAL CB   C  N N 377 
VAL CG1  C  N N 378 
VAL CG2  C  N N 379 
VAL OXT  O  N N 380 
VAL H    H  N N 381 
VAL H2   H  N N 382 
VAL HA   H  N N 383 
VAL HB   H  N N 384 
VAL HG11 H  N N 385 
VAL HG12 H  N N 386 
VAL HG13 H  N N 387 
VAL HG21 H  N N 388 
VAL HG22 H  N N 389 
VAL HG23 H  N N 390 
VAL HXT  H  N N 391 
# 
loop_
_chem_comp_bond.comp_id 
_chem_comp_bond.atom_id_1 
_chem_comp_bond.atom_id_2 
_chem_comp_bond.value_order 
_chem_comp_bond.pdbx_aromatic_flag 
_chem_comp_bond.pdbx_stereo_config 
_chem_comp_bond.pdbx_ordinal 
ALA N   CA   sing N N 1   
ALA N   H    sing N N 2   
ALA N   H2   sing N N 3   
ALA CA  C    sing N N 4   
ALA CA  CB   sing N N 5   
ALA CA  HA   sing N N 6   
ALA C   O    doub N N 7   
ALA C   OXT  sing N N 8   
ALA CB  HB1  sing N N 9   
ALA CB  HB2  sing N N 10  
ALA CB  HB3  sing N N 11  
ALA OXT HXT  sing N N 12  
ARG N   CA   sing N N 13  
ARG N   H    sing N N 14  
ARG N   H2   sing N N 15  
ARG CA  C    sing N N 16  
ARG CA  CB   sing N N 17  
ARG CA  HA   sing N N 18  
ARG C   O    doub N N 19  
ARG C   OXT  sing N N 20  
ARG CB  CG   sing N N 21  
ARG CB  HB2  sing N N 22  
ARG CB  HB3  sing N N 23  
ARG CG  CD   sing N N 24  
ARG CG  HG2  sing N N 25  
ARG CG  HG3  sing N N 26  
ARG CD  NE   sing N N 27  
ARG CD  HD2  sing N N 28  
ARG CD  HD3  sing N N 29  
ARG NE  CZ   sing N N 30  
ARG NE  HE   sing N N 31  
ARG CZ  NH1  sing N N 32  
ARG CZ  NH2  doub N N 33  
ARG NH1 HH11 sing N N 34  
ARG NH1 HH12 sing N N 35  
ARG NH2 HH21 sing N N 36  
ARG NH2 HH22 sing N N 37  
ARG OXT HXT  sing N N 38  
ASN N   CA   sing N N 39  
ASN N   H    sing N N 40  
ASN N   H2   sing N N 41  
ASN CA  C    sing N N 42  
ASN CA  CB   sing N N 43  
ASN CA  HA   sing N N 44  
ASN C   O    doub N N 45  
ASN C   OXT  sing N N 46  
ASN CB  CG   sing N N 47  
ASN CB  HB2  sing N N 48  
ASN CB  HB3  sing N N 49  
ASN CG  OD1  doub N N 50  
ASN CG  ND2  sing N N 51  
ASN ND2 HD21 sing N N 52  
ASN ND2 HD22 sing N N 53  
ASN OXT HXT  sing N N 54  
ASP N   CA   sing N N 55  
ASP N   H    sing N N 56  
ASP N   H2   sing N N 57  
ASP CA  C    sing N N 58  
ASP CA  CB   sing N N 59  
ASP CA  HA   sing N N 60  
ASP C   O    doub N N 61  
ASP C   OXT  sing N N 62  
ASP CB  CG   sing N N 63  
ASP CB  HB2  sing N N 64  
ASP CB  HB3  sing N N 65  
ASP CG  OD1  doub N N 66  
ASP CG  OD2  sing N N 67  
ASP OD2 HD2  sing N N 68  
ASP OXT HXT  sing N N 69  
CYS N   CA   sing N N 70  
CYS N   H    sing N N 71  
CYS N   H2   sing N N 72  
CYS CA  C    sing N N 73  
CYS CA  CB   sing N N 74  
CYS CA  HA   sing N N 75  
CYS C   O    doub N N 76  
CYS C   OXT  sing N N 77  
CYS CB  SG   sing N N 78  
CYS CB  HB2  sing N N 79  
CYS CB  HB3  sing N N 80  
CYS SG  HG   sing N N 81  
CYS OXT HXT  sing N N 82  
GLN N   CA   sing N N 83  
GLN N   H    sing N N 84  
GLN N   H2   sing N N 85  
GLN CA  C    sing N N 86  
GLN CA  CB   sing N N 87  
GLN CA  HA   sing N N 88  
GLN C   O    doub N N 89  
GLN C   OXT  sing N N 90  
GLN CB  CG   sing N N 91  
GLN CB  HB2  sing N N 92  
GLN CB  HB3  sing N N 93  
GLN CG  CD   sing N N 94  
GLN CG  HG2  sing N N 95  
GLN CG  HG3  sing N N 96  
GLN CD  OE1  doub N N 97  
GLN CD  NE2  sing N N 98  
GLN NE2 HE21 sing N N 99  
GLN NE2 HE22 sing N N 100 
GLN OXT HXT  sing N N 101 
GLU N   CA   sing N N 102 
GLU N   H    sing N N 103 
GLU N   H2   sing N N 104 
GLU CA  C    sing N N 105 
GLU CA  CB   sing N N 106 
GLU CA  HA   sing N N 107 
GLU C   O    doub N N 108 
GLU C   OXT  sing N N 109 
GLU CB  CG   sing N N 110 
GLU CB  HB2  sing N N 111 
GLU CB  HB3  sing N N 112 
GLU CG  CD   sing N N 113 
GLU CG  HG2  sing N N 114 
GLU CG  HG3  sing N N 115 
GLU CD  OE1  doub N N 116 
GLU CD  OE2  sing N N 117 
GLU OE2 HE2  sing N N 118 
GLU OXT HXT  sing N N 119 
GLY N   CA   sing N N 120 
GLY N   H    sing N N 121 
GLY N   H2   sing N N 122 
GLY CA  C    sing N N 123 
GLY CA  HA2  sing N N 124 
GLY CA  HA3  sing N N 125 
GLY C   O    doub N N 126 
GLY C   OXT  sing N N 127 
GLY OXT HXT  sing N N 128 
HIS N   CA   sing N N 129 
HIS N   H    sing N N 130 
HIS N   H2   sing N N 131 
HIS CA  C    sing N N 132 
HIS CA  CB   sing N N 133 
HIS CA  HA   sing N N 134 
HIS C   O    doub N N 135 
HIS C   OXT  sing N N 136 
HIS CB  CG   sing N N 137 
HIS CB  HB2  sing N N 138 
HIS CB  HB3  sing N N 139 
HIS CG  ND1  sing Y N 140 
HIS CG  CD2  doub Y N 141 
HIS ND1 CE1  doub Y N 142 
HIS ND1 HD1  sing N N 143 
HIS CD2 NE2  sing Y N 144 
HIS CD2 HD2  sing N N 145 
HIS CE1 NE2  sing Y N 146 
HIS CE1 HE1  sing N N 147 
HIS NE2 HE2  sing N N 148 
HIS OXT HXT  sing N N 149 
HOH O   H1   sing N N 150 
HOH O   H2   sing N N 151 
ILE N   CA   sing N N 152 
ILE N   H    sing N N 153 
ILE N   H2   sing N N 154 
ILE CA  C    sing N N 155 
ILE CA  CB   sing N N 156 
ILE CA  HA   sing N N 157 
ILE C   O    doub N N 158 
ILE C   OXT  sing N N 159 
ILE CB  CG1  sing N N 160 
ILE CB  CG2  sing N N 161 
ILE CB  HB   sing N N 162 
ILE CG1 CD1  sing N N 163 
ILE CG1 HG12 sing N N 164 
ILE CG1 HG13 sing N N 165 
ILE CG2 HG21 sing N N 166 
ILE CG2 HG22 sing N N 167 
ILE CG2 HG23 sing N N 168 
ILE CD1 HD11 sing N N 169 
ILE CD1 HD12 sing N N 170 
ILE CD1 HD13 sing N N 171 
ILE OXT HXT  sing N N 172 
LEU N   CA   sing N N 173 
LEU N   H    sing N N 174 
LEU N   H2   sing N N 175 
LEU CA  C    sing N N 176 
LEU CA  CB   sing N N 177 
LEU CA  HA   sing N N 178 
LEU C   O    doub N N 179 
LEU C   OXT  sing N N 180 
LEU CB  CG   sing N N 181 
LEU CB  HB2  sing N N 182 
LEU CB  HB3  sing N N 183 
LEU CG  CD1  sing N N 184 
LEU CG  CD2  sing N N 185 
LEU CG  HG   sing N N 186 
LEU CD1 HD11 sing N N 187 
LEU CD1 HD12 sing N N 188 
LEU CD1 HD13 sing N N 189 
LEU CD2 HD21 sing N N 190 
LEU CD2 HD22 sing N N 191 
LEU CD2 HD23 sing N N 192 
LEU OXT HXT  sing N N 193 
LYS N   CA   sing N N 194 
LYS N   H    sing N N 195 
LYS N   H2   sing N N 196 
LYS CA  C    sing N N 197 
LYS CA  CB   sing N N 198 
LYS CA  HA   sing N N 199 
LYS C   O    doub N N 200 
LYS C   OXT  sing N N 201 
LYS CB  CG   sing N N 202 
LYS CB  HB2  sing N N 203 
LYS CB  HB3  sing N N 204 
LYS CG  CD   sing N N 205 
LYS CG  HG2  sing N N 206 
LYS CG  HG3  sing N N 207 
LYS CD  CE   sing N N 208 
LYS CD  HD2  sing N N 209 
LYS CD  HD3  sing N N 210 
LYS CE  NZ   sing N N 211 
LYS CE  HE2  sing N N 212 
LYS CE  HE3  sing N N 213 
LYS NZ  HZ1  sing N N 214 
LYS NZ  HZ2  sing N N 215 
LYS NZ  HZ3  sing N N 216 
LYS OXT HXT  sing N N 217 
MET N   CA   sing N N 218 
MET N   H    sing N N 219 
MET N   H2   sing N N 220 
MET CA  C    sing N N 221 
MET CA  CB   sing N N 222 
MET CA  HA   sing N N 223 
MET C   O    doub N N 224 
MET C   OXT  sing N N 225 
MET CB  CG   sing N N 226 
MET CB  HB2  sing N N 227 
MET CB  HB3  sing N N 228 
MET CG  SD   sing N N 229 
MET CG  HG2  sing N N 230 
MET CG  HG3  sing N N 231 
MET SD  CE   sing N N 232 
MET CE  HE1  sing N N 233 
MET CE  HE2  sing N N 234 
MET CE  HE3  sing N N 235 
MET OXT HXT  sing N N 236 
PHE N   CA   sing N N 237 
PHE N   H    sing N N 238 
PHE N   H2   sing N N 239 
PHE CA  C    sing N N 240 
PHE CA  CB   sing N N 241 
PHE CA  HA   sing N N 242 
PHE C   O    doub N N 243 
PHE C   OXT  sing N N 244 
PHE CB  CG   sing N N 245 
PHE CB  HB2  sing N N 246 
PHE CB  HB3  sing N N 247 
PHE CG  CD1  doub Y N 248 
PHE CG  CD2  sing Y N 249 
PHE CD1 CE1  sing Y N 250 
PHE CD1 HD1  sing N N 251 
PHE CD2 CE2  doub Y N 252 
PHE CD2 HD2  sing N N 253 
PHE CE1 CZ   doub Y N 254 
PHE CE1 HE1  sing N N 255 
PHE CE2 CZ   sing Y N 256 
PHE CE2 HE2  sing N N 257 
PHE CZ  HZ   sing N N 258 
PHE OXT HXT  sing N N 259 
PRO N   CA   sing N N 260 
PRO N   CD   sing N N 261 
PRO N   H    sing N N 262 
PRO CA  C    sing N N 263 
PRO CA  CB   sing N N 264 
PRO CA  HA   sing N N 265 
PRO C   O    doub N N 266 
PRO C   OXT  sing N N 267 
PRO CB  CG   sing N N 268 
PRO CB  HB2  sing N N 269 
PRO CB  HB3  sing N N 270 
PRO CG  CD   sing N N 271 
PRO CG  HG2  sing N N 272 
PRO CG  HG3  sing N N 273 
PRO CD  HD2  sing N N 274 
PRO CD  HD3  sing N N 275 
PRO OXT HXT  sing N N 276 
SER N   CA   sing N N 277 
SER N   H    sing N N 278 
SER N   H2   sing N N 279 
SER CA  C    sing N N 280 
SER CA  CB   sing N N 281 
SER CA  HA   sing N N 282 
SER C   O    doub N N 283 
SER C   OXT  sing N N 284 
SER CB  OG   sing N N 285 
SER CB  HB2  sing N N 286 
SER CB  HB3  sing N N 287 
SER OG  HG   sing N N 288 
SER OXT HXT  sing N N 289 
THR N   CA   sing N N 290 
THR N   H    sing N N 291 
THR N   H2   sing N N 292 
THR CA  C    sing N N 293 
THR CA  CB   sing N N 294 
THR CA  HA   sing N N 295 
THR C   O    doub N N 296 
THR C   OXT  sing N N 297 
THR CB  OG1  sing N N 298 
THR CB  CG2  sing N N 299 
THR CB  HB   sing N N 300 
THR OG1 HG1  sing N N 301 
THR CG2 HG21 sing N N 302 
THR CG2 HG22 sing N N 303 
THR CG2 HG23 sing N N 304 
THR OXT HXT  sing N N 305 
TRP N   CA   sing N N 306 
TRP N   H    sing N N 307 
TRP N   H2   sing N N 308 
TRP CA  C    sing N N 309 
TRP CA  CB   sing N N 310 
TRP CA  HA   sing N N 311 
TRP C   O    doub N N 312 
TRP C   OXT  sing N N 313 
TRP CB  CG   sing N N 314 
TRP CB  HB2  sing N N 315 
TRP CB  HB3  sing N N 316 
TRP CG  CD1  doub Y N 317 
TRP CG  CD2  sing Y N 318 
TRP CD1 NE1  sing Y N 319 
TRP CD1 HD1  sing N N 320 
TRP CD2 CE2  doub Y N 321 
TRP CD2 CE3  sing Y N 322 
TRP NE1 CE2  sing Y N 323 
TRP NE1 HE1  sing N N 324 
TRP CE2 CZ2  sing Y N 325 
TRP CE3 CZ3  doub Y N 326 
TRP CE3 HE3  sing N N 327 
TRP CZ2 CH2  doub Y N 328 
TRP CZ2 HZ2  sing N N 329 
TRP CZ3 CH2  sing Y N 330 
TRP CZ3 HZ3  sing N N 331 
TRP CH2 HH2  sing N N 332 
TRP OXT HXT  sing N N 333 
TYR N   CA   sing N N 334 
TYR N   H    sing N N 335 
TYR N   H2   sing N N 336 
TYR CA  C    sing N N 337 
TYR CA  CB   sing N N 338 
TYR CA  HA   sing N N 339 
TYR C   O    doub N N 340 
TYR C   OXT  sing N N 341 
TYR CB  CG   sing N N 342 
TYR CB  HB2  sing N N 343 
TYR CB  HB3  sing N N 344 
TYR CG  CD1  doub Y N 345 
TYR CG  CD2  sing Y N 346 
TYR CD1 CE1  sing Y N 347 
TYR CD1 HD1  sing N N 348 
TYR CD2 CE2  doub Y N 349 
TYR CD2 HD2  sing N N 350 
TYR CE1 CZ   doub Y N 351 
TYR CE1 HE1  sing N N 352 
TYR CE2 CZ   sing Y N 353 
TYR CE2 HE2  sing N N 354 
TYR CZ  OH   sing N N 355 
TYR OH  HH   sing N N 356 
TYR OXT HXT  sing N N 357 
VAL N   CA   sing N N 358 
VAL N   H    sing N N 359 
VAL N   H2   sing N N 360 
VAL CA  C    sing N N 361 
VAL CA  CB   sing N N 362 
VAL CA  HA   sing N N 363 
VAL C   O    doub N N 364 
VAL C   OXT  sing N N 365 
VAL CB  CG1  sing N N 366 
VAL CB  CG2  sing N N 367 
VAL CB  HB   sing N N 368 
VAL CG1 HG11 sing N N 369 
VAL CG1 HG12 sing N N 370 
VAL CG1 HG13 sing N N 371 
VAL CG2 HG21 sing N N 372 
VAL CG2 HG22 sing N N 373 
VAL CG2 HG23 sing N N 374 
VAL OXT HXT  sing N N 375 
# 
_pdbx_initial_refinement_model.id               1 
_pdbx_initial_refinement_model.entity_id_list   ? 
_pdbx_initial_refinement_model.type             'experimental model' 
_pdbx_initial_refinement_model.source_name      PDB 
_pdbx_initial_refinement_model.accession_code   1FHA 
_pdbx_initial_refinement_model.details          ? 
# 
_atom_sites.entry_id                    1BG7 
_atom_sites.fract_transf_matrix[1][1]   0.00527886 
_atom_sites.fract_transf_matrix[1][2]   0.00130459 
_atom_sites.fract_transf_matrix[1][3]   -0.00059375 
_atom_sites.fract_transf_matrix[2][1]   0.00142573 
_atom_sites.fract_transf_matrix[2][2]   -0.00454561 
_atom_sites.fract_transf_matrix[2][3]   0.00268805 
_atom_sites.fract_transf_matrix[3][1]   0.00014769 
_atom_sites.fract_transf_matrix[3][2]   -0.00274888 
_atom_sites.fract_transf_matrix[3][3]   -0.00472681 
_atom_sites.fract_transf_vector[1]      0.223170 
_atom_sites.fract_transf_vector[2]      -0.043139 
_atom_sites.fract_transf_vector[3]      0.151108 
# 
loop_
_atom_type.symbol 
C  
CA 
N  
O  
S  
# 
loop_
_atom_site.group_PDB 
_atom_site.id 
_atom_site.type_symbol 
_atom_site.label_atom_id 
_atom_site.label_alt_id 
_atom_site.label_comp_id 
_atom_site.label_asym_id 
_atom_site.label_entity_id 
_atom_site.label_seq_id 
_atom_site.pdbx_PDB_ins_code 
_atom_site.Cartn_x 
_atom_site.Cartn_y 
_atom_site.Cartn_z 
_atom_site.occupancy 
_atom_site.B_iso_or_equiv 
_atom_site.pdbx_formal_charge 
_atom_site.auth_seq_id 
_atom_site.auth_comp_id 
_atom_site.auth_asym_id 
_atom_site.auth_atom_id 
_atom_site.pdbx_PDB_model_num 
ATOM   1    N  N   . ASP A 1 2   ? -18.169 -9.679  -28.332 1.00 62.38 ? 1   ASP A N   1 
ATOM   2    C  CA  . ASP A 1 2   ? -18.236 -8.579  -27.383 1.00 62.64 ? 1   ASP A CA  1 
ATOM   3    C  C   . ASP A 1 2   ? -19.411 -8.598  -26.381 1.00 59.41 ? 1   ASP A C   1 
ATOM   4    O  O   . ASP A 1 2   ? -20.548 -8.950  -26.729 1.00 56.48 ? 1   ASP A O   1 
ATOM   5    C  CB  . ASP A 1 2   ? -18.254 -7.288  -28.187 1.00 65.80 ? 1   ASP A CB  1 
ATOM   6    C  CG  . ASP A 1 2   ? -17.306 -6.231  -27.640 1.00 69.72 ? 1   ASP A CG  1 
ATOM   7    O  OD1 . ASP A 1 2   ? -16.142 -6.555  -27.359 1.00 70.84 ? 1   ASP A OD1 1 
ATOM   8    O  OD2 . ASP A 1 2   ? -17.735 -5.082  -27.510 1.00 68.46 ? 1   ASP A OD2 1 
ATOM   9    N  N   . SER A 1 3   ? -19.153 -8.183  -25.119 1.00 54.70 ? 2   SER A N   1 
ATOM   10   C  CA  . SER A 1 3   ? -20.139 -8.221  -24.019 1.00 50.85 ? 2   SER A CA  1 
ATOM   11   C  C   . SER A 1 3   ? -21.460 -7.434  -24.194 1.00 46.87 ? 2   SER A C   1 
ATOM   12   O  O   . SER A 1 3   ? -21.463 -6.288  -24.665 1.00 46.12 ? 2   SER A O   1 
ATOM   13   C  CB  . SER A 1 3   ? -19.407 -7.770  -22.724 1.00 51.83 ? 2   SER A CB  1 
ATOM   14   O  OG  . SER A 1 3   ? -20.227 -7.702  -21.554 1.00 49.26 ? 2   SER A OG  1 
ATOM   15   N  N   . GLN A 1 4   ? -22.601 -8.049  -23.818 1.00 40.17 ? 3   GLN A N   1 
ATOM   16   C  CA  . GLN A 1 4   ? -23.912 -7.413  -23.938 1.00 36.85 ? 3   GLN A CA  1 
ATOM   17   C  C   . GLN A 1 4   ? -24.107 -6.214  -23.019 1.00 36.61 ? 3   GLN A C   1 
ATOM   18   O  O   . GLN A 1 4   ? -25.013 -5.428  -23.274 1.00 36.09 ? 3   GLN A O   1 
ATOM   19   C  CB  . GLN A 1 4   ? -25.028 -8.412  -23.642 1.00 37.07 ? 3   GLN A CB  1 
ATOM   20   C  CG  . GLN A 1 4   ? -25.193 -8.742  -22.144 1.00 40.27 ? 3   GLN A CG  1 
ATOM   21   C  CD  . GLN A 1 4   ? -26.099 -9.917  -21.787 1.00 40.40 ? 3   GLN A CD  1 
ATOM   22   O  OE1 . GLN A 1 4   ? -27.150 -10.147 -22.393 1.00 36.26 ? 3   GLN A OE1 1 
ATOM   23   N  NE2 . GLN A 1 4   ? -25.667 -10.680 -20.778 1.00 34.45 ? 3   GLN A NE2 1 
ATOM   24   N  N   . VAL A 1 5   ? -23.342 -6.026  -21.929 1.00 36.28 ? 4   VAL A N   1 
ATOM   25   C  CA  . VAL A 1 5   ? -23.533 -4.849  -21.071 1.00 39.64 ? 4   VAL A CA  1 
ATOM   26   C  C   . VAL A 1 5   ? -22.536 -3.723  -21.380 1.00 42.15 ? 4   VAL A C   1 
ATOM   27   O  O   . VAL A 1 5   ? -22.619 -2.625  -20.817 1.00 41.44 ? 4   VAL A O   1 
ATOM   28   C  CB  . VAL A 1 5   ? -23.437 -5.223  -19.518 1.00 38.72 ? 4   VAL A CB  1 
ATOM   29   C  CG1 . VAL A 1 5   ? -24.447 -6.333  -19.276 1.00 34.25 ? 4   VAL A CG1 1 
ATOM   30   C  CG2 . VAL A 1 5   ? -22.034 -5.636  -19.053 1.00 36.19 ? 4   VAL A CG2 1 
ATOM   31   N  N   . ARG A 1 6   ? -21.596 -4.000  -22.307 1.00 43.65 ? 5   ARG A N   1 
ATOM   32   C  CA  . ARG A 1 6   ? -20.542 -3.066  -22.699 1.00 45.28 ? 5   ARG A CA  1 
ATOM   33   C  C   . ARG A 1 6   ? -21.084 -1.957  -23.595 1.00 46.85 ? 5   ARG A C   1 
ATOM   34   O  O   . ARG A 1 6   ? -21.622 -2.177  -24.686 1.00 48.28 ? 5   ARG A O   1 
ATOM   35   C  CB  . ARG A 1 6   ? -19.434 -3.825  -23.429 1.00 43.67 ? 5   ARG A CB  1 
ATOM   36   C  CG  . ARG A 1 6   ? -18.179 -2.992  -23.595 1.00 44.97 ? 5   ARG A CG  1 
ATOM   37   C  CD  . ARG A 1 6   ? -17.032 -3.777  -24.231 1.00 47.52 ? 5   ARG A CD  1 
ATOM   38   N  NE  . ARG A 1 6   ? -15.779 -3.059  -24.020 1.00 43.50 ? 5   ARG A NE  1 
ATOM   39   C  CZ  . ARG A 1 6   ? -14.605 -3.665  -23.843 1.00 41.17 ? 5   ARG A CZ  1 
ATOM   40   N  NH1 . ARG A 1 6   ? -14.512 -4.998  -23.854 1.00 41.97 ? 5   ARG A NH1 1 
ATOM   41   N  NH2 . ARG A 1 6   ? -13.533 -2.903  -23.629 1.00 35.84 ? 5   ARG A NH2 1 
ATOM   42   N  N   . GLN A 1 7   ? -20.939 -0.746  -23.058 1.00 48.95 ? 6   GLN A N   1 
ATOM   43   C  CA  . GLN A 1 7   ? -21.386 0.472   -23.701 1.00 52.08 ? 6   GLN A CA  1 
ATOM   44   C  C   . GLN A 1 7   ? -20.427 1.582   -23.287 1.00 54.80 ? 6   GLN A C   1 
ATOM   45   O  O   . GLN A 1 7   ? -20.248 1.865   -22.094 1.00 55.99 ? 6   GLN A O   1 
ATOM   46   C  CB  . GLN A 1 7   ? -22.826 0.801   -23.252 1.00 52.48 ? 6   GLN A CB  1 
ATOM   47   C  CG  . GLN A 1 7   ? -23.428 2.012   -23.954 1.00 55.11 ? 6   GLN A CG  1 
ATOM   48   C  CD  . GLN A 1 7   ? -24.806 2.407   -23.453 1.00 56.58 ? 6   GLN A CD  1 
ATOM   49   O  OE1 . GLN A 1 7   ? -25.232 2.029   -22.360 1.00 59.52 ? 6   GLN A OE1 1 
ATOM   50   N  NE2 . GLN A 1 7   ? -25.532 3.188   -24.252 1.00 54.13 ? 6   GLN A NE2 1 
ATOM   51   N  N   . ASN A 1 8   ? -19.761 2.175   -24.301 1.00 57.10 ? 7   ASN A N   1 
ATOM   52   C  CA  . ASN A 1 8   ? -18.810 3.287   -24.174 1.00 58.11 ? 7   ASN A CA  1 
ATOM   53   C  C   . ASN A 1 8   ? -17.633 3.077   -23.171 1.00 56.03 ? 7   ASN A C   1 
ATOM   54   O  O   . ASN A 1 8   ? -17.306 3.931   -22.329 1.00 53.17 ? 7   ASN A O   1 
ATOM   55   C  CB  . ASN A 1 8   ? -19.701 4.523   -23.861 1.00 63.88 ? 7   ASN A CB  1 
ATOM   56   C  CG  . ASN A 1 8   ? -19.031 5.888   -23.992 1.00 70.61 ? 7   ASN A CG  1 
ATOM   57   O  OD1 . ASN A 1 8   ? -18.744 6.348   -25.101 1.00 75.88 ? 7   ASN A OD1 1 
ATOM   58   N  ND2 . ASN A 1 8   ? -18.768 6.580   -22.879 1.00 68.90 ? 7   ASN A ND2 1 
ATOM   59   N  N   . PHE A 1 9   ? -16.973 1.897   -23.302 1.00 52.62 ? 8   PHE A N   1 
ATOM   60   C  CA  . PHE A 1 9   ? -15.842 1.462   -22.477 1.00 50.38 ? 8   PHE A CA  1 
ATOM   61   C  C   . PHE A 1 9   ? -14.692 1.008   -23.375 1.00 48.98 ? 8   PHE A C   1 
ATOM   62   O  O   . PHE A 1 9   ? -14.644 -0.125  -23.854 1.00 47.52 ? 8   PHE A O   1 
ATOM   63   C  CB  . PHE A 1 9   ? -16.278 0.302   -21.562 1.00 49.11 ? 8   PHE A CB  1 
ATOM   64   C  CG  . PHE A 1 9   ? -15.289 -0.088  -20.461 1.00 49.88 ? 8   PHE A CG  1 
ATOM   65   C  CD1 . PHE A 1 9   ? -14.779 0.879   -19.586 1.00 47.45 ? 8   PHE A CD1 1 
ATOM   66   C  CD2 . PHE A 1 9   ? -14.916 -1.430  -20.310 1.00 50.38 ? 8   PHE A CD2 1 
ATOM   67   C  CE1 . PHE A 1 9   ? -13.905 0.502   -18.567 1.00 48.93 ? 8   PHE A CE1 1 
ATOM   68   C  CE2 . PHE A 1 9   ? -14.038 -1.795  -19.285 1.00 49.40 ? 8   PHE A CE2 1 
ATOM   69   C  CZ  . PHE A 1 9   ? -13.530 -0.832  -18.413 1.00 49.17 ? 8   PHE A CZ  1 
ATOM   70   N  N   . HIS A 1 10  ? -13.725 1.907   -23.586 1.00 51.47 ? 9   HIS A N   1 
ATOM   71   C  CA  . HIS A 1 10  ? -12.587 1.686   -24.470 1.00 53.26 ? 9   HIS A CA  1 
ATOM   72   C  C   . HIS A 1 10  ? -11.689 0.531   -24.042 1.00 51.11 ? 9   HIS A C   1 
ATOM   73   O  O   . HIS A 1 10  ? -11.465 0.316   -22.848 1.00 50.53 ? 9   HIS A O   1 
ATOM   74   C  CB  . HIS A 1 10  ? -11.755 2.981   -24.551 1.00 58.35 ? 9   HIS A CB  1 
ATOM   75   C  CG  . HIS A 1 10  ? -10.919 2.984   -25.815 1.00 65.25 ? 9   HIS A CG  1 
ATOM   76   N  ND1 . HIS A 1 10  ? -9.992  2.104   -26.179 1.00 68.10 ? 9   HIS A ND1 1 
ATOM   77   C  CD2 . HIS A 1 10  ? -11.065 3.893   -26.824 1.00 67.79 ? 9   HIS A CD2 1 
ATOM   78   C  CE1 . HIS A 1 10  ? -9.585  2.444   -27.376 1.00 69.21 ? 9   HIS A CE1 1 
ATOM   79   N  NE2 . HIS A 1 10  ? -10.232 3.519   -27.758 1.00 70.44 ? 9   HIS A NE2 1 
ATOM   80   N  N   . ARG A 1 11  ? -11.172 -0.203  -25.042 1.00 49.85 ? 10  ARG A N   1 
ATOM   81   C  CA  . ARG A 1 11  ? -10.217 -1.288  -24.822 1.00 51.11 ? 10  ARG A CA  1 
ATOM   82   C  C   . ARG A 1 11  ? -8.988  -0.850  -24.004 1.00 51.92 ? 10  ARG A C   1 
ATOM   83   O  O   . ARG A 1 11  ? -8.363  -1.659  -23.311 1.00 53.69 ? 10  ARG A O   1 
ATOM   84   C  CB  . ARG A 1 11  ? -9.750  -1.825  -26.170 1.00 47.01 ? 10  ARG A CB  1 
ATOM   85   N  N   . ASP A 1 12  ? -8.681  0.461   -24.045 1.00 51.09 ? 11  ASP A N   1 
ATOM   86   C  CA  . ASP A 1 12  ? -7.604  1.097   -23.303 1.00 51.52 ? 11  ASP A CA  1 
ATOM   87   C  C   . ASP A 1 12  ? -7.890  1.220   -21.821 1.00 50.40 ? 11  ASP A C   1 
ATOM   88   O  O   . ASP A 1 12  ? -6.976  1.014   -21.019 1.00 48.76 ? 11  ASP A O   1 
ATOM   89   C  CB  . ASP A 1 12  ? -7.327  2.495   -23.867 1.00 56.13 ? 11  ASP A CB  1 
ATOM   90   C  CG  . ASP A 1 12  ? -6.444  2.519   -25.117 1.00 62.21 ? 11  ASP A CG  1 
ATOM   91   O  OD1 . ASP A 1 12  ? -6.221  1.481   -25.759 1.00 64.68 ? 11  ASP A OD1 1 
ATOM   92   O  OD2 . ASP A 1 12  ? -5.966  3.603   -25.450 1.00 65.89 ? 11  ASP A OD2 1 
ATOM   93   N  N   . CYS A 1 13  ? -9.152  1.555   -21.474 1.00 47.26 ? 12  CYS A N   1 
ATOM   94   C  CA  . CYS A 1 13  ? -9.574  1.638   -20.083 1.00 46.53 ? 12  CYS A CA  1 
ATOM   95   C  C   . CYS A 1 13  ? -9.588  0.249   -19.472 1.00 44.28 ? 12  CYS A C   1 
ATOM   96   O  O   . CYS A 1 13  ? -9.166  0.092   -18.323 1.00 46.57 ? 12  CYS A O   1 
ATOM   97   C  CB  . CYS A 1 13  ? -10.957 2.234   -19.966 1.00 46.13 ? 12  CYS A CB  1 
ATOM   98   S  SG  . CYS A 1 13  ? -10.905 3.936   -20.578 1.00 57.61 ? 12  CYS A SG  1 
ATOM   99   N  N   . GLU A 1 14  ? -10.006 -0.751  -20.271 1.00 39.53 ? 13  GLU A N   1 
ATOM   100  C  CA  . GLU A 1 14  ? -10.042 -2.141  -19.855 1.00 36.58 ? 13  GLU A CA  1 
ATOM   101  C  C   . GLU A 1 14  ? -8.643  -2.650  -19.556 1.00 34.44 ? 13  GLU A C   1 
ATOM   102  O  O   . GLU A 1 14  ? -8.432  -3.281  -18.515 1.00 32.80 ? 13  GLU A O   1 
ATOM   103  C  CB  . GLU A 1 14  ? -10.669 -2.978  -20.947 1.00 36.59 ? 13  GLU A CB  1 
ATOM   104  C  CG  . GLU A 1 14  ? -10.770 -4.459  -20.628 1.00 35.90 ? 13  GLU A CG  1 
ATOM   105  C  CD  . GLU A 1 14  ? -11.434 -5.315  -21.697 1.00 37.27 ? 13  GLU A CD  1 
ATOM   106  O  OE1 . GLU A 1 14  ? -11.811 -4.800  -22.748 1.00 40.55 ? 13  GLU A OE1 1 
ATOM   107  O  OE2 . GLU A 1 14  ? -11.571 -6.517  -21.488 1.00 36.87 ? 13  GLU A OE2 1 
ATOM   108  N  N   . ALA A 1 15  ? -7.667  -2.344  -20.417 1.00 32.49 ? 14  ALA A N   1 
ATOM   109  C  CA  . ALA A 1 15  ? -6.300  -2.775  -20.155 1.00 32.57 ? 14  ALA A CA  1 
ATOM   110  C  C   . ALA A 1 15  ? -5.649  -2.029  -18.984 1.00 31.75 ? 14  ALA A C   1 
ATOM   111  O  O   . ALA A 1 15  ? -4.837  -2.579  -18.237 1.00 31.45 ? 14  ALA A O   1 
ATOM   112  C  CB  . ALA A 1 15  ? -5.465  -2.567  -21.401 1.00 32.68 ? 14  ALA A CB  1 
ATOM   113  N  N   . ALA A 1 16  ? -6.011  -0.766  -18.772 1.00 29.32 ? 15  ALA A N   1 
ATOM   114  C  CA  . ALA A 1 16  ? -5.469  0.014   -17.682 1.00 29.04 ? 15  ALA A CA  1 
ATOM   115  C  C   . ALA A 1 16  ? -5.973  -0.458  -16.323 1.00 31.74 ? 15  ALA A C   1 
ATOM   116  O  O   . ALA A 1 16  ? -5.221  -0.474  -15.337 1.00 29.08 ? 15  ALA A O   1 
ATOM   117  C  CB  . ALA A 1 16  ? -5.855  1.455   -17.871 1.00 29.32 ? 15  ALA A CB  1 
ATOM   118  N  N   . ILE A 1 17  ? -7.267  -0.848  -16.263 1.00 31.01 ? 16  ILE A N   1 
ATOM   119  C  CA  . ILE A 1 17  ? -7.853  -1.395  -15.041 1.00 30.15 ? 16  ILE A CA  1 
ATOM   120  C  C   . ILE A 1 17  ? -7.154  -2.707  -14.673 1.00 28.65 ? 16  ILE A C   1 
ATOM   121  O  O   . ILE A 1 17  ? -6.850  -2.920  -13.497 1.00 25.99 ? 16  ILE A O   1 
ATOM   122  C  CB  . ILE A 1 17  ? -9.388  -1.585  -15.237 1.00 30.71 ? 16  ILE A CB  1 
ATOM   123  C  CG1 . ILE A 1 17  ? -10.031 -0.184  -15.204 1.00 31.89 ? 16  ILE A CG1 1 
ATOM   124  C  CG2 . ILE A 1 17  ? -10.002 -2.486  -14.148 1.00 29.09 ? 16  ILE A CG2 1 
ATOM   125  C  CD1 . ILE A 1 17  ? -11.557 -0.196  -15.462 1.00 33.56 ? 16  ILE A CD1 1 
ATOM   126  N  N   . ASN A 1 18  ? -6.848  -3.567  -15.655 1.00 26.68 ? 17  ASN A N   1 
ATOM   127  C  CA  . ASN A 1 18  ? -6.072  -4.754  -15.371 1.00 26.69 ? 17  ASN A CA  1 
ATOM   128  C  C   . ASN A 1 18  ? -4.690  -4.403  -14.835 1.00 26.25 ? 17  ASN A C   1 
ATOM   129  O  O   . ASN A 1 18  ? -4.276  -5.048  -13.877 1.00 26.34 ? 17  ASN A O   1 
ATOM   130  C  CB  . ASN A 1 18  ? -5.989  -5.600  -16.640 1.00 25.16 ? 17  ASN A CB  1 
ATOM   131  C  CG  . ASN A 1 18  ? -7.282  -6.370  -16.879 1.00 29.49 ? 17  ASN A CG  1 
ATOM   132  O  OD1 . ASN A 1 18  ? -8.026  -6.695  -15.941 1.00 30.74 ? 17  ASN A OD1 1 
ATOM   133  N  ND2 . ASN A 1 18  ? -7.590  -6.696  -18.134 1.00 25.79 ? 17  ASN A ND2 1 
ATOM   134  N  N   . ARG A 1 19  ? -3.972  -3.380  -15.325 1.00 28.23 ? 18  ARG A N   1 
ATOM   135  C  CA  . ARG A 1 19  ? -2.672  -2.993  -14.755 1.00 31.13 ? 18  ARG A CA  1 
ATOM   136  C  C   . ARG A 1 19  ? -2.844  -2.504  -13.346 1.00 29.56 ? 18  ARG A C   1 
ATOM   137  O  O   . ARG A 1 19  ? -1.989  -2.803  -12.516 1.00 30.80 ? 18  ARG A O   1 
ATOM   138  C  CB  . ARG A 1 19  ? -1.970  -1.833  -15.440 1.00 36.09 ? 18  ARG A CB  1 
ATOM   139  C  CG  . ARG A 1 19  ? -1.313  -2.239  -16.721 1.00 49.89 ? 18  ARG A CG  1 
ATOM   140  C  CD  . ARG A 1 19  ? -0.907  -0.956  -17.435 1.00 59.49 ? 18  ARG A CD  1 
ATOM   141  N  NE  . ARG A 1 19  ? -1.523  -0.895  -18.758 1.00 65.64 ? 18  ARG A NE  1 
ATOM   142  C  CZ  . ARG A 1 19  ? -2.163  0.194   -19.217 1.00 67.32 ? 18  ARG A CZ  1 
ATOM   143  N  NH1 . ARG A 1 19  ? -2.269  1.308   -18.470 1.00 66.32 ? 18  ARG A NH1 1 
ATOM   144  N  NH2 . ARG A 1 19  ? -2.718  0.153   -20.442 1.00 68.63 ? 18  ARG A NH2 1 
ATOM   145  N  N   . MET A 1 20  ? -3.911  -1.738  -13.086 1.00 27.65 ? 19  MET A N   1 
ATOM   146  C  CA  . MET A 1 20  ? -4.162  -1.248  -11.739 1.00 28.66 ? 19  MET A CA  1 
ATOM   147  C  C   . MET A 1 20  ? -4.463  -2.372  -10.748 1.00 25.70 ? 19  MET A C   1 
ATOM   148  O  O   . MET A 1 20  ? -4.061  -2.237  -9.590  1.00 23.97 ? 19  MET A O   1 
ATOM   149  C  CB  . MET A 1 20  ? -5.349  -0.295  -11.665 1.00 31.25 ? 19  MET A CB  1 
ATOM   150  C  CG  . MET A 1 20  ? -5.036  1.145   -11.987 1.00 42.11 ? 19  MET A CG  1 
ATOM   151  S  SD  . MET A 1 20  ? -3.705  1.760   -10.926 1.00 47.36 ? 19  MET A SD  1 
ATOM   152  C  CE  . MET A 1 20  ? -4.487  1.636   -9.336  1.00 49.86 ? 19  MET A CE  1 
ATOM   153  N  N   . VAL A 1 21  ? -5.109  -3.472  -11.179 1.00 22.46 ? 20  VAL A N   1 
ATOM   154  C  CA  . VAL A 1 21  ? -5.441  -4.578  -10.288 1.00 21.59 ? 20  VAL A CA  1 
ATOM   155  C  C   . VAL A 1 21  ? -4.148  -5.219  -9.837  1.00 23.18 ? 20  VAL A C   1 
ATOM   156  O  O   . VAL A 1 21  ? -3.965  -5.449  -8.637  1.00 22.12 ? 20  VAL A O   1 
ATOM   157  C  CB  . VAL A 1 21  ? -6.329  -5.641  -10.990 1.00 19.67 ? 20  VAL A CB  1 
ATOM   158  C  CG1 . VAL A 1 21  ? -6.517  -6.897  -10.151 1.00 17.78 ? 20  VAL A CG1 1 
ATOM   159  C  CG2 . VAL A 1 21  ? -7.708  -5.048  -11.177 1.00 19.66 ? 20  VAL A CG2 1 
ATOM   160  N  N   . ASN A 1 22  ? -3.229  -5.452  -10.782 1.00 21.10 ? 21  ASN A N   1 
ATOM   161  C  CA  . ASN A 1 22  ? -1.974  -6.090  -10.439 1.00 21.36 ? 21  ASN A CA  1 
ATOM   162  C  C   . ASN A 1 22  ? -1.135  -5.201  -9.532  1.00 21.63 ? 21  ASN A C   1 
ATOM   163  O  O   . ASN A 1 22  ? -0.551  -5.706  -8.578  1.00 19.21 ? 21  ASN A O   1 
ATOM   164  C  CB  . ASN A 1 22  ? -1.214  -6.428  -11.723 1.00 21.24 ? 21  ASN A CB  1 
ATOM   165  C  CG  . ASN A 1 22  ? 0.009   -7.281  -11.416 1.00 21.68 ? 21  ASN A CG  1 
ATOM   166  O  OD1 . ASN A 1 22  ? 1.124   -6.768  -11.321 1.00 19.46 ? 21  ASN A OD1 1 
ATOM   167  N  ND2 . ASN A 1 22  ? -0.190  -8.585  -11.209 1.00 20.62 ? 21  ASN A ND2 1 
ATOM   168  N  N   . MET A 1 23  ? -1.093  -3.890  -9.807  1.00 22.68 ? 22  MET A N   1 
ATOM   169  C  CA  . MET A 1 23  ? -0.400  -2.915  -8.977  1.00 25.56 ? 22  MET A CA  1 
ATOM   170  C  C   . MET A 1 23  ? -0.911  -2.887  -7.523  1.00 26.65 ? 22  MET A C   1 
ATOM   171  O  O   . MET A 1 23  ? -0.135  -2.831  -6.558  1.00 24.95 ? 22  MET A O   1 
ATOM   172  C  CB  . MET A 1 23  ? -0.575  -1.560  -9.622  1.00 29.54 ? 22  MET A CB  1 
ATOM   173  C  CG  . MET A 1 23  ? 0.222   -0.454  -8.941  1.00 41.71 ? 22  MET A CG  1 
ATOM   174  S  SD  . MET A 1 23  ? 0.931   0.770   -10.085 1.00 58.92 ? 22  MET A SD  1 
ATOM   175  C  CE  . MET A 1 23  ? 0.160   0.439   -11.657 1.00 52.92 ? 22  MET A CE  1 
ATOM   176  N  N   . GLU A 1 24  ? -2.240  -2.926  -7.347  1.00 24.00 ? 23  GLU A N   1 
ATOM   177  C  CA  . GLU A 1 24  ? -2.821  -2.970  -6.023  1.00 22.55 ? 23  GLU A CA  1 
ATOM   178  C  C   . GLU A 1 24  ? -2.522  -4.278  -5.301  1.00 21.50 ? 23  GLU A C   1 
ATOM   179  O  O   . GLU A 1 24  ? -2.298  -4.251  -4.100  1.00 20.53 ? 23  GLU A O   1 
ATOM   180  C  CB  . GLU A 1 24  ? -4.325  -2.768  -6.137  1.00 24.68 ? 23  GLU A CB  1 
ATOM   181  C  CG  . GLU A 1 24  ? -4.755  -1.332  -6.424  1.00 27.21 ? 23  GLU A CG  1 
ATOM   182  C  CD  . GLU A 1 24  ? -4.587  -0.357  -5.257  1.00 35.36 ? 23  GLU A CD  1 
ATOM   183  O  OE1 . GLU A 1 24  ? -3.877  -0.660  -4.301  1.00 35.35 ? 23  GLU A OE1 1 
ATOM   184  O  OE2 . GLU A 1 24  ? -5.172  0.726   -5.300  1.00 41.71 ? 23  GLU A OE2 1 
ATOM   185  N  N   . LEU A 1 25  ? -2.503  -5.423  -5.987  1.00 18.88 ? 24  LEU A N   1 
ATOM   186  C  CA  . LEU A 1 25  ? -2.131  -6.694  -5.378  1.00 20.18 ? 24  LEU A CA  1 
ATOM   187  C  C   . LEU A 1 25  ? -0.656  -6.676  -5.004  1.00 20.53 ? 24  LEU A C   1 
ATOM   188  O  O   . LEU A 1 25  ? -0.266  -7.137  -3.931  1.00 19.17 ? 24  LEU A O   1 
ATOM   189  C  CB  . LEU A 1 25  ? -2.420  -7.854  -6.344  1.00 19.84 ? 24  LEU A CB  1 
ATOM   190  C  CG  . LEU A 1 25  ? -3.904  -8.115  -6.685  1.00 22.13 ? 24  LEU A CG  1 
ATOM   191  C  CD1 . LEU A 1 25  ? -3.982  -9.198  -7.750  1.00 20.73 ? 24  LEU A CD1 1 
ATOM   192  C  CD2 . LEU A 1 25  ? -4.688  -8.487  -5.428  1.00 21.34 ? 24  LEU A CD2 1 
ATOM   193  N  N   . TYR A 1 26  ? 0.174   -6.069  -5.856  1.00 20.41 ? 25  TYR A N   1 
ATOM   194  C  CA  . TYR A 1 26  ? 1.583   -5.875  -5.559  1.00 21.55 ? 25  TYR A CA  1 
ATOM   195  C  C   . TYR A 1 26  ? 1.761   -5.028  -4.299  1.00 19.64 ? 25  TYR A C   1 
ATOM   196  O  O   . TYR A 1 26  ? 2.552   -5.400  -3.429  1.00 19.57 ? 25  TYR A O   1 
ATOM   197  C  CB  . TYR A 1 26  ? 2.288   -5.192  -6.749  1.00 21.17 ? 25  TYR A CB  1 
ATOM   198  C  CG  . TYR A 1 26  ? 3.768   -4.956  -6.486  1.00 24.55 ? 25  TYR A CG  1 
ATOM   199  C  CD1 . TYR A 1 26  ? 4.665   -6.030  -6.474  1.00 26.25 ? 25  TYR A CD1 1 
ATOM   200  C  CD2 . TYR A 1 26  ? 4.220   -3.660  -6.221  1.00 26.99 ? 25  TYR A CD2 1 
ATOM   201  C  CE1 . TYR A 1 26  ? 6.019   -5.811  -6.189  1.00 28.96 ? 25  TYR A CE1 1 
ATOM   202  C  CE2 . TYR A 1 26  ? 5.571   -3.435  -5.935  1.00 29.09 ? 25  TYR A CE2 1 
ATOM   203  C  CZ  . TYR A 1 26  ? 6.465   -4.512  -5.923  1.00 31.18 ? 25  TYR A CZ  1 
ATOM   204  O  OH  . TYR A 1 26  ? 7.805   -4.283  -5.647  1.00 31.10 ? 25  TYR A OH  1 
ATOM   205  N  N   . ALA A 1 27  ? 1.030   -3.912  -4.182  1.00 18.98 ? 26  ALA A N   1 
ATOM   206  C  CA  . ALA A 1 27  ? 1.105   -3.073  -2.996  1.00 18.34 ? 26  ALA A CA  1 
ATOM   207  C  C   . ALA A 1 27  ? 0.659   -3.840  -1.747  1.00 19.61 ? 26  ALA A C   1 
ATOM   208  O  O   . ALA A 1 27  ? 1.308   -3.807  -0.698  1.00 19.68 ? 26  ALA A O   1 
ATOM   209  C  CB  . ALA A 1 27  ? 0.232   -1.842  -3.204  1.00 18.97 ? 26  ALA A CB  1 
ATOM   210  N  N   . SER A 1 28  ? -0.403  -4.631  -1.864  1.00 18.88 ? 27  SER A N   1 
ATOM   211  C  CA  . SER A 1 28  ? -0.869  -5.453  -0.771  1.00 20.91 ? 27  SER A CA  1 
ATOM   212  C  C   . SER A 1 28  ? 0.186   -6.439  -0.276  1.00 20.70 ? 27  SER A C   1 
ATOM   213  O  O   . SER A 1 28  ? 0.362   -6.612  0.929   1.00 19.02 ? 27  SER A O   1 
ATOM   214  C  CB  . SER A 1 28  ? -2.100  -6.181  -1.252  1.00 22.52 ? 27  SER A CB  1 
ATOM   215  O  OG  . SER A 1 28  ? -2.618  -6.898  -0.165  1.00 25.40 ? 27  SER A OG  1 
ATOM   216  N  N   . TYR A 1 29  ? 0.905   -7.067  -1.218  1.00 18.89 ? 28  TYR A N   1 
ATOM   217  C  CA  . TYR A 1 29  ? 1.944   -8.045  -0.892  1.00 18.81 ? 28  TYR A CA  1 
ATOM   218  C  C   . TYR A 1 29  ? 3.158   -7.421  -0.194  1.00 20.61 ? 28  TYR A C   1 
ATOM   219  O  O   . TYR A 1 29  ? 3.756   -7.990  0.725   1.00 21.07 ? 28  TYR A O   1 
ATOM   220  C  CB  . TYR A 1 29  ? 2.353   -8.715  -2.188  1.00 16.88 ? 28  TYR A CB  1 
ATOM   221  C  CG  . TYR A 1 29  ? 2.992   -10.088 -2.070  1.00 19.96 ? 28  TYR A CG  1 
ATOM   222  C  CD1 . TYR A 1 29  ? 2.820   -10.871 -0.918  1.00 18.51 ? 28  TYR A CD1 1 
ATOM   223  C  CD2 . TYR A 1 29  ? 3.736   -10.592 -3.152  1.00 21.37 ? 28  TYR A CD2 1 
ATOM   224  C  CE1 . TYR A 1 29  ? 3.385   -12.155 -0.854  1.00 22.31 ? 28  TYR A CE1 1 
ATOM   225  C  CE2 . TYR A 1 29  ? 4.300   -11.872 -3.090  1.00 21.44 ? 28  TYR A CE2 1 
ATOM   226  C  CZ  . TYR A 1 29  ? 4.115   -12.644 -1.944  1.00 20.50 ? 28  TYR A CZ  1 
ATOM   227  O  OH  . TYR A 1 29  ? 4.611   -13.927 -1.882  1.00 19.93 ? 28  TYR A OH  1 
ATOM   228  N  N   . THR A 1 30  ? 3.543   -6.222  -0.644  1.00 20.62 ? 29  THR A N   1 
ATOM   229  C  CA  . THR A 1 30  ? 4.636   -5.483  -0.042  1.00 21.63 ? 29  THR A CA  1 
ATOM   230  C  C   . THR A 1 30  ? 4.253   -5.106  1.399   1.00 20.32 ? 29  THR A C   1 
ATOM   231  O  O   . THR A 1 30  ? 5.056   -5.277  2.317   1.00 20.83 ? 29  THR A O   1 
ATOM   232  C  CB  . THR A 1 30  ? 4.925   -4.227  -0.908  1.00 23.31 ? 29  THR A CB  1 
ATOM   233  O  OG1 . THR A 1 30  ? 5.298   -4.670  -2.206  1.00 25.35 ? 29  THR A OG1 1 
ATOM   234  C  CG2 . THR A 1 30  ? 6.052   -3.382  -0.326  1.00 22.23 ? 29  THR A CG2 1 
ATOM   235  N  N   . TYR A 1 31  ? 3.021   -4.637  1.644   1.00 20.95 ? 30  TYR A N   1 
ATOM   236  C  CA  . TYR A 1 31  ? 2.590   -4.282  2.999   1.00 19.71 ? 30  TYR A CA  1 
ATOM   237  C  C   . TYR A 1 31  ? 2.514   -5.508  3.872   1.00 18.87 ? 30  TYR A C   1 
ATOM   238  O  O   . TYR A 1 31  ? 2.868   -5.430  5.037   1.00 19.59 ? 30  TYR A O   1 
ATOM   239  C  CB  . TYR A 1 31  ? 1.228   -3.623  2.983   1.00 19.69 ? 30  TYR A CB  1 
ATOM   240  C  CG  . TYR A 1 31  ? 1.281   -2.159  2.591   1.00 23.49 ? 30  TYR A CG  1 
ATOM   241  C  CD1 . TYR A 1 31  ? 2.225   -1.320  3.207   1.00 26.42 ? 30  TYR A CD1 1 
ATOM   242  C  CD2 . TYR A 1 31  ? 0.384   -1.643  1.636   1.00 26.18 ? 30  TYR A CD2 1 
ATOM   243  C  CE1 . TYR A 1 31  ? 2.269   0.041   2.886   1.00 28.73 ? 30  TYR A CE1 1 
ATOM   244  C  CE2 . TYR A 1 31  ? 0.425   -0.280  1.303   1.00 26.47 ? 30  TYR A CE2 1 
ATOM   245  C  CZ  . TYR A 1 31  ? 1.371   0.547   1.937   1.00 31.43 ? 30  TYR A CZ  1 
ATOM   246  O  OH  . TYR A 1 31  ? 1.410   1.897   1.659   1.00 36.70 ? 30  TYR A OH  1 
ATOM   247  N  N   . LEU A 1 32  ? 2.075   -6.650  3.326   1.00 20.87 ? 31  LEU A N   1 
ATOM   248  C  CA  . LEU A 1 32  ? 2.050   -7.905  4.071   1.00 22.57 ? 31  LEU A CA  1 
ATOM   249  C  C   . LEU A 1 32  ? 3.463   -8.265  4.539   1.00 22.04 ? 31  LEU A C   1 
ATOM   250  O  O   . LEU A 1 32  ? 3.667   -8.637  5.700   1.00 20.84 ? 31  LEU A O   1 
ATOM   251  C  CB  . LEU A 1 32  ? 1.538   -9.069  3.208   1.00 23.90 ? 31  LEU A CB  1 
ATOM   252  C  CG  . LEU A 1 32  ? 1.460   -10.429 3.921   1.00 26.82 ? 31  LEU A CG  1 
ATOM   253  C  CD1 . LEU A 1 32  ? 0.345   -10.365 4.960   1.00 30.56 ? 31  LEU A CD1 1 
ATOM   254  C  CD2 . LEU A 1 32  ? 1.204   -11.546 2.934   1.00 26.47 ? 31  LEU A CD2 1 
ATOM   255  N  N   . SER A 1 33  ? 4.437   -8.130  3.626   1.00 21.58 ? 32  SER A N   1 
ATOM   256  C  CA  . SER A 1 33  ? 5.834   -8.362  3.927   1.00 21.50 ? 32  SER A CA  1 
ATOM   257  C  C   . SER A 1 33  ? 6.331   -7.454  5.067   1.00 21.27 ? 32  SER A C   1 
ATOM   258  O  O   . SER A 1 33  ? 6.967   -7.923  6.029   1.00 17.95 ? 32  SER A O   1 
ATOM   259  C  CB  . SER A 1 33  ? 6.627   -8.125  2.664   1.00 22.16 ? 32  SER A CB  1 
ATOM   260  O  OG  . SER A 1 33  ? 7.985   -8.389  2.951   1.00 25.42 ? 32  SER A OG  1 
ATOM   261  N  N   . MET A 1 34  ? 6.001   -6.154  4.984   1.00 20.57 ? 33  MET A N   1 
ATOM   262  C  CA  . MET A 1 34  ? 6.318   -5.196  6.044   1.00 21.56 ? 33  MET A CA  1 
ATOM   263  C  C   . MET A 1 34  ? 5.648   -5.553  7.361   1.00 22.56 ? 33  MET A C   1 
ATOM   264  O  O   . MET A 1 34  ? 6.323   -5.538  8.397   1.00 24.20 ? 33  MET A O   1 
ATOM   265  C  CB  . MET A 1 34  ? 5.880   -3.816  5.647   1.00 20.48 ? 33  MET A CB  1 
ATOM   266  C  CG  . MET A 1 34  ? 6.835   -3.125  4.681   1.00 22.54 ? 33  MET A CG  1 
ATOM   267  S  SD  . MET A 1 34  ? 6.165   -1.526  4.143   1.00 28.75 ? 33  MET A SD  1 
ATOM   268  C  CE  . MET A 1 34  ? 7.165   -1.067  2.760   1.00 27.02 ? 33  MET A CE  1 
ATOM   269  N  N   . ALA A 1 35  ? 4.355   -5.917  7.340   1.00 22.06 ? 34  ALA A N   1 
ATOM   270  C  CA  . ALA A 1 35  ? 3.638   -6.335  8.536   1.00 21.78 ? 34  ALA A CA  1 
ATOM   271  C  C   . ALA A 1 35  ? 4.363   -7.455  9.286   1.00 23.69 ? 34  ALA A C   1 
ATOM   272  O  O   . ALA A 1 35  ? 4.700   -7.310  10.462  1.00 23.58 ? 34  ALA A O   1 
ATOM   273  C  CB  . ALA A 1 35  ? 2.251   -6.810  8.153   1.00 16.62 ? 34  ALA A CB  1 
ATOM   274  N  N   . PHE A 1 36  ? 4.733   -8.549  8.614   1.00 23.63 ? 35  PHE A N   1 
ATOM   275  C  CA  . PHE A 1 36  ? 5.411   -9.635  9.291   1.00 21.55 ? 35  PHE A CA  1 
ATOM   276  C  C   . PHE A 1 36  ? 6.863   -9.380  9.602   1.00 19.42 ? 35  PHE A C   1 
ATOM   277  O  O   . PHE A 1 36  ? 7.402   -10.054 10.468  1.00 21.17 ? 35  PHE A O   1 
ATOM   278  C  CB  . PHE A 1 36  ? 5.228   -10.900 8.461   1.00 22.70 ? 35  PHE A CB  1 
ATOM   279  C  CG  . PHE A 1 36  ? 3.812   -11.411 8.746   1.00 26.82 ? 35  PHE A CG  1 
ATOM   280  C  CD1 . PHE A 1 36  ? 3.553   -12.087 9.959   1.00 28.26 ? 35  PHE A CD1 1 
ATOM   281  C  CD2 . PHE A 1 36  ? 2.758   -11.164 7.835   1.00 26.45 ? 35  PHE A CD2 1 
ATOM   282  C  CE1 . PHE A 1 36  ? 2.250   -12.506 10.247  1.00 27.73 ? 35  PHE A CE1 1 
ATOM   283  C  CE2 . PHE A 1 36  ? 1.458   -11.589 8.135   1.00 26.77 ? 35  PHE A CE2 1 
ATOM   284  C  CZ  . PHE A 1 36  ? 1.210   -12.254 9.337   1.00 29.01 ? 35  PHE A CZ  1 
ATOM   285  N  N   . TYR A 1 37  ? 7.524   -8.392  8.991   1.00 20.29 ? 36  TYR A N   1 
ATOM   286  C  CA  . TYR A 1 37  ? 8.875   -7.998  9.386   1.00 20.40 ? 36  TYR A CA  1 
ATOM   287  C  C   . TYR A 1 37  ? 8.876   -7.369  10.780  1.00 21.77 ? 36  TYR A C   1 
ATOM   288  O  O   . TYR A 1 37  ? 9.717   -7.721  11.612  1.00 22.11 ? 36  TYR A O   1 
ATOM   289  C  CB  . TYR A 1 37  ? 9.428   -7.011  8.385   1.00 18.10 ? 36  TYR A CB  1 
ATOM   290  C  CG  . TYR A 1 37  ? 10.770  -6.432  8.780   1.00 19.10 ? 36  TYR A CG  1 
ATOM   291  C  CD1 . TYR A 1 37  ? 11.922  -7.226  8.724   1.00 21.93 ? 36  TYR A CD1 1 
ATOM   292  C  CD2 . TYR A 1 37  ? 10.841  -5.096  9.188   1.00 20.23 ? 36  TYR A CD2 1 
ATOM   293  C  CE1 . TYR A 1 37  ? 13.155  -6.671  9.078   1.00 24.10 ? 36  TYR A CE1 1 
ATOM   294  C  CE2 . TYR A 1 37  ? 12.062  -4.532  9.544   1.00 21.84 ? 36  TYR A CE2 1 
ATOM   295  C  CZ  . TYR A 1 37  ? 13.201  -5.331  9.478   1.00 24.47 ? 36  TYR A CZ  1 
ATOM   296  O  OH  . TYR A 1 37  ? 14.408  -4.772  9.788   1.00 30.54 ? 36  TYR A OH  1 
ATOM   297  N  N   . PHE A 1 38  ? 7.939   -6.451  11.064  1.00 21.03 ? 37  PHE A N   1 
ATOM   298  C  CA  . PHE A 1 38  ? 7.908   -5.801  12.368  1.00 20.64 ? 37  PHE A CA  1 
ATOM   299  C  C   . PHE A 1 38  ? 7.395   -6.722  13.480  1.00 21.48 ? 37  PHE A C   1 
ATOM   300  O  O   . PHE A 1 38  ? 7.582   -6.438  14.663  1.00 22.45 ? 37  PHE A O   1 
ATOM   301  C  CB  . PHE A 1 38  ? 7.060   -4.510  12.249  1.00 18.29 ? 37  PHE A CB  1 
ATOM   302  C  CG  . PHE A 1 38  ? 7.824   -3.409  11.518  1.00 18.57 ? 37  PHE A CG  1 
ATOM   303  C  CD1 . PHE A 1 38  ? 8.796   -2.659  12.187  1.00 19.60 ? 37  PHE A CD1 1 
ATOM   304  C  CD2 . PHE A 1 38  ? 7.604   -3.174  10.160  1.00 18.46 ? 37  PHE A CD2 1 
ATOM   305  C  CE1 . PHE A 1 38  ? 9.552   -1.708  11.488  1.00 21.19 ? 37  PHE A CE1 1 
ATOM   306  C  CE2 . PHE A 1 38  ? 8.364   -2.223  9.471   1.00 17.47 ? 37  PHE A CE2 1 
ATOM   307  C  CZ  . PHE A 1 38  ? 9.338   -1.489  10.131  1.00 18.68 ? 37  PHE A CZ  1 
ATOM   308  N  N   . ASP A 1 39  ? 6.780   -7.862  13.134  1.00 19.38 ? 38  ASP A N   1 
ATOM   309  C  CA  . ASP A 1 39  ? 6.344   -8.880  14.087  1.00 20.97 ? 38  ASP A CA  1 
ATOM   310  C  C   . ASP A 1 39  ? 7.494   -9.834  14.492  1.00 22.40 ? 38  ASP A C   1 
ATOM   311  O  O   . ASP A 1 39  ? 7.336   -10.645 15.408  1.00 22.20 ? 38  ASP A O   1 
ATOM   312  C  CB  . ASP A 1 39  ? 5.184   -9.638  13.433  1.00 24.33 ? 38  ASP A CB  1 
ATOM   313  C  CG  . ASP A 1 39  ? 4.672   -10.879 14.170  1.00 34.70 ? 38  ASP A CG  1 
ATOM   314  O  OD1 . ASP A 1 39  ? 4.048   -10.696 15.218  1.00 36.68 ? 38  ASP A OD1 1 
ATOM   315  O  OD2 . ASP A 1 39  ? 4.886   -12.013 13.695  1.00 32.05 ? 38  ASP A OD2 1 
ATOM   316  N  N   . ARG A 1 40  ? 8.668   -9.789  13.828  1.00 22.02 ? 39  ARG A N   1 
ATOM   317  C  CA  . ARG A 1 40  ? 9.816   -10.622 14.157  1.00 22.62 ? 39  ARG A CA  1 
ATOM   318  C  C   . ARG A 1 40  ? 10.259  -10.403 15.597  1.00 25.22 ? 39  ARG A C   1 
ATOM   319  O  O   . ARG A 1 40  ? 10.206  -9.266  16.062  1.00 22.85 ? 39  ARG A O   1 
ATOM   320  C  CB  . ARG A 1 40  ? 10.963  -10.281 13.228  1.00 21.53 ? 39  ARG A CB  1 
ATOM   321  C  CG  . ARG A 1 40  ? 10.860  -10.975 11.879  1.00 20.87 ? 39  ARG A CG  1 
ATOM   322  C  CD  . ARG A 1 40  ? 11.931  -10.421 10.963  1.00 25.44 ? 39  ARG A CD  1 
ATOM   323  N  NE  . ARG A 1 40  ? 13.284  -10.507 11.521  1.00 29.37 ? 39  ARG A NE  1 
ATOM   324  C  CZ  . ARG A 1 40  ? 14.375  -10.339 10.749  1.00 31.79 ? 39  ARG A CZ  1 
ATOM   325  N  NH1 . ARG A 1 40  ? 14.253  -10.090 9.448   1.00 30.11 ? 39  ARG A NH1 1 
ATOM   326  N  NH2 . ARG A 1 40  ? 15.611  -10.464 11.246  1.00 29.36 ? 39  ARG A NH2 1 
ATOM   327  N  N   . ASP A 1 41  ? 10.707  -11.434 16.342  1.00 24.97 ? 40  ASP A N   1 
ATOM   328  C  CA  . ASP A 1 41  ? 11.171  -11.256 17.720  1.00 26.52 ? 40  ASP A CA  1 
ATOM   329  C  C   . ASP A 1 41  ? 12.318  -10.246 17.865  1.00 26.87 ? 40  ASP A C   1 
ATOM   330  O  O   . ASP A 1 41  ? 12.557  -9.596  18.872  1.00 27.67 ? 40  ASP A O   1 
ATOM   331  C  CB  . ASP A 1 41  ? 11.616  -12.612 18.270  1.00 30.87 ? 40  ASP A CB  1 
ATOM   332  C  CG  . ASP A 1 41  ? 12.957  -13.118 17.724  1.00 38.04 ? 40  ASP A CG  1 
ATOM   333  O  OD1 . ASP A 1 41  ? 12.979  -13.772 16.675  1.00 37.45 ? 40  ASP A OD1 1 
ATOM   334  O  OD2 . ASP A 1 41  ? 13.985  -12.835 18.350  1.00 37.41 ? 40  ASP A OD2 1 
ATOM   335  N  N   . ASP A 1 42  ? 12.990  -10.232 16.739  1.00 25.50 ? 41  ASP A N   1 
ATOM   336  C  CA  . ASP A 1 42  ? 14.108  -9.492  16.213  1.00 30.19 ? 41  ASP A CA  1 
ATOM   337  C  C   . ASP A 1 42  ? 13.897  -7.968  16.169  1.00 26.50 ? 41  ASP A C   1 
ATOM   338  O  O   . ASP A 1 42  ? 14.804  -7.140  16.284  1.00 23.37 ? 41  ASP A O   1 
ATOM   339  C  CB  . ASP A 1 42  ? 14.234  -10.137 14.838  1.00 32.76 ? 41  ASP A CB  1 
ATOM   340  C  CG  . ASP A 1 42  ? 15.618  -10.300 14.332  1.00 39.21 ? 41  ASP A CG  1 
ATOM   341  O  OD1 . ASP A 1 42  ? 16.137  -9.341  13.787  1.00 45.71 ? 41  ASP A OD1 1 
ATOM   342  O  OD2 . ASP A 1 42  ? 16.169  -11.392 14.463  1.00 52.36 ? 41  ASP A OD2 1 
ATOM   343  N  N   . ILE A 1 43  ? 12.645  -7.639  15.818  1.00 24.91 ? 42  ILE A N   1 
ATOM   344  C  CA  . ILE A 1 43  ? 12.200  -6.287  15.518  1.00 23.76 ? 42  ILE A CA  1 
ATOM   345  C  C   . ILE A 1 43  ? 11.118  -5.908  16.508  1.00 23.28 ? 42  ILE A C   1 
ATOM   346  O  O   . ILE A 1 43  ? 11.290  -4.902  17.186  1.00 25.42 ? 42  ILE A O   1 
ATOM   347  C  CB  . ILE A 1 43  ? 11.663  -6.224  14.061  1.00 23.38 ? 42  ILE A CB  1 
ATOM   348  C  CG1 . ILE A 1 43  ? 12.711  -6.714  13.063  1.00 23.21 ? 42  ILE A CG1 1 
ATOM   349  C  CG2 . ILE A 1 43  ? 11.275  -4.791  13.743  1.00 21.59 ? 42  ILE A CG2 1 
ATOM   350  C  CD1 . ILE A 1 43  ? 14.001  -5.872  13.018  1.00 19.46 ? 42  ILE A CD1 1 
ATOM   351  N  N   . ALA A 1 44  ? 10.015  -6.657  16.607  1.00 22.28 ? 43  ALA A N   1 
ATOM   352  C  CA  . ALA A 1 44  ? 9.000   -6.495  17.655  1.00 23.21 ? 43  ALA A CA  1 
ATOM   353  C  C   . ALA A 1 44  ? 8.422   -5.091  17.911  1.00 22.33 ? 43  ALA A C   1 
ATOM   354  O  O   . ALA A 1 44  ? 8.580   -4.490  18.978  1.00 22.12 ? 43  ALA A O   1 
ATOM   355  C  CB  . ALA A 1 44  ? 9.600   -7.061  18.969  1.00 18.68 ? 43  ALA A CB  1 
ATOM   356  N  N   . LEU A 1 45  ? 7.810   -4.493  16.879  1.00 22.36 ? 44  LEU A N   1 
ATOM   357  C  CA  . LEU A 1 45  ? 7.103   -3.215  17.014  1.00 22.22 ? 44  LEU A CA  1 
ATOM   358  C  C   . LEU A 1 45  ? 5.725   -3.589  16.496  1.00 21.39 ? 44  LEU A C   1 
ATOM   359  O  O   . LEU A 1 45  ? 5.408   -3.419  15.316  1.00 21.38 ? 44  LEU A O   1 
ATOM   360  C  CB  . LEU A 1 45  ? 7.790   -2.128  16.149  1.00 20.24 ? 44  LEU A CB  1 
ATOM   361  C  CG  . LEU A 1 45  ? 9.177   -1.668  16.624  1.00 20.92 ? 44  LEU A CG  1 
ATOM   362  C  CD1 . LEU A 1 45  ? 9.901   -0.937  15.513  1.00 18.25 ? 44  LEU A CD1 1 
ATOM   363  C  CD2 . LEU A 1 45  ? 9.009   -0.823  17.873  1.00 20.06 ? 44  LEU A CD2 1 
ATOM   364  N  N   . HIS A 1 46  ? 4.916   -4.154  17.415  1.00 19.97 ? 45  HIS A N   1 
ATOM   365  C  CA  . HIS A 1 46  ? 3.617   -4.711  17.055  1.00 22.22 ? 45  HIS A CA  1 
ATOM   366  C  C   . HIS A 1 46  ? 2.521   -3.768  16.605  1.00 18.98 ? 45  HIS A C   1 
ATOM   367  O  O   . HIS A 1 46  ? 1.653   -4.188  15.839  1.00 20.14 ? 45  HIS A O   1 
ATOM   368  C  CB  . HIS A 1 46  ? 3.115   -5.587  18.219  1.00 27.11 ? 45  HIS A CB  1 
ATOM   369  C  CG  . HIS A 1 46  ? 3.953   -6.882  18.258  1.00 38.69 ? 45  HIS A CG  1 
ATOM   370  N  ND1 . HIS A 1 46  ? 4.040   -7.842  17.311  1.00 41.70 ? 45  HIS A ND1 1 
ATOM   371  C  CD2 . HIS A 1 46  ? 4.802   -7.238  19.293  1.00 39.29 ? 45  HIS A CD2 1 
ATOM   372  C  CE1 . HIS A 1 46  ? 4.908   -8.733  17.763  1.00 41.89 ? 45  HIS A CE1 1 
ATOM   373  N  NE2 . HIS A 1 46  ? 5.365   -8.374  18.946  1.00 39.64 ? 45  HIS A NE2 1 
ATOM   374  N  N   . ASN A 1 47  ? 2.556   -2.494  16.992  1.00 18.39 ? 46  ASN A N   1 
ATOM   375  C  CA  . ASN A 1 47  ? 1.568   -1.585  16.454  1.00 18.32 ? 46  ASN A CA  1 
ATOM   376  C  C   . ASN A 1 47  ? 1.976   -1.125  15.078  1.00 18.87 ? 46  ASN A C   1 
ATOM   377  O  O   . ASN A 1 47  ? 1.087   -0.902  14.269  1.00 20.81 ? 46  ASN A O   1 
ATOM   378  C  CB  . ASN A 1 47  ? 1.418   -0.418  17.356  1.00 17.51 ? 46  ASN A CB  1 
ATOM   379  C  CG  . ASN A 1 47  ? 0.819   -0.832  18.679  1.00 21.91 ? 46  ASN A CG  1 
ATOM   380  O  OD1 . ASN A 1 47  ? 1.182   -0.283  19.712  1.00 27.33 ? 46  ASN A OD1 1 
ATOM   381  N  ND2 . ASN A 1 47  ? -0.102  -1.793  18.707  1.00 21.25 ? 46  ASN A ND2 1 
ATOM   382  N  N   . VAL A 1 48  ? 3.275   -0.990  14.759  1.00 19.15 ? 47  VAL A N   1 
ATOM   383  C  CA  . VAL A 1 48  ? 3.731   -0.716  13.391  1.00 19.27 ? 47  VAL A CA  1 
ATOM   384  C  C   . VAL A 1 48  ? 3.314   -1.906  12.534  1.00 20.21 ? 47  VAL A C   1 
ATOM   385  O  O   . VAL A 1 48  ? 2.774   -1.687  11.454  1.00 21.32 ? 47  VAL A O   1 
ATOM   386  C  CB  . VAL A 1 48  ? 5.269   -0.550  13.348  1.00 18.56 ? 47  VAL A CB  1 
ATOM   387  C  CG1 . VAL A 1 48  ? 5.751   -0.337  11.926  1.00 19.27 ? 47  VAL A CG1 1 
ATOM   388  C  CG2 . VAL A 1 48  ? 5.675   0.685   14.135  1.00 16.41 ? 47  VAL A CG2 1 
ATOM   389  N  N   . ALA A 1 49  ? 3.501   -3.165  13.003  1.00 20.41 ? 48  ALA A N   1 
ATOM   390  C  CA  . ALA A 1 49  ? 3.105   -4.365  12.270  1.00 19.75 ? 48  ALA A CA  1 
ATOM   391  C  C   . ALA A 1 49  ? 1.606   -4.396  11.988  1.00 24.02 ? 48  ALA A C   1 
ATOM   392  O  O   . ALA A 1 49  ? 1.175   -4.725  10.872  1.00 22.72 ? 48  ALA A O   1 
ATOM   393  C  CB  . ALA A 1 49  ? 3.444   -5.636  13.051  1.00 18.68 ? 48  ALA A CB  1 
ATOM   394  N  N   . LYS A 1 50  ? 0.806   -3.995  12.990  1.00 23.33 ? 49  LYS A N   1 
ATOM   395  C  CA  . LYS A 1 50  ? -0.637  -4.001  12.858  1.00 25.69 ? 49  LYS A CA  1 
ATOM   396  C  C   . LYS A 1 50  ? -1.090  -2.980  11.822  1.00 23.38 ? 49  LYS A C   1 
ATOM   397  O  O   . LYS A 1 50  ? -2.001  -3.291  11.049  1.00 22.36 ? 49  LYS A O   1 
ATOM   398  C  CB  . LYS A 1 50  ? -1.236  -3.712  14.212  1.00 31.03 ? 49  LYS A CB  1 
ATOM   399  C  CG  . LYS A 1 50  ? -2.709  -4.023  14.285  1.00 45.06 ? 49  LYS A CG  1 
ATOM   400  C  CD  . LYS A 1 50  ? -3.136  -3.734  15.715  1.00 56.42 ? 49  LYS A CD  1 
ATOM   401  C  CE  . LYS A 1 50  ? -4.610  -4.057  15.920  1.00 64.40 ? 49  LYS A CE  1 
ATOM   402  N  NZ  . LYS A 1 50  ? -4.931  -3.933  17.333  1.00 67.85 ? 49  LYS A NZ  1 
ATOM   403  N  N   . PHE A 1 51  ? -0.440  -1.814  11.742  1.00 18.31 ? 50  PHE A N   1 
ATOM   404  C  CA  . PHE A 1 51  ? -0.740  -0.821  10.729  1.00 20.64 ? 50  PHE A CA  1 
ATOM   405  C  C   . PHE A 1 51  ? -0.508  -1.320  9.291   1.00 21.08 ? 50  PHE A C   1 
ATOM   406  O  O   . PHE A 1 51  ? -1.364  -1.142  8.407   1.00 19.61 ? 50  PHE A O   1 
ATOM   407  C  CB  . PHE A 1 51  ? 0.112   0.412   10.998  1.00 21.00 ? 50  PHE A CB  1 
ATOM   408  C  CG  . PHE A 1 51  ? 0.044   1.476   9.903   1.00 26.27 ? 50  PHE A CG  1 
ATOM   409  C  CD1 . PHE A 1 51  ? -1.106  2.277   9.746   1.00 26.93 ? 50  PHE A CD1 1 
ATOM   410  C  CD2 . PHE A 1 51  ? 1.136   1.640   9.037   1.00 26.96 ? 50  PHE A CD2 1 
ATOM   411  C  CE1 . PHE A 1 51  ? -1.144  3.244   8.731   1.00 26.35 ? 50  PHE A CE1 1 
ATOM   412  C  CE2 . PHE A 1 51  ? 1.078   2.610   8.032   1.00 26.13 ? 50  PHE A CE2 1 
ATOM   413  C  CZ  . PHE A 1 51  ? -0.056  3.410   7.877   1.00 25.75 ? 50  PHE A CZ  1 
ATOM   414  N  N   . PHE A 1 52  ? 0.648   -1.967  9.060   1.00 18.82 ? 51  PHE A N   1 
ATOM   415  C  CA  . PHE A 1 52  ? 0.970   -2.491  7.742   1.00 20.64 ? 51  PHE A CA  1 
ATOM   416  C  C   . PHE A 1 52  ? 0.060   -3.644  7.354   1.00 21.22 ? 51  PHE A C   1 
ATOM   417  O  O   . PHE A 1 52  ? -0.266  -3.787  6.173   1.00 21.17 ? 51  PHE A O   1 
ATOM   418  C  CB  . PHE A 1 52  ? 2.453   -2.923  7.710   1.00 18.28 ? 51  PHE A CB  1 
ATOM   419  C  CG  . PHE A 1 52  ? 3.389   -1.716  7.639   1.00 20.34 ? 51  PHE A CG  1 
ATOM   420  C  CD1 . PHE A 1 52  ? 3.129   -0.676  6.738   1.00 21.24 ? 51  PHE A CD1 1 
ATOM   421  C  CD2 . PHE A 1 52  ? 4.484   -1.623  8.491   1.00 18.68 ? 51  PHE A CD2 1 
ATOM   422  C  CE1 . PHE A 1 52  ? 3.953   0.451   6.698   1.00 21.47 ? 51  PHE A CE1 1 
ATOM   423  C  CE2 . PHE A 1 52  ? 5.306   -0.489  8.443   1.00 21.73 ? 51  PHE A CE2 1 
ATOM   424  C  CZ  . PHE A 1 52  ? 5.045   0.555   7.552   1.00 22.24 ? 51  PHE A CZ  1 
ATOM   425  N  N   . LYS A 1 53  ? -0.424  -4.452  8.307   1.00 21.69 ? 52  LYS A N   1 
ATOM   426  C  CA  . LYS A 1 53  ? -1.351  -5.530  7.981   1.00 24.92 ? 52  LYS A CA  1 
ATOM   427  C  C   . LYS A 1 53  ? -2.707  -5.012  7.518   1.00 25.25 ? 52  LYS A C   1 
ATOM   428  O  O   . LYS A 1 53  ? -3.265  -5.573  6.570   1.00 25.76 ? 52  LYS A O   1 
ATOM   429  C  CB  . LYS A 1 53  ? -1.532  -6.427  9.193   1.00 25.57 ? 52  LYS A CB  1 
ATOM   430  C  CG  . LYS A 1 53  ? -2.299  -7.669  8.836   1.00 33.18 ? 52  LYS A CG  1 
ATOM   431  C  CD  . LYS A 1 53  ? -2.037  -8.682  9.928   1.00 47.99 ? 52  LYS A CD  1 
ATOM   432  C  CE  . LYS A 1 53  ? -3.025  -9.835  9.766   1.00 57.26 ? 52  LYS A CE  1 
ATOM   433  N  NZ  . LYS A 1 53  ? -2.656  -11.036 10.515  1.00 63.03 ? 52  LYS A NZ  1 
ATOM   434  N  N   . GLU A 1 54  ? -3.284  -3.954  8.113   1.00 25.42 ? 53  GLU A N   1 
ATOM   435  C  CA  . GLU A 1 54  ? -4.570  -3.513  7.603   1.00 28.06 ? 53  GLU A CA  1 
ATOM   436  C  C   . GLU A 1 54  ? -4.331  -2.649  6.373   1.00 25.20 ? 53  GLU A C   1 
ATOM   437  O  O   . GLU A 1 54  ? -5.220  -2.569  5.544   1.00 25.76 ? 53  GLU A O   1 
ATOM   438  C  CB  . GLU A 1 54  ? -5.371  -2.755  8.687   1.00 34.07 ? 53  GLU A CB  1 
ATOM   439  C  CG  . GLU A 1 54  ? -4.791  -1.551  9.128   1.00 41.41 ? 53  GLU A CG  1 
ATOM   440  N  N   . GLN A 1 55  ? -3.158  -2.041  6.161   1.00 21.84 ? 54  GLN A N   1 
ATOM   441  C  CA  . GLN A 1 55  ? -2.840  -1.374  4.910   1.00 23.49 ? 54  GLN A CA  1 
ATOM   442  C  C   . GLN A 1 55  ? -2.810  -2.407  3.753   1.00 24.14 ? 54  GLN A C   1 
ATOM   443  O  O   . GLN A 1 55  ? -3.255  -2.165  2.616   1.00 23.70 ? 54  GLN A O   1 
ATOM   444  C  CB  . GLN A 1 55  ? -1.510  -0.706  5.161   1.00 27.11 ? 54  GLN A CB  1 
ATOM   445  C  CG  . GLN A 1 55  ? -1.366  0.709   4.692   1.00 33.62 ? 54  GLN A CG  1 
ATOM   446  C  CD  . GLN A 1 55  ? -2.574  1.582   4.974   1.00 35.60 ? 54  GLN A CD  1 
ATOM   447  O  OE1 . GLN A 1 55  ? -3.083  2.158   4.018   1.00 44.69 ? 54  GLN A OE1 1 
ATOM   448  N  NE2 . GLN A 1 55  ? -3.096  1.697   6.203   1.00 34.95 ? 54  GLN A NE2 1 
ATOM   449  N  N   . SER A 1 56  ? -2.305  -3.614  4.078   1.00 20.18 ? 55  SER A N   1 
ATOM   450  C  CA  . SER A 1 56  ? -2.252  -4.737  3.167   1.00 20.50 ? 55  SER A CA  1 
ATOM   451  C  C   . SER A 1 56  ? -3.671  -5.114  2.812   1.00 24.66 ? 55  SER A C   1 
ATOM   452  O  O   . SER A 1 56  ? -3.959  -5.350  1.635   1.00 25.94 ? 55  SER A O   1 
ATOM   453  C  CB  . SER A 1 56  ? -1.587  -5.929  3.809   1.00 20.15 ? 55  SER A CB  1 
ATOM   454  O  OG  . SER A 1 56  ? -1.590  -7.029  2.918   1.00 19.04 ? 55  SER A OG  1 
ATOM   455  N  N   . HIS A 1 57  ? -4.567  -5.147  3.811   1.00 25.32 ? 56  HIS A N   1 
ATOM   456  C  CA  . HIS A 1 57  ? -5.961  -5.475  3.548   1.00 29.52 ? 56  HIS A CA  1 
ATOM   457  C  C   . HIS A 1 57  ? -6.670  -4.395  2.742   1.00 26.35 ? 56  HIS A C   1 
ATOM   458  O  O   . HIS A 1 57  ? -7.430  -4.725  1.834   1.00 27.16 ? 56  HIS A O   1 
ATOM   459  C  CB  . HIS A 1 57  ? -6.687  -5.724  4.879   1.00 37.75 ? 56  HIS A CB  1 
ATOM   460  C  CG  . HIS A 1 57  ? -6.165  -7.007  5.534   1.00 53.60 ? 56  HIS A CG  1 
ATOM   461  N  ND1 . HIS A 1 57  ? -5.316  -7.898  5.008   1.00 57.48 ? 56  HIS A ND1 1 
ATOM   462  C  CD2 . HIS A 1 57  ? -6.476  -7.425  6.808   1.00 57.10 ? 56  HIS A CD2 1 
ATOM   463  C  CE1 . HIS A 1 57  ? -5.112  -8.816  5.917   1.00 59.34 ? 56  HIS A CE1 1 
ATOM   464  N  NE2 . HIS A 1 57  ? -5.806  -8.534  6.996   1.00 61.28 ? 56  HIS A NE2 1 
ATOM   465  N  N   . GLU A 1 58  ? -6.386  -3.123  3.004   1.00 23.11 ? 57  GLU A N   1 
ATOM   466  C  CA  . GLU A 1 58  ? -6.949  -1.990  2.296   1.00 26.51 ? 57  GLU A CA  1 
ATOM   467  C  C   . GLU A 1 58  ? -6.575  -2.091  0.823   1.00 26.22 ? 57  GLU A C   1 
ATOM   468  O  O   . GLU A 1 58  ? -7.469  -1.984  -0.017  1.00 24.47 ? 57  GLU A O   1 
ATOM   469  C  CB  . GLU A 1 58  ? -6.402  -0.696  2.937   1.00 32.61 ? 57  GLU A CB  1 
ATOM   470  C  CG  . GLU A 1 58  ? -6.967  0.657   2.449   1.00 47.47 ? 57  GLU A CG  1 
ATOM   471  C  CD  . GLU A 1 58  ? -6.324  1.930   3.040   1.00 53.85 ? 57  GLU A CD  1 
ATOM   472  O  OE1 . GLU A 1 58  ? -6.407  2.129   4.258   1.00 59.77 ? 57  GLU A OE1 1 
ATOM   473  O  OE2 . GLU A 1 58  ? -5.764  2.738   2.285   1.00 55.35 ? 57  GLU A OE2 1 
ATOM   474  N  N   . GLU A 1 59  ? -5.303  -2.335  0.457   1.00 25.05 ? 58  GLU A N   1 
ATOM   475  C  CA  . GLU A 1 59  ? -4.943  -2.456  -0.952  1.00 22.46 ? 58  GLU A CA  1 
ATOM   476  C  C   . GLU A 1 59  ? -5.568  -3.670  -1.624  1.00 22.13 ? 58  GLU A C   1 
ATOM   477  O  O   . GLU A 1 59  ? -5.978  -3.567  -2.785  1.00 23.96 ? 58  GLU A O   1 
ATOM   478  C  CB  . GLU A 1 59  ? -3.430  -2.524  -1.133  1.00 22.53 ? 58  GLU A CB  1 
ATOM   479  C  CG  . GLU A 1 59  ? -2.632  -1.336  -0.616  1.00 26.10 ? 58  GLU A CG  1 
ATOM   480  C  CD  . GLU A 1 59  ? -3.154  0.082   -0.869  1.00 34.16 ? 58  GLU A CD  1 
ATOM   481  O  OE1 . GLU A 1 59  ? -3.399  0.493   -1.997  1.00 36.24 ? 58  GLU A OE1 1 
ATOM   482  O  OE2 . GLU A 1 59  ? -3.300  0.829   0.092   1.00 39.88 ? 58  GLU A OE2 1 
ATOM   483  N  N   . ARG A 1 60  ? -5.704  -4.810  -0.937  1.00 20.10 ? 59  ARG A N   1 
ATOM   484  C  CA  . ARG A 1 60  ? -6.366  -5.952  -1.525  1.00 24.74 ? 59  ARG A CA  1 
ATOM   485  C  C   . ARG A 1 60  ? -7.843  -5.619  -1.786  1.00 27.26 ? 59  ARG A C   1 
ATOM   486  O  O   . ARG A 1 60  ? -8.424  -6.039  -2.801  1.00 27.78 ? 59  ARG A O   1 
ATOM   487  C  CB  . ARG A 1 60  ? -6.270  -7.151  -0.608  1.00 24.47 ? 59  ARG A CB  1 
ATOM   488  C  CG  . ARG A 1 60  ? -6.736  -8.362  -1.408  1.00 32.03 ? 59  ARG A CG  1 
ATOM   489  C  CD  . ARG A 1 60  ? -7.010  -9.527  -0.502  1.00 44.84 ? 59  ARG A CD  1 
ATOM   490  N  NE  . ARG A 1 60  ? -8.395  -9.442  -0.068  1.00 56.39 ? 59  ARG A NE  1 
ATOM   491  C  CZ  . ARG A 1 60  ? -8.759  -9.164  1.192   1.00 58.66 ? 59  ARG A CZ  1 
ATOM   492  N  NH1 . ARG A 1 60  ? -7.868  -8.941  2.162   1.00 59.72 ? 59  ARG A NH1 1 
ATOM   493  N  NH2 . ARG A 1 60  ? -10.054 -9.117  1.470   1.00 61.19 ? 59  ARG A NH2 1 
ATOM   494  N  N   . GLU A 1 61  ? -8.470  -4.838  -0.899  1.00 26.46 ? 60  GLU A N   1 
ATOM   495  C  CA  . GLU A 1 61  ? -9.843  -4.410  -1.121  1.00 27.91 ? 60  GLU A CA  1 
ATOM   496  C  C   . GLU A 1 61  ? -9.978  -3.516  -2.345  1.00 24.36 ? 60  GLU A C   1 
ATOM   497  O  O   . GLU A 1 61  ? -10.904 -3.728  -3.129  1.00 25.19 ? 60  GLU A O   1 
ATOM   498  C  CB  . GLU A 1 61  ? -10.382 -3.677  0.111   1.00 31.83 ? 60  GLU A CB  1 
ATOM   499  C  CG  . GLU A 1 61  ? -10.873 -4.654  1.179   1.00 46.55 ? 60  GLU A CG  1 
ATOM   500  C  CD  . GLU A 1 61  ? -11.939 -5.651  0.691   1.00 55.38 ? 60  GLU A CD  1 
ATOM   501  O  OE1 . GLU A 1 61  ? -12.965 -5.201  0.162   1.00 58.25 ? 60  GLU A OE1 1 
ATOM   502  O  OE2 . GLU A 1 61  ? -11.745 -6.869  0.823   1.00 57.31 ? 60  GLU A OE2 1 
ATOM   503  N  N   . HIS A 1 62  ? -9.065  -2.566  -2.580  1.00 24.63 ? 61  HIS A N   1 
ATOM   504  C  CA  . HIS A 1 62  ? -9.084  -1.748  -3.790  1.00 27.71 ? 61  HIS A CA  1 
ATOM   505  C  C   . HIS A 1 62  ? -9.003  -2.609  -5.047  1.00 27.06 ? 61  HIS A C   1 
ATOM   506  O  O   . HIS A 1 62  ? -9.798  -2.423  -5.965  1.00 26.72 ? 61  HIS A O   1 
ATOM   507  C  CB  . HIS A 1 62  ? -7.919  -0.788  -3.853  1.00 28.16 ? 61  HIS A CB  1 
ATOM   508  C  CG  . HIS A 1 62  ? -7.886  0.241   -2.744  1.00 37.91 ? 61  HIS A CG  1 
ATOM   509  N  ND1 . HIS A 1 62  ? -6.788  0.739   -2.186  1.00 42.70 ? 61  HIS A ND1 1 
ATOM   510  C  CD2 . HIS A 1 62  ? -8.979  0.808   -2.142  1.00 41.83 ? 61  HIS A CD2 1 
ATOM   511  C  CE1 . HIS A 1 62  ? -7.181  1.586   -1.271  1.00 43.06 ? 61  HIS A CE1 1 
ATOM   512  N  NE2 . HIS A 1 62  ? -8.496  1.622   -1.244  1.00 44.25 ? 61  HIS A NE2 1 
ATOM   513  N  N   . ALA A 1 63  ? -8.081  -3.579  -5.087  1.00 25.98 ? 62  ALA A N   1 
ATOM   514  C  CA  . ALA A 1 63  ? -7.969  -4.510  -6.212  1.00 25.91 ? 62  ALA A CA  1 
ATOM   515  C  C   . ALA A 1 63  ? -9.271  -5.271  -6.494  1.00 25.09 ? 62  ALA A C   1 
ATOM   516  O  O   . ALA A 1 63  ? -9.662  -5.400  -7.658  1.00 25.56 ? 62  ALA A O   1 
ATOM   517  C  CB  . ALA A 1 63  ? -6.875  -5.542  -5.946  1.00 21.34 ? 62  ALA A CB  1 
ATOM   518  N  N   . GLU A 1 64  ? -9.980  -5.748  -5.455  1.00 22.87 ? 63  GLU A N   1 
ATOM   519  C  CA  . GLU A 1 64  ? -11.248 -6.428  -5.648  1.00 24.32 ? 63  GLU A CA  1 
ATOM   520  C  C   . GLU A 1 64  ? -12.330 -5.482  -6.158  1.00 24.07 ? 63  GLU A C   1 
ATOM   521  O  O   . GLU A 1 64  ? -13.139 -5.892  -6.994  1.00 23.79 ? 63  GLU A O   1 
ATOM   522  C  CB  . GLU A 1 64  ? -11.694 -7.062  -4.341  1.00 27.62 ? 63  GLU A CB  1 
ATOM   523  C  CG  . GLU A 1 64  ? -10.895 -8.328  -4.020  1.00 28.86 ? 63  GLU A CG  1 
ATOM   524  C  CD  . GLU A 1 64  ? -11.260 -9.079  -2.746  1.00 32.39 ? 63  GLU A CD  1 
ATOM   525  O  OE1 . GLU A 1 64  ? -12.288 -8.813  -2.136  1.00 35.19 ? 63  GLU A OE1 1 
ATOM   526  O  OE2 . GLU A 1 64  ? -10.491 -9.952  -2.360  1.00 38.07 ? 63  GLU A OE2 1 
ATOM   527  N  N   . LYS A 1 65  ? -12.328 -4.212  -5.710  1.00 24.42 ? 64  LYS A N   1 
ATOM   528  C  CA  . LYS A 1 65  ? -13.303 -3.222  -6.184  1.00 25.82 ? 64  LYS A CA  1 
ATOM   529  C  C   . LYS A 1 65  ? -13.091 -2.891  -7.675  1.00 27.03 ? 64  LYS A C   1 
ATOM   530  O  O   . LYS A 1 65  ? -14.072 -2.803  -8.425  1.00 26.90 ? 64  LYS A O   1 
ATOM   531  C  CB  . LYS A 1 65  ? -13.186 -1.945  -5.342  1.00 25.24 ? 64  LYS A CB  1 
ATOM   532  N  N   . LEU A 1 66  ? -11.829 -2.773  -8.148  1.00 24.37 ? 65  LEU A N   1 
ATOM   533  C  CA  . LEU A 1 66  ? -11.523 -2.576  -9.564  1.00 24.37 ? 65  LEU A CA  1 
ATOM   534  C  C   . LEU A 1 66  ? -11.959 -3.780  -10.371 1.00 23.75 ? 65  LEU A C   1 
ATOM   535  O  O   . LEU A 1 66  ? -12.485 -3.604  -11.468 1.00 26.62 ? 65  LEU A O   1 
ATOM   536  C  CB  . LEU A 1 66  ? -10.041 -2.378  -9.783  1.00 24.91 ? 65  LEU A CB  1 
ATOM   537  C  CG  . LEU A 1 66  ? -9.447  -1.098  -9.230  1.00 28.17 ? 65  LEU A CG  1 
ATOM   538  C  CD1 . LEU A 1 66  ? -7.952  -1.226  -9.026  1.00 28.59 ? 65  LEU A CD1 1 
ATOM   539  C  CD2 . LEU A 1 66  ? -9.756  0.003   -10.206 1.00 30.25 ? 65  LEU A CD2 1 
ATOM   540  N  N   . MET A 1 67  ? -11.791 -5.000  -9.844  1.00 20.88 ? 66  MET A N   1 
ATOM   541  C  CA  . MET A 1 67  ? -12.243 -6.180  -10.553 1.00 22.99 ? 66  MET A CA  1 
ATOM   542  C  C   . MET A 1 67  ? -13.763 -6.188  -10.700 1.00 23.47 ? 66  MET A C   1 
ATOM   543  O  O   . MET A 1 67  ? -14.293 -6.546  -11.751 1.00 21.71 ? 66  MET A O   1 
ATOM   544  C  CB  . MET A 1 67  ? -11.745 -7.412  -9.807  1.00 21.17 ? 66  MET A CB  1 
ATOM   545  C  CG  . MET A 1 67  ? -10.234 -7.650  -9.960  1.00 21.03 ? 66  MET A CG  1 
ATOM   546  S  SD  . MET A 1 67  ? -9.610  -8.939  -8.837  1.00 25.08 ? 66  MET A SD  1 
ATOM   547  C  CE  . MET A 1 67  ? -9.864  -10.354 -9.846  1.00 24.54 ? 66  MET A CE  1 
ATOM   548  N  N   . LYS A 1 68  ? -14.468 -5.756  -9.647  1.00 25.63 ? 67  LYS A N   1 
ATOM   549  C  CA  . LYS A 1 68  ? -15.919 -5.576  -9.635  1.00 29.07 ? 67  LYS A CA  1 
ATOM   550  C  C   . LYS A 1 68  ? -16.329 -4.587  -10.727 1.00 30.52 ? 67  LYS A C   1 
ATOM   551  O  O   . LYS A 1 68  ? -17.242 -4.860  -11.512 1.00 28.43 ? 67  LYS A O   1 
ATOM   552  C  CB  . LYS A 1 68  ? -16.379 -5.010  -8.302  1.00 29.97 ? 67  LYS A CB  1 
ATOM   553  C  CG  . LYS A 1 68  ? -17.412 -5.820  -7.575  1.00 38.56 ? 67  LYS A CG  1 
ATOM   554  C  CD  . LYS A 1 68  ? -18.786 -5.812  -8.203  1.00 46.31 ? 67  LYS A CD  1 
ATOM   555  C  CE  . LYS A 1 68  ? -19.549 -6.940  -7.491  1.00 52.38 ? 67  LYS A CE  1 
ATOM   556  N  NZ  . LYS A 1 68  ? -20.858 -7.175  -8.068  1.00 52.93 ? 67  LYS A NZ  1 
ATOM   557  N  N   . ASP A 1 69  ? -15.608 -3.452  -10.777 1.00 30.86 ? 68  ASP A N   1 
ATOM   558  C  CA  . ASP A 1 69  ? -15.859 -2.408  -11.756 1.00 35.04 ? 68  ASP A CA  1 
ATOM   559  C  C   . ASP A 1 69  ? -15.623 -2.889  -13.154 1.00 33.29 ? 68  ASP A C   1 
ATOM   560  O  O   . ASP A 1 69  ? -16.435 -2.576  -14.017 1.00 34.80 ? 68  ASP A O   1 
ATOM   561  C  CB  . ASP A 1 69  ? -14.983 -1.165  -11.537 1.00 40.39 ? 68  ASP A CB  1 
ATOM   562  C  CG  . ASP A 1 69  ? -15.398 -0.325  -10.320 1.00 52.59 ? 68  ASP A CG  1 
ATOM   563  O  OD1 . ASP A 1 69  ? -16.521 -0.488  -9.820  1.00 57.17 ? 68  ASP A OD1 1 
ATOM   564  O  OD2 . ASP A 1 69  ? -14.593 0.498   -9.857  1.00 56.24 ? 68  ASP A OD2 1 
ATOM   565  N  N   . GLN A 1 70  ? -14.578 -3.687  -13.377 1.00 31.21 ? 69  GLN A N   1 
ATOM   566  C  CA  . GLN A 1 70  ? -14.280 -4.262  -14.683 1.00 30.00 ? 69  GLN A CA  1 
ATOM   567  C  C   . GLN A 1 70  ? -15.445 -5.120  -15.186 1.00 29.90 ? 69  GLN A C   1 
ATOM   568  O  O   . GLN A 1 70  ? -15.924 -4.891  -16.305 1.00 31.34 ? 69  GLN A O   1 
ATOM   569  C  CB  . GLN A 1 70  ? -13.004 -5.106  -14.573 1.00 32.75 ? 69  GLN A CB  1 
ATOM   570  C  CG  . GLN A 1 70  ? -12.466 -5.714  -15.870 1.00 31.57 ? 69  GLN A CG  1 
ATOM   571  C  CD  . GLN A 1 70  ? -11.728 -4.714  -16.732 1.00 34.33 ? 69  GLN A CD  1 
ATOM   572  O  OE1 . GLN A 1 70  ? -12.332 -3.854  -17.374 1.00 32.87 ? 69  GLN A OE1 1 
ATOM   573  N  NE2 . GLN A 1 70  ? -10.398 -4.819  -16.733 1.00 30.81 ? 69  GLN A NE2 1 
ATOM   574  N  N   . ASN A 1 71  ? -15.946 -6.090  -14.401 1.00 26.92 ? 70  ASN A N   1 
ATOM   575  C  CA  . ASN A 1 71  ? -17.128 -6.861  -14.790 1.00 26.57 ? 70  ASN A CA  1 
ATOM   576  C  C   . ASN A 1 71  ? -18.390 -6.023  -14.992 1.00 27.33 ? 70  ASN A C   1 
ATOM   577  O  O   . ASN A 1 71  ? -19.145 -6.289  -15.923 1.00 28.18 ? 70  ASN A O   1 
ATOM   578  C  CB  . ASN A 1 71  ? -17.440 -7.920  -13.743 1.00 25.08 ? 70  ASN A CB  1 
ATOM   579  C  CG  . ASN A 1 71  ? -16.529 -9.131  -13.826 1.00 27.67 ? 70  ASN A CG  1 
ATOM   580  O  OD1 . ASN A 1 71  ? -15.833 -9.352  -14.819 1.00 29.59 ? 70  ASN A OD1 1 
ATOM   581  N  ND2 . ASN A 1 71  ? -16.524 -9.947  -12.773 1.00 23.89 ? 70  ASN A ND2 1 
ATOM   582  N  N   . LYS A 1 72  ? -18.634 -5.014  -14.132 1.00 30.90 ? 71  LYS A N   1 
ATOM   583  C  CA  . LYS A 1 72  ? -19.786 -4.119  -14.237 1.00 34.67 ? 71  LYS A CA  1 
ATOM   584  C  C   . LYS A 1 72  ? -19.851 -3.465  -15.611 1.00 34.91 ? 71  LYS A C   1 
ATOM   585  O  O   . LYS A 1 72  ? -20.900 -3.455  -16.247 1.00 35.11 ? 71  LYS A O   1 
ATOM   586  C  CB  . LYS A 1 72  ? -19.758 -2.970  -13.235 1.00 36.38 ? 71  LYS A CB  1 
ATOM   587  C  CG  . LYS A 1 72  ? -20.205 -3.293  -11.821 1.00 47.63 ? 71  LYS A CG  1 
ATOM   588  C  CD  . LYS A 1 72  ? -20.682 -2.026  -11.077 1.00 52.79 ? 71  LYS A CD  1 
ATOM   589  C  CE  . LYS A 1 72  ? -19.623 -0.915  -11.006 1.00 57.89 ? 71  LYS A CE  1 
ATOM   590  N  NZ  . LYS A 1 72  ? -20.114 0.270   -10.324 1.00 61.47 ? 71  LYS A NZ  1 
ATOM   591  N  N   . ARG A 1 73  ? -18.706 -2.981  -16.092 1.00 33.44 ? 72  ARG A N   1 
ATOM   592  C  CA  . ARG A 1 73  ? -18.591 -2.321  -17.376 1.00 32.86 ? 72  ARG A CA  1 
ATOM   593  C  C   . ARG A 1 73  ? -18.473 -3.287  -18.561 1.00 31.49 ? 72  ARG A C   1 
ATOM   594  O  O   . ARG A 1 73  ? -18.504 -2.860  -19.714 1.00 30.36 ? 72  ARG A O   1 
ATOM   595  C  CB  . ARG A 1 73  ? -17.388 -1.398  -17.291 1.00 36.97 ? 72  ARG A CB  1 
ATOM   596  C  CG  . ARG A 1 73  ? -17.403 -0.360  -16.153 1.00 47.23 ? 72  ARG A CG  1 
ATOM   597  C  CD  . ARG A 1 73  ? -18.332 0.833   -16.361 1.00 59.72 ? 72  ARG A CD  1 
ATOM   598  N  NE  . ARG A 1 73  ? -17.618 1.962   -16.965 1.00 70.49 ? 72  ARG A NE  1 
ATOM   599  C  CZ  . ARG A 1 73  ? -17.803 2.388   -18.238 1.00 72.69 ? 72  ARG A CZ  1 
ATOM   600  N  NH1 . ARG A 1 73  ? -18.679 1.817   -19.075 1.00 69.76 ? 72  ARG A NH1 1 
ATOM   601  N  NH2 . ARG A 1 73  ? -17.061 3.399   -18.709 1.00 75.56 ? 72  ARG A NH2 1 
ATOM   602  N  N   . GLY A 1 74  ? -18.363 -4.605  -18.347 1.00 30.63 ? 73  GLY A N   1 
ATOM   603  C  CA  . GLY A 1 74  ? -18.303 -5.574  -19.437 1.00 29.61 ? 73  GLY A CA  1 
ATOM   604  C  C   . GLY A 1 74  ? -16.896 -5.885  -19.939 1.00 30.54 ? 73  GLY A C   1 
ATOM   605  O  O   . GLY A 1 74  ? -16.713 -6.497  -21.000 1.00 31.74 ? 73  GLY A O   1 
ATOM   606  N  N   . GLY A 1 75  ? -15.885 -5.432  -19.182 1.00 29.90 ? 74  GLY A N   1 
ATOM   607  C  CA  . GLY A 1 75  ? -14.489 -5.726  -19.476 1.00 27.89 ? 74  GLY A CA  1 
ATOM   608  C  C   . GLY A 1 75  ? -14.157 -7.124  -18.998 1.00 26.66 ? 74  GLY A C   1 
ATOM   609  O  O   . GLY A 1 75  ? -14.945 -7.782  -18.319 1.00 28.54 ? 74  GLY A O   1 
ATOM   610  N  N   . ARG A 1 76  ? -12.992 -7.631  -19.350 1.00 26.88 ? 75  ARG A N   1 
ATOM   611  C  CA  . ARG A 1 76  ? -12.612 -8.958  -18.913 1.00 28.00 ? 75  ARG A CA  1 
ATOM   612  C  C   . ARG A 1 76  ? -11.298 -8.856  -18.165 1.00 28.22 ? 75  ARG A C   1 
ATOM   613  O  O   . ARG A 1 76  ? -10.312 -8.252  -18.602 1.00 27.64 ? 75  ARG A O   1 
ATOM   614  C  CB  . ARG A 1 76  ? -12.496 -9.878  -20.128 1.00 32.03 ? 75  ARG A CB  1 
ATOM   615  C  CG  . ARG A 1 76  ? -13.847 -10.182 -20.834 1.00 36.62 ? 75  ARG A CG  1 
ATOM   616  C  CD  . ARG A 1 76  ? -14.822 -10.971 -19.963 1.00 37.58 ? 75  ARG A CD  1 
ATOM   617  N  NE  . ARG A 1 76  ? -16.178 -11.033 -20.515 1.00 36.96 ? 75  ARG A NE  1 
ATOM   618  C  CZ  . ARG A 1 76  ? -17.209 -10.426 -19.905 1.00 36.74 ? 75  ARG A CZ  1 
ATOM   619  N  NH1 . ARG A 1 76  ? -17.056 -9.729  -18.770 1.00 33.70 ? 75  ARG A NH1 1 
ATOM   620  N  NH2 . ARG A 1 76  ? -18.423 -10.532 -20.426 1.00 33.77 ? 75  ARG A NH2 1 
ATOM   621  N  N   . ILE A 1 77  ? -11.359 -9.402  -16.950 1.00 26.20 ? 76  ILE A N   1 
ATOM   622  C  CA  . ILE A 1 77  ? -10.236 -9.414  -16.023 1.00 24.10 ? 76  ILE A CA  1 
ATOM   623  C  C   . ILE A 1 77  ? -9.144  -10.360 -16.526 1.00 24.26 ? 76  ILE A C   1 
ATOM   624  O  O   . ILE A 1 77  ? -9.398  -11.530 -16.864 1.00 23.86 ? 76  ILE A O   1 
ATOM   625  C  CB  . ILE A 1 77  ? -10.756 -9.851  -14.611 1.00 25.58 ? 76  ILE A CB  1 
ATOM   626  C  CG1 . ILE A 1 77  ? -11.671 -8.782  -14.054 1.00 23.64 ? 76  ILE A CG1 1 
ATOM   627  C  CG2 . ILE A 1 77  ? -9.593  -10.069 -13.640 1.00 26.03 ? 76  ILE A CG2 1 
ATOM   628  C  CD1 . ILE A 1 77  ? -12.699 -9.374  -13.092 1.00 23.98 ? 76  ILE A CD1 1 
ATOM   629  N  N   . VAL A 1 78  ? -7.922  -9.815  -16.654 1.00 22.58 ? 77  VAL A N   1 
ATOM   630  C  CA  . VAL A 1 78  ? -6.774  -10.660 -16.963 1.00 22.48 ? 77  VAL A CA  1 
ATOM   631  C  C   . VAL A 1 78  ? -5.737  -10.436 -15.878 1.00 20.75 ? 77  VAL A C   1 
ATOM   632  O  O   . VAL A 1 78  ? -5.223  -9.341  -15.665 1.00 22.93 ? 77  VAL A O   1 
ATOM   633  C  CB  . VAL A 1 78  ? -6.167  -10.327 -18.345 1.00 26.70 ? 77  VAL A CB  1 
ATOM   634  C  CG1 . VAL A 1 78  ? -5.019  -11.288 -18.640 1.00 28.03 ? 77  VAL A CG1 1 
ATOM   635  C  CG2 . VAL A 1 78  ? -7.214  -10.490 -19.436 1.00 25.97 ? 77  VAL A CG2 1 
ATOM   636  N  N   . LEU A 1 79  ? -5.472  -11.512 -15.142 1.00 21.94 ? 78  LEU A N   1 
ATOM   637  C  CA  . LEU A 1 79  ? -4.530  -11.489 -14.025 1.00 23.69 ? 78  LEU A CA  1 
ATOM   638  C  C   . LEU A 1 79  ? -3.106  -11.803 -14.461 1.00 22.50 ? 78  LEU A C   1 
ATOM   639  O  O   . LEU A 1 79  ? -2.887  -12.491 -15.456 1.00 25.37 ? 78  LEU A O   1 
ATOM   640  C  CB  . LEU A 1 79  ? -4.999  -12.499 -12.975 1.00 22.46 ? 78  LEU A CB  1 
ATOM   641  C  CG  . LEU A 1 79  ? -6.372  -12.267 -12.362 1.00 20.95 ? 78  LEU A CG  1 
ATOM   642  C  CD1 . LEU A 1 79  ? -6.705  -13.447 -11.455 1.00 20.07 ? 78  LEU A CD1 1 
ATOM   643  C  CD2 . LEU A 1 79  ? -6.381  -10.942 -11.616 1.00 19.55 ? 78  LEU A CD2 1 
ATOM   644  N  N   . GLN A 1 80  ? -2.141  -11.269 -13.727 1.00 24.59 ? 79  GLN A N   1 
ATOM   645  C  CA  . GLN A 1 80  ? -0.714  -11.499 -13.984 1.00 25.26 ? 79  GLN A CA  1 
ATOM   646  C  C   . GLN A 1 80  ? -0.033  -11.995 -12.728 1.00 23.73 ? 79  GLN A C   1 
ATOM   647  O  O   . GLN A 1 80  ? -0.648  -11.961 -11.669 1.00 22.25 ? 79  GLN A O   1 
ATOM   648  C  CB  . GLN A 1 80  ? -0.035  -10.199 -14.421 1.00 29.39 ? 79  GLN A CB  1 
ATOM   649  C  CG  . GLN A 1 80  ? -0.524  -9.613  -15.740 1.00 36.37 ? 79  GLN A CG  1 
ATOM   650  C  CD  . GLN A 1 80  ? -0.479  -10.585 -16.938 1.00 47.68 ? 79  GLN A CD  1 
ATOM   651  O  OE1 . GLN A 1 80  ? 0.209   -11.618 -16.969 1.00 51.59 ? 79  GLN A OE1 1 
ATOM   652  N  NE2 . GLN A 1 80  ? -1.236  -10.286 -17.998 1.00 51.36 ? 79  GLN A NE2 1 
ATOM   653  N  N   . ASP A 1 81  ? 1.212   -12.462 -12.762 1.00 19.53 ? 80  ASP A N   1 
ATOM   654  C  CA  . ASP A 1 81  ? 1.903   -12.869 -11.543 1.00 20.60 ? 80  ASP A CA  1 
ATOM   655  C  C   . ASP A 1 81  ? 2.008   -11.699 -10.567 1.00 19.86 ? 80  ASP A C   1 
ATOM   656  O  O   . ASP A 1 81  ? 2.050   -10.545 -10.998 1.00 19.72 ? 80  ASP A O   1 
ATOM   657  C  CB  . ASP A 1 81  ? 3.337   -13.341 -11.816 1.00 23.22 ? 80  ASP A CB  1 
ATOM   658  C  CG  . ASP A 1 81  ? 3.531   -14.583 -12.685 1.00 28.46 ? 80  ASP A CG  1 
ATOM   659  O  OD1 . ASP A 1 81  ? 2.592   -15.343 -12.943 1.00 26.13 ? 80  ASP A OD1 1 
ATOM   660  O  OD2 . ASP A 1 81  ? 4.673   -14.794 -13.089 1.00 33.39 ? 80  ASP A OD2 1 
ATOM   661  N  N   . VAL A 1 82  ? 2.004   -11.931 -9.250  1.00 19.86 ? 81  VAL A N   1 
ATOM   662  C  CA  . VAL A 1 82  ? 2.195   -10.817 -8.344  1.00 19.09 ? 81  VAL A CA  1 
ATOM   663  C  C   . VAL A 1 82  ? 3.637   -10.973 -7.918  1.00 19.96 ? 81  VAL A C   1 
ATOM   664  O  O   . VAL A 1 82  ? 4.032   -11.948 -7.277  1.00 20.74 ? 81  VAL A O   1 
ATOM   665  C  CB  . VAL A 1 82  ? 1.254   -10.891 -7.123  1.00 18.68 ? 81  VAL A CB  1 
ATOM   666  C  CG1 . VAL A 1 82  ? 1.449   -9.657  -6.246  1.00 17.37 ? 81  VAL A CG1 1 
ATOM   667  C  CG2 . VAL A 1 82  ? -0.180  -10.925 -7.604  1.00 16.38 ? 81  VAL A CG2 1 
ATOM   668  N  N   . GLN A 1 83  ? 4.425   -9.988  -8.338  1.00 20.09 ? 82  GLN A N   1 
ATOM   669  C  CA  . GLN A 1 83  ? 5.829   -9.986  -8.021  1.00 21.87 ? 82  GLN A CA  1 
ATOM   670  C  C   . GLN A 1 83  ? 6.088   -9.847  -6.532  1.00 24.41 ? 82  GLN A C   1 
ATOM   671  O  O   . GLN A 1 83  ? 5.436   -9.113  -5.789  1.00 23.23 ? 82  GLN A O   1 
ATOM   672  C  CB  . GLN A 1 83  ? 6.527   -8.847  -8.760  1.00 23.31 ? 82  GLN A CB  1 
ATOM   673  C  CG  . GLN A 1 83  ? 6.485   -9.019  -10.288 1.00 30.61 ? 82  GLN A CG  1 
ATOM   674  C  CD  . GLN A 1 83  ? 7.136   -10.304 -10.825 1.00 34.72 ? 82  GLN A CD  1 
ATOM   675  O  OE1 . GLN A 1 83  ? 6.531   -11.025 -11.639 1.00 39.98 ? 82  GLN A OE1 1 
ATOM   676  N  NE2 . GLN A 1 83  ? 8.371   -10.649 -10.406 1.00 34.75 ? 82  GLN A NE2 1 
ATOM   677  N  N   . LYS A 1 84  ? 7.077   -10.631 -6.119  1.00 25.72 ? 83  LYS A N   1 
ATOM   678  C  CA  . LYS A 1 84  ? 7.630   -10.637 -4.777  1.00 25.81 ? 83  LYS A CA  1 
ATOM   679  C  C   . LYS A 1 84  ? 8.040   -9.203  -4.437  1.00 25.18 ? 83  LYS A C   1 
ATOM   680  O  O   . LYS A 1 84  ? 8.503   -8.485  -5.335  1.00 22.73 ? 83  LYS A O   1 
ATOM   681  C  CB  . LYS A 1 84  ? 8.783   -11.620 -4.867  1.00 28.77 ? 83  LYS A CB  1 
ATOM   682  C  CG  . LYS A 1 84  ? 9.910   -11.490 -3.933  1.00 34.60 ? 83  LYS A CG  1 
ATOM   683  C  CD  . LYS A 1 84  ? 11.114  -12.118 -4.583  1.00 38.88 ? 83  LYS A CD  1 
ATOM   684  C  CE  . LYS A 1 84  ? 12.283  -11.779 -3.673  1.00 49.38 ? 83  LYS A CE  1 
ATOM   685  N  NZ  . LYS A 1 84  ? 12.095  -12.293 -2.315  1.00 50.92 ? 83  LYS A NZ  1 
ATOM   686  N  N   . PRO A 1 85  ? 7.883   -8.723  -3.188  1.00 24.78 ? 84  PRO A N   1 
ATOM   687  C  CA  . PRO A 1 85  ? 8.330   -7.393  -2.769  1.00 24.88 ? 84  PRO A CA  1 
ATOM   688  C  C   . PRO A 1 85  ? 9.823   -7.151  -3.004  1.00 27.73 ? 84  PRO A C   1 
ATOM   689  O  O   . PRO A 1 85  ? 10.637  -8.079  -3.077  1.00 25.38 ? 84  PRO A O   1 
ATOM   690  C  CB  . PRO A 1 85  ? 7.958   -7.342  -1.328  1.00 25.27 ? 84  PRO A CB  1 
ATOM   691  C  CG  . PRO A 1 85  ? 6.798   -8.309  -1.257  1.00 23.32 ? 84  PRO A CG  1 
ATOM   692  C  CD  . PRO A 1 85  ? 7.293   -9.462  -2.072  1.00 20.60 ? 84  PRO A CD  1 
ATOM   693  N  N   . GLU A 1 86  ? 10.175  -5.878  -3.144  1.00 30.02 ? 85  GLU A N   1 
ATOM   694  C  CA  . GLU A 1 86  ? 11.540  -5.431  -3.378  1.00 33.91 ? 85  GLU A CA  1 
ATOM   695  C  C   . GLU A 1 86  ? 12.607  -5.916  -2.400  1.00 32.40 ? 85  GLU A C   1 
ATOM   696  O  O   . GLU A 1 86  ? 13.729  -6.246  -2.789  1.00 33.68 ? 85  GLU A O   1 
ATOM   697  C  CB  . GLU A 1 86  ? 11.553  -3.917  -3.386  1.00 40.57 ? 85  GLU A CB  1 
ATOM   698  C  CG  . GLU A 1 86  ? 11.112  -3.294  -4.687  1.00 53.15 ? 85  GLU A CG  1 
ATOM   699  C  CD  . GLU A 1 86  ? 12.254  -3.237  -5.686  1.00 62.42 ? 85  GLU A CD  1 
ATOM   700  O  OE1 . GLU A 1 86  ? 13.181  -2.452  -5.447  1.00 67.92 ? 85  GLU A OE1 1 
ATOM   701  O  OE2 . GLU A 1 86  ? 12.208  -3.968  -6.687  1.00 65.72 ? 85  GLU A OE2 1 
ATOM   702  N  N   . ARG A 1 87  ? 12.257  -5.962  -1.117  1.00 28.26 ? 86  ARG A N   1 
ATOM   703  C  CA  . ARG A 1 87  ? 13.168  -6.313  -0.046  1.00 28.45 ? 86  ARG A CA  1 
ATOM   704  C  C   . ARG A 1 87  ? 12.554  -7.387  0.838   1.00 30.36 ? 86  ARG A C   1 
ATOM   705  O  O   . ARG A 1 87  ? 11.328  -7.571  0.861   1.00 28.33 ? 86  ARG A O   1 
ATOM   706  C  CB  . ARG A 1 87  ? 13.457  -5.051  0.764   1.00 30.66 ? 86  ARG A CB  1 
ATOM   707  C  CG  . ARG A 1 87  ? 14.182  -3.961  -0.018  1.00 36.57 ? 86  ARG A CG  1 
ATOM   708  C  CD  . ARG A 1 87  ? 14.030  -2.579  0.604   1.00 44.94 ? 86  ARG A CD  1 
ATOM   709  N  NE  . ARG A 1 87  ? 14.687  -2.490  1.899   1.00 48.53 ? 86  ARG A NE  1 
ATOM   710  C  CZ  . ARG A 1 87  ? 14.683  -1.381  2.653   1.00 51.39 ? 86  ARG A CZ  1 
ATOM   711  N  NH1 . ARG A 1 87  ? 14.077  -0.243  2.280   1.00 49.27 ? 86  ARG A NH1 1 
ATOM   712  N  NH2 . ARG A 1 87  ? 15.299  -1.446  3.829   1.00 51.32 ? 86  ARG A NH2 1 
ATOM   713  N  N   . ASP A 1 88  ? 13.412  -8.134  1.550   1.00 29.99 ? 87  ASP A N   1 
ATOM   714  C  CA  . ASP A 1 88  ? 12.917  -9.101  2.523   1.00 32.87 ? 87  ASP A CA  1 
ATOM   715  C  C   . ASP A 1 88  ? 12.970  -8.524  3.941   1.00 32.20 ? 87  ASP A C   1 
ATOM   716  O  O   . ASP A 1 88  ? 12.281  -9.010  4.844   1.00 32.25 ? 87  ASP A O   1 
ATOM   717  C  CB  . ASP A 1 88  ? 13.744  -10.402 2.499   1.00 35.78 ? 87  ASP A CB  1 
ATOM   718  C  CG  . ASP A 1 88  ? 13.767  -11.177 1.176   1.00 40.50 ? 87  ASP A CG  1 
ATOM   719  O  OD1 . ASP A 1 88  ? 12.758  -11.235 0.471   1.00 37.60 ? 87  ASP A OD1 1 
ATOM   720  O  OD2 . ASP A 1 88  ? 14.823  -11.728 0.858   1.00 41.06 ? 87  ASP A OD2 1 
ATOM   721  N  N   . GLU A 1 89  ? 13.830  -7.507  4.123   1.00 30.92 ? 88  GLU A N   1 
ATOM   722  C  CA  . GLU A 1 89  ? 14.076  -6.799  5.384   1.00 32.70 ? 88  GLU A CA  1 
ATOM   723  C  C   . GLU A 1 89  ? 13.704  -5.364  5.111   1.00 28.64 ? 88  GLU A C   1 
ATOM   724  O  O   . GLU A 1 89  ? 14.095  -4.841  4.070   1.00 29.21 ? 88  GLU A O   1 
ATOM   725  C  CB  . GLU A 1 89  ? 15.546  -6.686  5.825   1.00 38.70 ? 88  GLU A CB  1 
ATOM   726  C  CG  . GLU A 1 89  ? 16.442  -7.899  5.847   1.00 48.48 ? 88  GLU A CG  1 
ATOM   727  C  CD  . GLU A 1 89  ? 16.115  -8.873  6.957   1.00 56.17 ? 88  GLU A CD  1 
ATOM   728  O  OE1 . GLU A 1 89  ? 15.166  -9.637  6.789   1.00 65.31 ? 88  GLU A OE1 1 
ATOM   729  O  OE2 . GLU A 1 89  ? 16.798  -8.865  7.982   1.00 57.54 ? 88  GLU A OE2 1 
ATOM   730  N  N   . TRP A 1 90  ? 13.029  -4.667  6.018   1.00 25.91 ? 89  TRP A N   1 
ATOM   731  C  CA  . TRP A 1 90  ? 12.667  -3.295  5.712   1.00 24.31 ? 89  TRP A CA  1 
ATOM   732  C  C   . TRP A 1 90  ? 13.332  -2.239  6.585   1.00 25.40 ? 89  TRP A C   1 
ATOM   733  O  O   . TRP A 1 90  ? 12.950  -1.068  6.537   1.00 27.45 ? 89  TRP A O   1 
ATOM   734  C  CB  . TRP A 1 90  ? 11.130  -3.200  5.761   1.00 24.12 ? 89  TRP A CB  1 
ATOM   735  C  CG  . TRP A 1 90  ? 10.461  -4.023  4.655   1.00 25.48 ? 89  TRP A CG  1 
ATOM   736  C  CD1 . TRP A 1 90  ? 9.981   -5.289  4.912   1.00 26.56 ? 89  TRP A CD1 1 
ATOM   737  C  CD2 . TRP A 1 90  ? 10.298  -3.656  3.337   1.00 23.12 ? 89  TRP A CD2 1 
ATOM   738  N  NE1 . TRP A 1 90  ? 9.518   -5.745  3.764   1.00 23.69 ? 89  TRP A NE1 1 
ATOM   739  C  CE2 . TRP A 1 90  ? 9.685   -4.810  2.812   1.00 23.91 ? 89  TRP A CE2 1 
ATOM   740  C  CE3 . TRP A 1 90  ? 10.554  -2.551  2.505   1.00 21.35 ? 89  TRP A CE3 1 
ATOM   741  C  CZ2 . TRP A 1 90  ? 9.327   -4.891  1.461   1.00 25.70 ? 89  TRP A CZ2 1 
ATOM   742  C  CZ3 . TRP A 1 90  ? 10.193  -2.632  1.151   1.00 22.17 ? 89  TRP A CZ3 1 
ATOM   743  C  CH2 . TRP A 1 90  ? 9.582   -3.786  0.636   1.00 22.52 ? 89  TRP A CH2 1 
ATOM   744  N  N   . GLY A 1 91  ? 14.381  -2.644  7.330   1.00 25.24 ? 90  GLY A N   1 
ATOM   745  C  CA  . GLY A 1 91  ? 15.203  -1.737  8.115   1.00 25.97 ? 90  GLY A CA  1 
ATOM   746  C  C   . GLY A 1 91  ? 14.525  -1.281  9.397   1.00 27.80 ? 90  GLY A C   1 
ATOM   747  O  O   . GLY A 1 91  ? 14.189  -2.082  10.267  1.00 34.03 ? 90  GLY A O   1 
ATOM   748  N  N   . ASN A 1 92  ? 14.330  0.017   9.549   1.00 26.29 ? 91  ASN A N   1 
ATOM   749  C  CA  . ASN A 1 92  ? 13.652  0.498   10.732  1.00 27.20 ? 91  ASN A CA  1 
ATOM   750  C  C   . ASN A 1 92  ? 12.310  1.128   10.382  1.00 26.56 ? 91  ASN A C   1 
ATOM   751  O  O   . ASN A 1 92  ? 11.935  1.118   9.204   1.00 24.84 ? 91  ASN A O   1 
ATOM   752  C  CB  . ASN A 1 92  ? 14.561  1.492   11.444  1.00 27.84 ? 91  ASN A CB  1 
ATOM   753  C  CG  . ASN A 1 92  ? 14.998  2.684   10.614  1.00 33.38 ? 91  ASN A CG  1 
ATOM   754  O  OD1 . ASN A 1 92  ? 14.230  3.317   9.894   1.00 34.15 ? 91  ASN A OD1 1 
ATOM   755  N  ND2 . ASN A 1 92  ? 16.282  3.016   10.702  1.00 40.05 ? 91  ASN A ND2 1 
ATOM   756  N  N   . THR A 1 93  ? 11.576  1.698   11.365  1.00 25.48 ? 92  THR A N   1 
ATOM   757  C  CA  . THR A 1 93  ? 10.267  2.278   11.084  1.00 24.07 ? 92  THR A CA  1 
ATOM   758  C  C   . THR A 1 93  ? 10.341  3.412   10.073  1.00 23.33 ? 92  THR A C   1 
ATOM   759  O  O   . THR A 1 93  ? 9.498   3.448   9.181   1.00 25.11 ? 92  THR A O   1 
ATOM   760  C  CB  . THR A 1 93  ? 9.595   2.801   12.368  1.00 25.41 ? 92  THR A CB  1 
ATOM   761  O  OG1 . THR A 1 93  ? 9.561   1.715   13.279  1.00 23.83 ? 92  THR A OG1 1 
ATOM   762  C  CG2 . THR A 1 93  ? 8.145   3.221   12.158  1.00 19.03 ? 92  THR A CG2 1 
ATOM   763  N  N   . LEU A 1 94  ? 11.343  4.298   10.139  1.00 22.50 ? 93  LEU A N   1 
ATOM   764  C  CA  . LEU A 1 94  ? 11.501  5.381   9.178   1.00 24.96 ? 93  LEU A CA  1 
ATOM   765  C  C   . LEU A 1 94  ? 11.701  4.890   7.754   1.00 23.98 ? 93  LEU A C   1 
ATOM   766  O  O   . LEU A 1 94  ? 11.007  5.363   6.852   1.00 21.62 ? 93  LEU A O   1 
ATOM   767  C  CB  . LEU A 1 94  ? 12.683  6.268   9.585   1.00 25.75 ? 93  LEU A CB  1 
ATOM   768  C  CG  . LEU A 1 94  ? 13.013  7.458   8.698   1.00 25.51 ? 93  LEU A CG  1 
ATOM   769  C  CD1 . LEU A 1 94  ? 11.829  8.384   8.564   1.00 25.87 ? 93  LEU A CD1 1 
ATOM   770  C  CD2 . LEU A 1 94  ? 14.135  8.232   9.341   1.00 27.55 ? 93  LEU A CD2 1 
ATOM   771  N  N   . GLU A 1 95  ? 12.604  3.908   7.595   1.00 24.02 ? 94  GLU A N   1 
ATOM   772  C  CA  . GLU A 1 95  ? 12.888  3.306   6.306   1.00 26.10 ? 94  GLU A CA  1 
ATOM   773  C  C   . GLU A 1 95  ? 11.659  2.668   5.699   1.00 23.84 ? 94  GLU A C   1 
ATOM   774  O  O   . GLU A 1 95  ? 11.357  2.849   4.520   1.00 22.50 ? 94  GLU A O   1 
ATOM   775  C  CB  . GLU A 1 95  ? 13.952  2.249   6.430   1.00 28.50 ? 94  GLU A CB  1 
ATOM   776  C  CG  . GLU A 1 95  ? 15.341  2.862   6.596   1.00 42.57 ? 94  GLU A CG  1 
ATOM   777  C  CD  . GLU A 1 95  ? 16.456  1.817   6.550   1.00 50.17 ? 94  GLU A CD  1 
ATOM   778  O  OE1 . GLU A 1 95  ? 16.621  1.203   5.491   1.00 51.39 ? 94  GLU A OE1 1 
ATOM   779  O  OE2 . GLU A 1 95  ? 17.136  1.607   7.562   1.00 52.74 ? 94  GLU A OE2 1 
ATOM   780  N  N   . ALA A 1 96  ? 10.912  1.963   6.538   1.00 20.50 ? 95  ALA A N   1 
ATOM   781  C  CA  . ALA A 1 96  ? 9.686   1.335   6.099   1.00 22.47 ? 95  ALA A CA  1 
ATOM   782  C  C   . ALA A 1 96  ? 8.622   2.361   5.716   1.00 22.98 ? 95  ALA A C   1 
ATOM   783  O  O   . ALA A 1 96  ? 7.905   2.164   4.732   1.00 22.74 ? 95  ALA A O   1 
ATOM   784  C  CB  . ALA A 1 96  ? 9.112   0.459   7.199   1.00 20.46 ? 95  ALA A CB  1 
ATOM   785  N  N   . MET A 1 97  ? 8.514   3.467   6.466   1.00 21.93 ? 96  MET A N   1 
ATOM   786  C  CA  . MET A 1 97  ? 7.516   4.467   6.142   1.00 23.40 ? 96  MET A CA  1 
ATOM   787  C  C   . MET A 1 97  ? 7.880   5.215   4.879   1.00 24.02 ? 96  MET A C   1 
ATOM   788  O  O   . MET A 1 97  ? 6.975   5.549   4.111   1.00 23.94 ? 96  MET A O   1 
ATOM   789  C  CB  . MET A 1 97  ? 7.368   5.480   7.258   1.00 25.02 ? 96  MET A CB  1 
ATOM   790  C  CG  . MET A 1 97  ? 6.658   4.951   8.495   1.00 26.17 ? 96  MET A CG  1 
ATOM   791  S  SD  . MET A 1 97  ? 4.930   4.496   8.186   1.00 27.54 ? 96  MET A SD  1 
ATOM   792  C  CE  . MET A 1 97  ? 4.648   3.696   9.745   1.00 27.78 ? 96  MET A CE  1 
ATOM   793  N  N   . GLN A 1 98  ? 9.174   5.484   4.653   1.00 21.72 ? 97  GLN A N   1 
ATOM   794  C  CA  . GLN A 1 98  ? 9.606   6.115   3.414   1.00 23.46 ? 97  GLN A CA  1 
ATOM   795  C  C   . GLN A 1 98  ? 9.344   5.204   2.229   1.00 22.58 ? 97  GLN A C   1 
ATOM   796  O  O   . GLN A 1 98  ? 8.880   5.684   1.193   1.00 25.08 ? 97  GLN A O   1 
ATOM   797  C  CB  . GLN A 1 98  ? 11.070  6.448   3.511   1.00 24.28 ? 97  GLN A CB  1 
ATOM   798  C  CG  . GLN A 1 98  ? 11.180  7.740   4.277   1.00 30.95 ? 97  GLN A CG  1 
ATOM   799  C  CD  . GLN A 1 98  ? 12.606  8.143   4.601   1.00 38.68 ? 97  GLN A CD  1 
ATOM   800  O  OE1 . GLN A 1 98  ? 12.923  9.336   4.643   1.00 41.63 ? 97  GLN A OE1 1 
ATOM   801  N  NE2 . GLN A 1 98  ? 13.488  7.172   4.871   1.00 38.43 ? 97  GLN A NE2 1 
ATOM   802  N  N   . ALA A 1 99  ? 9.555   3.885   2.365   1.00 24.24 ? 98  ALA A N   1 
ATOM   803  C  CA  . ALA A 1 99  ? 9.208   2.952   1.295   1.00 24.65 ? 98  ALA A CA  1 
ATOM   804  C  C   . ALA A 1 99  ? 7.698   2.881   1.008   1.00 24.55 ? 98  ALA A C   1 
ATOM   805  O  O   . ALA A 1 99  ? 7.293   2.775   -0.150  1.00 24.30 ? 98  ALA A O   1 
ATOM   806  C  CB  . ALA A 1 99  ? 9.698   1.554   1.644   1.00 22.76 ? 98  ALA A CB  1 
ATOM   807  N  N   . ALA A 1 100 ? 6.842   2.962   2.047   1.00 24.37 ? 99  ALA A N   1 
ATOM   808  C  CA  . ALA A 1 100 ? 5.384   2.993   1.913   1.00 22.61 ? 99  ALA A CA  1 
ATOM   809  C  C   . ALA A 1 100 ? 4.925   4.283   1.220   1.00 23.07 ? 99  ALA A C   1 
ATOM   810  O  O   . ALA A 1 100 ? 4.025   4.234   0.377   1.00 24.05 ? 99  ALA A O   1 
ATOM   811  C  CB  . ALA A 1 100 ? 4.731   2.918   3.297   1.00 21.72 ? 99  ALA A CB  1 
ATOM   812  N  N   . LEU A 1 101 ? 5.543   5.446   1.515   1.00 23.73 ? 100 LEU A N   1 
ATOM   813  C  CA  . LEU A 1 101 ? 5.193   6.701   0.855   1.00 24.34 ? 100 LEU A CA  1 
ATOM   814  C  C   . LEU A 1 101 ? 5.488   6.600   -0.630  1.00 27.21 ? 100 LEU A C   1 
ATOM   815  O  O   . LEU A 1 101 ? 4.644   7.025   -1.415  1.00 29.02 ? 100 LEU A O   1 
ATOM   816  C  CB  . LEU A 1 101 ? 5.984   7.883   1.391   1.00 22.95 ? 100 LEU A CB  1 
ATOM   817  C  CG  . LEU A 1 101 ? 5.660   9.230   0.757   1.00 23.32 ? 100 LEU A CG  1 
ATOM   818  C  CD1 . LEU A 1 101 ? 4.227   9.608   1.013   1.00 21.74 ? 100 LEU A CD1 1 
ATOM   819  C  CD2 . LEU A 1 101 ? 6.554   10.279  1.364   1.00 25.76 ? 100 LEU A CD2 1 
ATOM   820  N  N   . GLN A 1 102 ? 6.629   6.037   -1.045  1.00 27.33 ? 101 GLN A N   1 
ATOM   821  C  CA  . GLN A 1 102 ? 6.910   5.874   -2.462  1.00 30.63 ? 101 GLN A CA  1 
ATOM   822  C  C   . GLN A 1 102 ? 5.921   4.965   -3.164  1.00 29.29 ? 101 GLN A C   1 
ATOM   823  O  O   . GLN A 1 102 ? 5.485   5.242   -4.278  1.00 28.64 ? 101 GLN A O   1 
ATOM   824  C  CB  . GLN A 1 102 ? 8.279   5.319   -2.634  1.00 36.43 ? 101 GLN A CB  1 
ATOM   825  C  CG  . GLN A 1 102 ? 9.289   6.409   -2.383  1.00 52.75 ? 101 GLN A CG  1 
ATOM   826  C  CD  . GLN A 1 102 ? 10.708  5.862   -2.418  1.00 63.59 ? 101 GLN A CD  1 
ATOM   827  O  OE1 . GLN A 1 102 ? 11.549  6.226   -1.587  1.00 66.95 ? 101 GLN A OE1 1 
ATOM   828  N  NE2 . GLN A 1 102 ? 11.009  4.970   -3.373  1.00 66.42 ? 101 GLN A NE2 1 
ATOM   829  N  N   . LEU A 1 103 ? 5.538   3.890   -2.470  1.00 28.42 ? 102 LEU A N   1 
ATOM   830  C  CA  . LEU A 1 103 ? 4.566   2.940   -2.971  1.00 27.29 ? 102 LEU A CA  1 
ATOM   831  C  C   . LEU A 1 103 ? 3.207   3.582   -3.139  1.00 27.58 ? 102 LEU A C   1 
ATOM   832  O  O   . LEU A 1 103 ? 2.576   3.372   -4.175  1.00 27.65 ? 102 LEU A O   1 
ATOM   833  C  CB  . LEU A 1 103 ? 4.460   1.773   -2.011  1.00 28.24 ? 102 LEU A CB  1 
ATOM   834  C  CG  . LEU A 1 103 ? 3.546   0.599   -2.340  1.00 28.87 ? 102 LEU A CG  1 
ATOM   835  C  CD1 . LEU A 1 103 ? 4.091   -0.256  -3.457  1.00 26.17 ? 102 LEU A CD1 1 
ATOM   836  C  CD2 . LEU A 1 103 ? 3.464   -0.265  -1.119  1.00 29.10 ? 102 LEU A CD2 1 
ATOM   837  N  N   . GLU A 1 104 ? 2.722   4.360   -2.163  1.00 28.08 ? 103 GLU A N   1 
ATOM   838  C  CA  . GLU A 1 104 ? 1.442   5.037   -2.348  1.00 30.68 ? 103 GLU A CA  1 
ATOM   839  C  C   . GLU A 1 104 ? 1.510   6.098   -3.453  1.00 30.58 ? 103 GLU A C   1 
ATOM   840  O  O   . GLU A 1 104 ? 0.524   6.286   -4.164  1.00 31.37 ? 103 GLU A O   1 
ATOM   841  C  CB  . GLU A 1 104 ? 0.985   5.709   -1.064  1.00 32.77 ? 103 GLU A CB  1 
ATOM   842  C  CG  . GLU A 1 104 ? 0.516   4.731   0.011   1.00 38.22 ? 103 GLU A CG  1 
ATOM   843  C  CD  . GLU A 1 104 ? -0.791  3.972   -0.221  1.00 39.78 ? 103 GLU A CD  1 
ATOM   844  O  OE1 . GLU A 1 104 ? -1.782  4.553   -0.655  1.00 44.88 ? 103 GLU A OE1 1 
ATOM   845  O  OE2 . GLU A 1 104 ? -0.830  2.783   0.070   1.00 42.06 ? 103 GLU A OE2 1 
ATOM   846  N  N   . LYS A 1 105 ? 2.647   6.787   -3.654  1.00 31.41 ? 104 LYS A N   1 
ATOM   847  C  CA  . LYS A 1 105 ? 2.809   7.742   -4.748  1.00 31.58 ? 104 LYS A CA  1 
ATOM   848  C  C   . LYS A 1 105 ? 2.839   7.019   -6.089  1.00 31.58 ? 104 LYS A C   1 
ATOM   849  O  O   . LYS A 1 105 ? 2.259   7.532   -7.040  1.00 33.06 ? 104 LYS A O   1 
ATOM   850  C  CB  . LYS A 1 105 ? 4.097   8.543   -4.572  1.00 29.10 ? 104 LYS A CB  1 
ATOM   851  C  CG  . LYS A 1 105 ? 3.954   9.652   -3.529  1.00 28.85 ? 104 LYS A CG  1 
ATOM   852  C  CD  . LYS A 1 105 ? 5.309   10.288  -3.336  1.00 32.93 ? 104 LYS A CD  1 
ATOM   853  C  CE  . LYS A 1 105 ? 5.180   11.716  -2.887  1.00 35.81 ? 104 LYS A CE  1 
ATOM   854  N  NZ  . LYS A 1 105 ? 6.484   12.344  -2.999  1.00 41.34 ? 104 LYS A NZ  1 
ATOM   855  N  N   . THR A 1 106 ? 3.434   5.828   -6.203  1.00 31.03 ? 105 THR A N   1 
ATOM   856  C  CA  . THR A 1 106 ? 3.399   5.091   -7.453  1.00 33.28 ? 105 THR A CA  1 
ATOM   857  C  C   . THR A 1 106 ? 1.994   4.627   -7.829  1.00 36.11 ? 105 THR A C   1 
ATOM   858  O  O   . THR A 1 106 ? 1.603   4.718   -8.996  1.00 39.27 ? 105 THR A O   1 
ATOM   859  C  CB  . THR A 1 106 ? 4.331   3.902   -7.348  1.00 32.06 ? 105 THR A CB  1 
ATOM   860  O  OG1 . THR A 1 106 ? 5.601   4.490   -7.125  1.00 33.48 ? 105 THR A OG1 1 
ATOM   861  C  CG2 . THR A 1 106 ? 4.384   3.008   -8.586  1.00 32.78 ? 105 THR A CG2 1 
ATOM   862  N  N   . VAL A 1 107 ? 1.216   4.146   -6.850  1.00 34.93 ? 106 VAL A N   1 
ATOM   863  C  CA  . VAL A 1 107 ? -0.185  3.768   -7.038  1.00 36.49 ? 106 VAL A CA  1 
ATOM   864  C  C   . VAL A 1 107 ? -1.025  4.975   -7.447  1.00 37.81 ? 106 VAL A C   1 
ATOM   865  O  O   . VAL A 1 107 ? -1.837  4.885   -8.368  1.00 38.85 ? 106 VAL A O   1 
ATOM   866  C  CB  . VAL A 1 107 ? -0.734  3.159   -5.718  1.00 37.29 ? 106 VAL A CB  1 
ATOM   867  C  CG1 . VAL A 1 107 ? -2.241  2.873   -5.782  1.00 35.59 ? 106 VAL A CG1 1 
ATOM   868  C  CG2 . VAL A 1 107 ? 0.025   1.855   -5.471  1.00 37.72 ? 106 VAL A CG2 1 
ATOM   869  N  N   . ASN A 1 108 ? -0.815  6.110   -6.769  1.00 38.66 ? 107 ASN A N   1 
ATOM   870  C  CA  . ASN A 1 108 ? -1.542  7.325   -7.057  1.00 40.38 ? 107 ASN A CA  1 
ATOM   871  C  C   . ASN A 1 108 ? -1.161  7.835   -8.437  1.00 40.38 ? 107 ASN A C   1 
ATOM   872  O  O   . ASN A 1 108 ? -2.057  8.307   -9.132  1.00 38.21 ? 107 ASN A O   1 
ATOM   873  C  CB  . ASN A 1 108 ? -1.226  8.374   -5.996  1.00 44.01 ? 107 ASN A CB  1 
ATOM   874  C  CG  . ASN A 1 108 ? -2.173  9.577   -5.953  1.00 47.61 ? 107 ASN A CG  1 
ATOM   875  O  OD1 . ASN A 1 108 ? -3.388  9.481   -6.149  1.00 48.77 ? 107 ASN A OD1 1 
ATOM   876  N  ND2 . ASN A 1 108 ? -1.629  10.764  -5.674  1.00 45.92 ? 107 ASN A ND2 1 
ATOM   877  N  N   . GLN A 1 109 ? 0.103   7.695   -8.882  1.00 41.35 ? 108 GLN A N   1 
ATOM   878  C  CA  . GLN A 1 109 ? 0.517   8.135   -10.209 1.00 46.43 ? 108 GLN A CA  1 
ATOM   879  C  C   . GLN A 1 109 ? -0.227  7.360   -11.289 1.00 48.57 ? 108 GLN A C   1 
ATOM   880  O  O   . GLN A 1 109 ? -0.723  7.933   -12.267 1.00 48.43 ? 108 GLN A O   1 
ATOM   881  C  CB  . GLN A 1 109 ? 2.025   7.934   -10.427 1.00 49.75 ? 108 GLN A CB  1 
ATOM   882  C  CG  . GLN A 1 109 ? 2.606   8.648   -11.650 1.00 55.79 ? 108 GLN A CG  1 
ATOM   883  C  CD  . GLN A 1 109 ? 2.289   10.148  -11.678 1.00 61.47 ? 108 GLN A CD  1 
ATOM   884  O  OE1 . GLN A 1 109 ? 2.821   10.953  -10.904 1.00 63.20 ? 108 GLN A OE1 1 
ATOM   885  N  NE2 . GLN A 1 109 ? 1.387   10.557  -12.574 1.00 61.82 ? 108 GLN A NE2 1 
ATOM   886  N  N   . ALA A 1 110 ? -0.334  6.046   -11.062 1.00 47.87 ? 109 ALA A N   1 
ATOM   887  C  CA  . ALA A 1 110 ? -1.038  5.179   -11.970 1.00 48.91 ? 109 ALA A CA  1 
ATOM   888  C  C   . ALA A 1 110 ? -2.499  5.570   -12.062 1.00 50.93 ? 109 ALA A C   1 
ATOM   889  O  O   . ALA A 1 110 ? -3.008  5.629   -13.179 1.00 53.37 ? 109 ALA A O   1 
ATOM   890  C  CB  . ALA A 1 110 ? -0.931  3.779   -11.480 1.00 49.52 ? 109 ALA A CB  1 
ATOM   891  N  N   . LEU A 1 111 ? -3.164  5.891   -10.939 1.00 51.84 ? 110 LEU A N   1 
ATOM   892  C  CA  . LEU A 1 111 ? -4.546  6.366   -10.946 1.00 56.38 ? 110 LEU A CA  1 
ATOM   893  C  C   . LEU A 1 111 ? -4.810  7.690   -11.667 1.00 58.67 ? 110 LEU A C   1 
ATOM   894  O  O   . LEU A 1 111 ? -5.913  7.980   -12.146 1.00 57.57 ? 110 LEU A O   1 
ATOM   895  C  CB  . LEU A 1 111 ? -5.047  6.513   -9.528  1.00 59.60 ? 110 LEU A CB  1 
ATOM   896  C  CG  . LEU A 1 111 ? -5.444  5.239   -8.847  1.00 64.27 ? 110 LEU A CG  1 
ATOM   897  C  CD1 . LEU A 1 111 ? -5.679  5.507   -7.369  1.00 65.05 ? 110 LEU A CD1 1 
ATOM   898  C  CD2 . LEU A 1 111 ? -6.679  4.680   -9.541  1.00 64.37 ? 110 LEU A CD2 1 
ATOM   899  N  N   . LEU A 1 112 ? -3.778  8.531   -11.709 1.00 61.24 ? 111 LEU A N   1 
ATOM   900  C  CA  . LEU A 1 112 ? -3.830  9.775   -12.439 1.00 64.68 ? 111 LEU A CA  1 
ATOM   901  C  C   . LEU A 1 112 ? -3.837  9.418   -13.921 1.00 67.74 ? 111 LEU A C   1 
ATOM   902  O  O   . LEU A 1 112 ? -4.755  9.814   -14.647 1.00 70.19 ? 111 LEU A O   1 
ATOM   903  C  CB  . LEU A 1 112 ? -2.613  10.599  -12.020 1.00 64.52 ? 111 LEU A CB  1 
ATOM   904  C  CG  . LEU A 1 112 ? -2.727  11.654  -10.895 1.00 66.16 ? 111 LEU A CG  1 
ATOM   905  C  CD1 . LEU A 1 112 ? -3.936  11.395  -9.989  1.00 63.22 ? 111 LEU A CD1 1 
ATOM   906  C  CD2 . LEU A 1 112 ? -1.405  11.657  -10.121 1.00 65.83 ? 111 LEU A CD2 1 
ATOM   907  N  N   . ASP A 1 113 ? -2.887  8.571   -14.356 1.00 69.96 ? 112 ASP A N   1 
ATOM   908  C  CA  . ASP A 1 113 ? -2.795  8.116   -15.740 1.00 72.08 ? 112 ASP A CA  1 
ATOM   909  C  C   . ASP A 1 113 ? -4.020  7.345   -16.241 1.00 72.72 ? 112 ASP A C   1 
ATOM   910  O  O   . ASP A 1 113 ? -4.330  7.326   -17.435 1.00 73.12 ? 112 ASP A O   1 
ATOM   911  C  CB  . ASP A 1 113 ? -1.501  7.285   -15.856 1.00 73.94 ? 112 ASP A CB  1 
ATOM   912  C  CG  . ASP A 1 113 ? -0.201  8.098   -15.725 1.00 77.72 ? 112 ASP A CG  1 
ATOM   913  O  OD1 . ASP A 1 113 ? -0.237  9.335   -15.685 1.00 79.37 ? 112 ASP A OD1 1 
ATOM   914  O  OD2 . ASP A 1 113 ? 0.867   7.486   -15.667 1.00 78.19 ? 112 ASP A OD2 1 
ATOM   915  N  N   . LEU A 1 114 ? -4.769  6.760   -15.302 1.00 71.98 ? 113 LEU A N   1 
ATOM   916  C  CA  . LEU A 1 114 ? -6.021  6.069   -15.553 1.00 70.48 ? 113 LEU A CA  1 
ATOM   917  C  C   . LEU A 1 114 ? -7.089  7.146   -15.735 1.00 68.23 ? 113 LEU A C   1 
ATOM   918  O  O   . LEU A 1 114 ? -7.746  7.119   -16.767 1.00 67.28 ? 113 LEU A O   1 
ATOM   919  C  CB  . LEU A 1 114 ? -6.361  5.194   -14.352 1.00 73.01 ? 113 LEU A CB  1 
ATOM   920  C  CG  . LEU A 1 114 ? -7.481  4.148   -14.390 1.00 75.46 ? 113 LEU A CG  1 
ATOM   921  C  CD1 . LEU A 1 114 ? -6.904  2.842   -14.880 1.00 77.90 ? 113 LEU A CD1 1 
ATOM   922  C  CD2 . LEU A 1 114 ? -8.034  3.866   -13.003 1.00 76.14 ? 113 LEU A CD2 1 
ATOM   923  N  N   . PRO A 1 135 ? -9.434  8.564   -4.950  1.00 77.99 ? 134 PRO A N   1 
ATOM   924  C  CA  . PRO A 1 135 ? -8.495  9.702   -4.933  1.00 80.21 ? 134 PRO A CA  1 
ATOM   925  C  C   . PRO A 1 135 ? -8.509  10.509  -3.622  1.00 80.80 ? 134 PRO A C   1 
ATOM   926  O  O   . PRO A 1 135 ? -7.438  10.787  -3.058  1.00 80.69 ? 134 PRO A O   1 
ATOM   927  C  CB  . PRO A 1 135 ? -8.846  10.614  -6.118  1.00 80.46 ? 134 PRO A CB  1 
ATOM   928  C  CG  . PRO A 1 135 ? -9.564  9.673   -7.068  1.00 78.86 ? 134 PRO A CG  1 
ATOM   929  C  CD  . PRO A 1 135 ? -10.318 8.801   -6.079  1.00 77.47 ? 134 PRO A CD  1 
ATOM   930  N  N   . GLU A 1 136 ? -9.716  10.870  -3.109  1.00 80.14 ? 135 GLU A N   1 
ATOM   931  C  CA  . GLU A 1 136 ? -9.909  11.613  -1.852  1.00 77.58 ? 135 GLU A CA  1 
ATOM   932  C  C   . GLU A 1 136 ? -9.345  10.818  -0.693  1.00 77.08 ? 135 GLU A C   1 
ATOM   933  O  O   . GLU A 1 136 ? -9.089  11.368  0.377   1.00 80.32 ? 135 GLU A O   1 
ATOM   934  C  CB  . GLU A 1 136 ? -11.383 11.864  -1.548  1.00 74.84 ? 135 GLU A CB  1 
ATOM   935  N  N   . GLU A 1 137 ? -9.142  9.524   -0.976  1.00 74.43 ? 136 GLU A N   1 
ATOM   936  C  CA  . GLU A 1 137 ? -8.554  8.542   -0.093  1.00 73.39 ? 136 GLU A CA  1 
ATOM   937  C  C   . GLU A 1 137 ? -7.057  8.309   -0.316  1.00 70.39 ? 136 GLU A C   1 
ATOM   938  O  O   . GLU A 1 137 ? -6.327  7.972   0.623   1.00 70.66 ? 136 GLU A O   1 
ATOM   939  C  CB  . GLU A 1 137 ? -9.284  7.243   -0.270  1.00 76.17 ? 136 GLU A CB  1 
ATOM   940  C  CG  . GLU A 1 137 ? -8.873  6.242   0.810   1.00 82.61 ? 136 GLU A CG  1 
ATOM   941  C  CD  . GLU A 1 137 ? -9.181  4.780   0.522   1.00 87.45 ? 136 GLU A CD  1 
ATOM   942  O  OE1 . GLU A 1 137 ? -9.976  4.484   -0.376  1.00 89.55 ? 136 GLU A OE1 1 
ATOM   943  O  OE2 . GLU A 1 137 ? -8.615  3.927   1.214   1.00 89.43 ? 136 GLU A OE2 1 
ATOM   944  N  N   . GLN A 1 138 ? -6.574  8.407   -1.560  1.00 65.43 ? 137 GLN A N   1 
ATOM   945  C  CA  . GLN A 1 138 ? -5.152  8.258   -1.826  1.00 59.54 ? 137 GLN A CA  1 
ATOM   946  C  C   . GLN A 1 138 ? -4.330  9.392   -1.252  1.00 55.39 ? 137 GLN A C   1 
ATOM   947  O  O   . GLN A 1 138 ? -3.256  9.141   -0.710  1.00 52.78 ? 137 GLN A O   1 
ATOM   948  C  CB  . GLN A 1 138 ? -4.888  8.184   -3.324  1.00 61.38 ? 137 GLN A CB  1 
ATOM   949  C  CG  . GLN A 1 138 ? -4.981  6.768   -3.869  1.00 63.05 ? 137 GLN A CG  1 
ATOM   950  C  CD  . GLN A 1 138 ? -3.953  5.820   -3.264  1.00 65.17 ? 137 GLN A CD  1 
ATOM   951  O  OE1 . GLN A 1 138 ? -4.263  4.707   -2.828  1.00 65.03 ? 137 GLN A OE1 1 
ATOM   952  N  NE2 . GLN A 1 138 ? -2.691  6.251   -3.220  1.00 66.14 ? 137 GLN A NE2 1 
ATOM   953  N  N   . VAL A 1 139 ? -4.861  10.623  -1.343  1.00 51.43 ? 138 VAL A N   1 
ATOM   954  C  CA  . VAL A 1 139 ? -4.207  11.814  -0.807  1.00 50.74 ? 138 VAL A CA  1 
ATOM   955  C  C   . VAL A 1 139 ? -4.238  11.849  0.719   1.00 46.25 ? 138 VAL A C   1 
ATOM   956  O  O   . VAL A 1 139 ? -3.408  12.488  1.364   1.00 44.43 ? 138 VAL A O   1 
ATOM   957  C  CB  . VAL A 1 139 ? -4.859  13.156  -1.335  1.00 53.14 ? 138 VAL A CB  1 
ATOM   958  C  CG1 . VAL A 1 139 ? -4.869  13.124  -2.850  1.00 53.94 ? 138 VAL A CG1 1 
ATOM   959  C  CG2 . VAL A 1 139 ? -6.289  13.352  -0.841  1.00 56.17 ? 138 VAL A CG2 1 
ATOM   960  N  N   . LYS A 1 140 ? -5.210  11.160  1.309   1.00 42.46 ? 139 LYS A N   1 
ATOM   961  C  CA  . LYS A 1 140 ? -5.346  11.117  2.752   1.00 42.59 ? 139 LYS A CA  1 
ATOM   962  C  C   . LYS A 1 140 ? -4.255  10.210  3.306   1.00 38.51 ? 139 LYS A C   1 
ATOM   963  O  O   . LYS A 1 140 ? -3.525  10.554  4.233   1.00 35.68 ? 139 LYS A O   1 
ATOM   964  C  CB  . LYS A 1 140 ? -6.712  10.597  3.016   1.00 47.79 ? 139 LYS A CB  1 
ATOM   965  C  CG  . LYS A 1 140 ? -7.438  11.093  4.253   1.00 56.44 ? 139 LYS A CG  1 
ATOM   966  C  CD  . LYS A 1 140 ? -8.853  10.494  4.180   1.00 62.37 ? 139 LYS A CD  1 
ATOM   967  C  CE  . LYS A 1 140 ? -8.815  8.947   4.234   1.00 66.95 ? 139 LYS A CE  1 
ATOM   968  N  NZ  . LYS A 1 140 ? -10.014 8.353   3.666   1.00 68.96 ? 139 LYS A NZ  1 
ATOM   969  N  N   . SER A 1 141 ? -4.114  9.078   2.620   1.00 33.53 ? 140 SER A N   1 
ATOM   970  C  CA  . SER A 1 141 ? -3.127  8.073   2.915   1.00 32.72 ? 140 SER A CA  1 
ATOM   971  C  C   . SER A 1 141 ? -1.712  8.634   2.791   1.00 30.23 ? 140 SER A C   1 
ATOM   972  O  O   . SER A 1 141 ? -0.874  8.431   3.677   1.00 27.14 ? 140 SER A O   1 
ATOM   973  C  CB  . SER A 1 141 ? -3.381  6.927   1.953   1.00 35.26 ? 140 SER A CB  1 
ATOM   974  O  OG  . SER A 1 141 ? -2.645  5.780   2.316   1.00 44.48 ? 140 SER A OG  1 
ATOM   975  N  N   . ILE A 1 142 ? -1.447  9.399   1.726   1.00 27.74 ? 141 ILE A N   1 
ATOM   976  C  CA  . ILE A 1 142 ? -0.116  9.989   1.513   1.00 29.12 ? 141 ILE A CA  1 
ATOM   977  C  C   . ILE A 1 142 ? 0.197   11.076  2.542   1.00 29.62 ? 141 ILE A C   1 
ATOM   978  O  O   . ILE A 1 142 ? 1.316   11.084  3.062   1.00 27.47 ? 141 ILE A O   1 
ATOM   979  C  CB  . ILE A 1 142 ? -0.035  10.552  0.049   1.00 29.16 ? 141 ILE A CB  1 
ATOM   980  C  CG1 . ILE A 1 142 ? 0.047   9.354   -0.878  1.00 29.15 ? 141 ILE A CG1 1 
ATOM   981  C  CG2 . ILE A 1 142 ? 1.163   11.482  -0.181  1.00 26.69 ? 141 ILE A CG2 1 
ATOM   982  C  CD1 . ILE A 1 142 ? -0.256  9.689   -2.348  1.00 31.50 ? 141 ILE A CD1 1 
ATOM   983  N  N   . LYS A 1 143 ? -0.749  11.985  2.856   1.00 27.25 ? 142 LYS A N   1 
ATOM   984  C  CA  . LYS A 1 143 ? -0.565  12.981  3.911   1.00 27.39 ? 142 LYS A CA  1 
ATOM   985  C  C   . LYS A 1 143 ? -0.285  12.273  5.255   1.00 28.24 ? 142 LYS A C   1 
ATOM   986  O  O   . LYS A 1 143 ? 0.592   12.722  6.007   1.00 28.10 ? 142 LYS A O   1 
ATOM   987  C  CB  . LYS A 1 143 ? -1.826  13.840  4.028   1.00 28.58 ? 142 LYS A CB  1 
ATOM   988  C  CG  . LYS A 1 143 ? -1.842  14.881  5.166   1.00 28.63 ? 142 LYS A CG  1 
ATOM   989  C  CD  . LYS A 1 143 ? -0.648  15.832  5.095   1.00 26.39 ? 142 LYS A CD  1 
ATOM   990  C  CE  . LYS A 1 143 ? -0.886  17.057  5.959   1.00 29.01 ? 142 LYS A CE  1 
ATOM   991  N  NZ  . LYS A 1 143 ? -0.928  16.722  7.373   1.00 29.74 ? 142 LYS A NZ  1 
ATOM   992  N  N   . GLN A 1 144 ? -0.984  11.155  5.548   1.00 28.84 ? 143 GLN A N   1 
ATOM   993  C  CA  . GLN A 1 144 ? -0.749  10.386  6.757   1.00 29.44 ? 143 GLN A CA  1 
ATOM   994  C  C   . GLN A 1 144 ? 0.668   9.832   6.852   1.00 26.62 ? 143 GLN A C   1 
ATOM   995  O  O   . GLN A 1 144 ? 1.336   10.014  7.880   1.00 24.66 ? 143 GLN A O   1 
ATOM   996  C  CB  . GLN A 1 144 ? -1.747  9.257   6.818   1.00 33.87 ? 143 GLN A CB  1 
ATOM   997  C  CG  . GLN A 1 144 ? -1.747  8.511   8.143   1.00 40.57 ? 143 GLN A CG  1 
ATOM   998  C  CD  . GLN A 1 144 ? -2.662  7.298   8.170   1.00 45.95 ? 143 GLN A CD  1 
ATOM   999  O  OE1 . GLN A 1 144 ? -3.083  6.879   9.244   1.00 52.70 ? 143 GLN A OE1 1 
ATOM   1000 N  NE2 . GLN A 1 144 ? -2.996  6.664   7.043   1.00 48.64 ? 143 GLN A NE2 1 
ATOM   1001 N  N   . LEU A 1 145 ? 1.178   9.238   5.770   1.00 23.60 ? 144 LEU A N   1 
ATOM   1002 C  CA  . LEU A 1 145 ? 2.562   8.769   5.755   1.00 23.00 ? 144 LEU A CA  1 
ATOM   1003 C  C   . LEU A 1 145 ? 3.568   9.905   5.858   1.00 22.73 ? 144 LEU A C   1 
ATOM   1004 O  O   . LEU A 1 145 ? 4.577   9.737   6.530   1.00 25.20 ? 144 LEU A O   1 
ATOM   1005 C  CB  . LEU A 1 145 ? 2.817   7.962   4.492   1.00 20.89 ? 144 LEU A CB  1 
ATOM   1006 C  CG  . LEU A 1 145 ? 2.035   6.648   4.483   1.00 21.95 ? 144 LEU A CG  1 
ATOM   1007 C  CD1 . LEU A 1 145 ? 2.071   6.045   3.106   1.00 23.22 ? 144 LEU A CD1 1 
ATOM   1008 C  CD2 . LEU A 1 145 ? 2.634   5.676   5.476   1.00 22.90 ? 144 LEU A CD2 1 
ATOM   1009 N  N   . GLY A 1 146 ? 3.319   11.089  5.277   1.00 22.89 ? 145 GLY A N   1 
ATOM   1010 C  CA  . GLY A 1 146 ? 4.200   12.248  5.415   1.00 20.24 ? 145 GLY A CA  1 
ATOM   1011 C  C   . GLY A 1 146 ? 4.227   12.709  6.864   1.00 20.13 ? 145 GLY A C   1 
ATOM   1012 O  O   . GLY A 1 146 ? 5.292   12.985  7.404   1.00 19.88 ? 145 GLY A O   1 
ATOM   1013 N  N   . ASP A 1 147 ? 3.056   12.768  7.520   1.00 19.89 ? 146 ASP A N   1 
ATOM   1014 C  CA  . ASP A 1 147 ? 2.990   13.104  8.931   1.00 22.27 ? 146 ASP A CA  1 
ATOM   1015 C  C   . ASP A 1 147 ? 3.835   12.142  9.745   1.00 22.28 ? 146 ASP A C   1 
ATOM   1016 O  O   . ASP A 1 147 ? 4.650   12.593  10.546  1.00 24.28 ? 146 ASP A O   1 
ATOM   1017 C  CB  . ASP A 1 147 ? 1.555   13.031  9.463   1.00 24.79 ? 146 ASP A CB  1 
ATOM   1018 C  CG  . ASP A 1 147 ? 0.618   14.122  8.978   1.00 27.66 ? 146 ASP A CG  1 
ATOM   1019 O  OD1 . ASP A 1 147 ? 1.050   15.085  8.336   1.00 26.74 ? 146 ASP A OD1 1 
ATOM   1020 O  OD2 . ASP A 1 147 ? -0.568  13.990  9.254   1.00 31.92 ? 146 ASP A OD2 1 
ATOM   1021 N  N   . TYR A 1 148 ? 3.715   10.832  9.490   1.00 20.55 ? 147 TYR A N   1 
ATOM   1022 C  CA  . TYR A 1 148 ? 4.481   9.835   10.213  1.00 20.02 ? 147 TYR A CA  1 
ATOM   1023 C  C   . TYR A 1 148 ? 5.967   9.991   10.059  1.00 20.81 ? 147 TYR A C   1 
ATOM   1024 O  O   . TYR A 1 148 ? 6.694   9.958   11.057  1.00 21.58 ? 147 TYR A O   1 
ATOM   1025 C  CB  . TYR A 1 148 ? 4.084   8.445   9.759   1.00 20.01 ? 147 TYR A CB  1 
ATOM   1026 C  CG  . TYR A 1 148 ? 2.694   8.008   10.228  1.00 21.37 ? 147 TYR A CG  1 
ATOM   1027 C  CD1 . TYR A 1 148 ? 1.968   8.753   11.168  1.00 22.48 ? 147 TYR A CD1 1 
ATOM   1028 C  CD2 . TYR A 1 148 ? 2.146   6.837   9.718   1.00 22.99 ? 147 TYR A CD2 1 
ATOM   1029 C  CE1 . TYR A 1 148 ? 0.710   8.330   11.598  1.00 24.56 ? 147 TYR A CE1 1 
ATOM   1030 C  CE2 . TYR A 1 148 ? 0.878   6.404   10.141  1.00 25.79 ? 147 TYR A CE2 1 
ATOM   1031 C  CZ  . TYR A 1 148 ? 0.175   7.160   11.080  1.00 25.05 ? 147 TYR A CZ  1 
ATOM   1032 O  OH  . TYR A 1 148 ? -1.075  6.766   11.493  1.00 29.65 ? 147 TYR A OH  1 
ATOM   1033 N  N   . ILE A 1 149 ? 6.418   10.239  8.824   1.00 20.38 ? 148 ILE A N   1 
ATOM   1034 C  CA  . ILE A 1 149 ? 7.848   10.419  8.554   1.00 21.68 ? 148 ILE A CA  1 
ATOM   1035 C  C   . ILE A 1 149 ? 8.384   11.655  9.258   1.00 20.59 ? 148 ILE A C   1 
ATOM   1036 O  O   . ILE A 1 149 ? 9.456   11.586  9.851   1.00 23.05 ? 148 ILE A O   1 
ATOM   1037 C  CB  . ILE A 1 149 ? 8.069   10.483  6.995   1.00 22.76 ? 148 ILE A CB  1 
ATOM   1038 C  CG1 . ILE A 1 149 ? 7.736   9.131   6.346   1.00 21.33 ? 148 ILE A CG1 1 
ATOM   1039 C  CG2 . ILE A 1 149 ? 9.530   10.795  6.691   1.00 22.43 ? 148 ILE A CG2 1 
ATOM   1040 C  CD1 . ILE A 1 149 ? 7.651   9.172   4.820   1.00 25.55 ? 148 ILE A CD1 1 
ATOM   1041 N  N   . THR A 1 150 ? 7.646   12.764  9.274   1.00 20.71 ? 149 THR A N   1 
ATOM   1042 C  CA  . THR A 1 150 ? 8.061   13.970  9.981   1.00 22.19 ? 149 THR A CA  1 
ATOM   1043 C  C   . THR A 1 150 ? 8.269   13.717  11.481  1.00 23.49 ? 149 THR A C   1 
ATOM   1044 O  O   . THR A 1 150 ? 9.268   14.142  12.076  1.00 22.77 ? 149 THR A O   1 
ATOM   1045 C  CB  . THR A 1 150 ? 6.995   15.037  9.746   1.00 22.12 ? 149 THR A CB  1 
ATOM   1046 O  OG1 . THR A 1 150 ? 7.114   15.359  8.366   1.00 21.72 ? 149 THR A OG1 1 
ATOM   1047 C  CG2 . THR A 1 150 ? 7.140   16.276  10.621  1.00 22.71 ? 149 THR A CG2 1 
ATOM   1048 N  N   . ASN A 1 151 ? 7.331   12.975  12.084  1.00 21.16 ? 150 ASN A N   1 
ATOM   1049 C  CA  . ASN A 1 151 ? 7.436   12.639  13.494  1.00 20.87 ? 150 ASN A CA  1 
ATOM   1050 C  C   . ASN A 1 151 ? 8.533   11.644  13.806  1.00 18.64 ? 150 ASN A C   1 
ATOM   1051 O  O   . ASN A 1 151 ? 9.141   11.749  14.859  1.00 20.50 ? 150 ASN A O   1 
ATOM   1052 C  CB  . ASN A 1 151 ? 6.094   12.116  13.980  1.00 18.32 ? 150 ASN A CB  1 
ATOM   1053 C  CG  . ASN A 1 151 ? 5.235   13.328  14.276  1.00 21.18 ? 150 ASN A CG  1 
ATOM   1054 O  OD1 . ASN A 1 151 ? 5.486   14.031  15.245  1.00 23.85 ? 150 ASN A OD1 1 
ATOM   1055 N  ND2 . ASN A 1 151 ? 4.239   13.664  13.474  1.00 20.56 ? 150 ASN A ND2 1 
ATOM   1056 N  N   . LEU A 1 152 ? 8.828   10.694  12.921  1.00 20.86 ? 151 LEU A N   1 
ATOM   1057 C  CA  . LEU A 1 152 ? 9.946   9.792   13.135  1.00 22.00 ? 151 LEU A CA  1 
ATOM   1058 C  C   . LEU A 1 152 ? 11.269  10.564  13.049  1.00 23.27 ? 151 LEU A C   1 
ATOM   1059 O  O   . LEU A 1 152 ? 12.177  10.332  13.855  1.00 23.78 ? 151 LEU A O   1 
ATOM   1060 C  CB  . LEU A 1 152 ? 9.876   8.664   12.094  1.00 20.75 ? 151 LEU A CB  1 
ATOM   1061 C  CG  . LEU A 1 152 ? 8.822   7.628   12.402  1.00 20.63 ? 151 LEU A CG  1 
ATOM   1062 C  CD1 . LEU A 1 152 ? 8.516   6.835   11.179  1.00 21.59 ? 151 LEU A CD1 1 
ATOM   1063 C  CD2 . LEU A 1 152 ? 9.332   6.709   13.492  1.00 21.90 ? 151 LEU A CD2 1 
ATOM   1064 N  N   . LYS A 1 153 ? 11.393  11.540  12.132  1.00 22.32 ? 152 LYS A N   1 
ATOM   1065 C  CA  . LYS A 1 153 ? 12.602  12.349  12.077  1.00 23.85 ? 152 LYS A CA  1 
ATOM   1066 C  C   . LYS A 1 153 ? 12.726  13.229  13.314  1.00 23.04 ? 152 LYS A C   1 
ATOM   1067 O  O   . LYS A 1 153 ? 13.820  13.332  13.868  1.00 24.29 ? 152 LYS A O   1 
ATOM   1068 C  CB  . LYS A 1 153 ? 12.577  13.185  10.815  1.00 25.94 ? 152 LYS A CB  1 
ATOM   1069 C  CG  . LYS A 1 153 ? 12.818  12.368  9.547   1.00 26.43 ? 152 LYS A CG  1 
ATOM   1070 C  CD  . LYS A 1 153 ? 12.492  13.305  8.409   1.00 31.26 ? 152 LYS A CD  1 
ATOM   1071 C  CE  . LYS A 1 153 ? 12.929  12.744  7.083   1.00 38.72 ? 152 LYS A CE  1 
ATOM   1072 N  NZ  . LYS A 1 153 ? 12.759  13.767  6.064   1.00 43.08 ? 152 LYS A NZ  1 
ATOM   1073 N  N   . ARG A 1 154 ? 11.624  13.812  13.808  1.00 23.27 ? 153 ARG A N   1 
ATOM   1074 C  CA  . ARG A 1 154 ? 11.618  14.554  15.061  1.00 23.96 ? 153 ARG A CA  1 
ATOM   1075 C  C   . ARG A 1 154 ? 12.080  13.693  16.250  1.00 26.56 ? 153 ARG A C   1 
ATOM   1076 O  O   . ARG A 1 154 ? 12.815  14.164  17.126  1.00 27.50 ? 153 ARG A O   1 
ATOM   1077 C  CB  . ARG A 1 154 ? 10.190  15.093  15.290  1.00 24.05 ? 153 ARG A CB  1 
ATOM   1078 C  CG  . ARG A 1 154 ? 9.817   15.678  16.673  1.00 28.43 ? 153 ARG A CG  1 
ATOM   1079 C  CD  . ARG A 1 154 ? 9.022   16.998  16.644  1.00 29.61 ? 153 ARG A CD  1 
ATOM   1080 N  NE  . ARG A 1 154 ? 7.863   16.668  15.886  1.00 30.96 ? 153 ARG A NE  1 
ATOM   1081 C  CZ  . ARG A 1 154 ? 7.231   17.406  14.993  1.00 26.33 ? 153 ARG A CZ  1 
ATOM   1082 N  NH1 . ARG A 1 154 ? 7.537   18.651  14.642  1.00 25.25 ? 153 ARG A NH1 1 
ATOM   1083 N  NH2 . ARG A 1 154 ? 6.302   16.741  14.347  1.00 26.90 ? 153 ARG A NH2 1 
ATOM   1084 N  N   . LEU A 1 155 ? 11.698  12.408  16.310  1.00 27.73 ? 154 LEU A N   1 
ATOM   1085 C  CA  . LEU A 1 155 ? 12.065  11.529  17.412  1.00 26.54 ? 154 LEU A CA  1 
ATOM   1086 C  C   . LEU A 1 155 ? 13.485  10.994  17.326  1.00 29.08 ? 154 LEU A C   1 
ATOM   1087 O  O   . LEU A 1 155 ? 13.921  10.245  18.212  1.00 30.36 ? 154 LEU A O   1 
ATOM   1088 C  CB  . LEU A 1 155 ? 11.100  10.384  17.452  1.00 25.87 ? 154 LEU A CB  1 
ATOM   1089 C  CG  . LEU A 1 155 ? 9.769   10.692  18.072  1.00 24.76 ? 154 LEU A CG  1 
ATOM   1090 C  CD1 . LEU A 1 155 ? 8.766   9.630   17.687  1.00 23.71 ? 154 LEU A CD1 1 
ATOM   1091 C  CD2 . LEU A 1 155 ? 9.934   10.740  19.579  1.00 26.65 ? 154 LEU A CD2 1 
ATOM   1092 N  N   . GLY A 1 156 ? 14.185  11.350  16.233  1.00 28.12 ? 155 GLY A N   1 
ATOM   1093 C  CA  . GLY A 1 156 ? 15.599  11.030  16.067  1.00 28.58 ? 155 GLY A CA  1 
ATOM   1094 C  C   . GLY A 1 156 ? 15.938  9.729   15.372  1.00 27.85 ? 155 GLY A C   1 
ATOM   1095 O  O   . GLY A 1 156 ? 17.056  9.234   15.546  1.00 27.84 ? 155 GLY A O   1 
ATOM   1096 N  N   . LEU A 1 157 ? 15.012  9.136   14.615  1.00 26.66 ? 156 LEU A N   1 
ATOM   1097 C  CA  . LEU A 1 157 ? 15.315  7.942   13.833  1.00 28.56 ? 156 LEU A CA  1 
ATOM   1098 C  C   . LEU A 1 157 ? 16.355  8.327   12.773  1.00 30.53 ? 156 LEU A C   1 
ATOM   1099 O  O   . LEU A 1 157 ? 16.311  9.445   12.271  1.00 30.99 ? 156 LEU A O   1 
ATOM   1100 C  CB  . LEU A 1 157 ? 14.041  7.421   13.156  1.00 27.95 ? 156 LEU A CB  1 
ATOM   1101 C  CG  . LEU A 1 157 ? 13.016  6.509   13.849  1.00 27.85 ? 156 LEU A CG  1 
ATOM   1102 C  CD1 . LEU A 1 157 ? 13.566  5.112   13.885  1.00 30.14 ? 156 LEU A CD1 1 
ATOM   1103 C  CD2 . LEU A 1 157 ? 12.678  7.025   15.230  1.00 25.45 ? 156 LEU A CD2 1 
ATOM   1104 N  N   . PRO A 1 158 ? 17.303  7.493   12.360  1.00 33.04 ? 157 PRO A N   1 
ATOM   1105 C  CA  . PRO A 1 158 ? 17.380  6.064   12.662  1.00 34.73 ? 157 PRO A CA  1 
ATOM   1106 C  C   . PRO A 1 158 ? 17.943  5.636   14.005  1.00 33.94 ? 157 PRO A C   1 
ATOM   1107 O  O   . PRO A 1 158 ? 17.586  4.581   14.533  1.00 36.66 ? 157 PRO A O   1 
ATOM   1108 C  CB  . PRO A 1 158 ? 18.193  5.506   11.516  1.00 38.19 ? 157 PRO A CB  1 
ATOM   1109 C  CG  . PRO A 1 158 ? 18.160  6.572   10.453  1.00 35.84 ? 157 PRO A CG  1 
ATOM   1110 C  CD  . PRO A 1 158 ? 18.261  7.820   11.312  1.00 33.82 ? 157 PRO A CD  1 
ATOM   1111 N  N   . GLN A 1 159 ? 18.806  6.508   14.535  1.00 33.16 ? 158 GLN A N   1 
ATOM   1112 C  CA  . GLN A 1 159 ? 19.599  6.254   15.724  1.00 34.46 ? 158 GLN A CA  1 
ATOM   1113 C  C   . GLN A 1 159 ? 18.883  6.132   17.040  1.00 33.96 ? 158 GLN A C   1 
ATOM   1114 O  O   . GLN A 1 159 ? 19.320  5.352   17.884  1.00 36.60 ? 158 GLN A O   1 
ATOM   1115 C  CB  . GLN A 1 159 ? 20.647  7.326   15.966  1.00 39.48 ? 158 GLN A CB  1 
ATOM   1116 C  CG  . GLN A 1 159 ? 21.669  7.589   14.869  1.00 49.83 ? 158 GLN A CG  1 
ATOM   1117 C  CD  . GLN A 1 159 ? 21.219  8.573   13.786  1.00 56.07 ? 158 GLN A CD  1 
ATOM   1118 O  OE1 . GLN A 1 159 ? 20.091  9.081   13.757  1.00 57.58 ? 158 GLN A OE1 1 
ATOM   1119 N  NE2 . GLN A 1 159 ? 22.128  8.857   12.849  1.00 58.36 ? 158 GLN A NE2 1 
ATOM   1120 N  N   . ASN A 1 160 ? 17.822  6.904   17.253  1.00 30.19 ? 159 ASN A N   1 
ATOM   1121 C  CA  . ASN A 1 160 ? 17.176  6.909   18.545  1.00 28.56 ? 159 ASN A CA  1 
ATOM   1122 C  C   . ASN A 1 160 ? 16.110  5.829   18.693  1.00 29.06 ? 159 ASN A C   1 
ATOM   1123 O  O   . ASN A 1 160 ? 14.947  6.010   18.328  1.00 28.27 ? 159 ASN A O   1 
ATOM   1124 C  CB  . ASN A 1 160 ? 16.613  8.284   18.715  1.00 28.28 ? 159 ASN A CB  1 
ATOM   1125 C  CG  . ASN A 1 160 ? 16.297  8.631   20.140  1.00 34.33 ? 159 ASN A CG  1 
ATOM   1126 O  OD1 . ASN A 1 160 ? 15.966  7.803   20.981  1.00 34.15 ? 159 ASN A OD1 1 
ATOM   1127 N  ND2 . ASN A 1 160 ? 16.413  9.923   20.412  1.00 43.09 ? 159 ASN A ND2 1 
ATOM   1128 N  N   . GLY A 1 161 ? 16.512  4.690   19.279  1.00 27.96 ? 160 GLY A N   1 
ATOM   1129 C  CA  . GLY A 1 161 ? 15.632  3.551   19.512  1.00 23.13 ? 160 GLY A CA  1 
ATOM   1130 C  C   . GLY A 1 161 ? 14.495  3.852   20.504  1.00 23.28 ? 160 GLY A C   1 
ATOM   1131 O  O   . GLY A 1 161 ? 13.399  3.290   20.414  1.00 21.54 ? 160 GLY A O   1 
ATOM   1132 N  N   . MET A 1 162 ? 14.729  4.753   21.469  1.00 21.41 ? 161 MET A N   1 
ATOM   1133 C  CA  . MET A 1 162 ? 13.694  5.138   22.403  1.00 22.35 ? 161 MET A CA  1 
ATOM   1134 C  C   . MET A 1 162 ? 12.603  5.894   21.652  1.00 21.77 ? 161 MET A C   1 
ATOM   1135 O  O   . MET A 1 162 ? 11.417  5.706   21.925  1.00 21.57 ? 161 MET A O   1 
ATOM   1136 C  CB  . MET A 1 162 ? 14.286  6.010   23.482  1.00 24.60 ? 161 MET A CB  1 
ATOM   1137 C  CG  . MET A 1 162 ? 13.271  6.311   24.570  1.00 28.92 ? 161 MET A CG  1 
ATOM   1138 S  SD  . MET A 1 162 ? 13.997  7.307   25.898  1.00 34.02 ? 161 MET A SD  1 
ATOM   1139 C  CE  . MET A 1 162 ? 15.021  6.008   26.513  1.00 36.83 ? 161 MET A CE  1 
ATOM   1140 N  N   . GLY A 1 163 ? 12.998  6.703   20.666  1.00 20.31 ? 162 GLY A N   1 
ATOM   1141 C  CA  . GLY A 1 163 ? 12.043  7.417   19.844  1.00 21.33 ? 162 GLY A CA  1 
ATOM   1142 C  C   . GLY A 1 163 ? 11.169  6.451   19.059  1.00 23.79 ? 162 GLY A C   1 
ATOM   1143 O  O   . GLY A 1 163 ? 9.943   6.598   18.987  1.00 23.67 ? 162 GLY A O   1 
ATOM   1144 N  N   . GLU A 1 164 ? 11.804  5.413   18.515  1.00 22.17 ? 163 GLU A N   1 
ATOM   1145 C  CA  . GLU A 1 164 ? 11.084  4.426   17.726  1.00 24.19 ? 163 GLU A CA  1 
ATOM   1146 C  C   . GLU A 1 164 ? 10.069  3.635   18.561  1.00 21.53 ? 163 GLU A C   1 
ATOM   1147 O  O   . GLU A 1 164 ? 8.942   3.381   18.126  1.00 19.31 ? 163 GLU A O   1 
ATOM   1148 C  CB  . GLU A 1 164 ? 12.132  3.517   17.083  1.00 24.54 ? 163 GLU A CB  1 
ATOM   1149 C  CG  . GLU A 1 164 ? 11.522  2.725   15.958  1.00 27.11 ? 163 GLU A CG  1 
ATOM   1150 C  CD  . GLU A 1 164 ? 12.464  1.767   15.250  1.00 30.35 ? 163 GLU A CD  1 
ATOM   1151 O  OE1 . GLU A 1 164 ? 13.538  1.461   15.764  1.00 34.99 ? 163 GLU A OE1 1 
ATOM   1152 O  OE2 . GLU A 1 164 ? 12.098  1.315   14.170  1.00 25.31 ? 163 GLU A OE2 1 
ATOM   1153 N  N   . TYR A 1 165 ? 10.456  3.277   19.788  1.00 21.17 ? 164 TYR A N   1 
ATOM   1154 C  CA  . TYR A 1 165 ? 9.579   2.603   20.732  1.00 18.56 ? 164 TYR A CA  1 
ATOM   1155 C  C   . TYR A 1 165 ? 8.399   3.496   21.060  1.00 19.27 ? 164 TYR A C   1 
ATOM   1156 O  O   . TYR A 1 165 ? 7.269   3.010   21.103  1.00 18.15 ? 164 TYR A O   1 
ATOM   1157 C  CB  . TYR A 1 165 ? 10.360  2.288   22.007  1.00 18.98 ? 164 TYR A CB  1 
ATOM   1158 C  CG  . TYR A 1 165 ? 9.511   1.699   23.126  1.00 20.65 ? 164 TYR A CG  1 
ATOM   1159 C  CD1 . TYR A 1 165 ? 9.312   0.313   23.226  1.00 20.42 ? 164 TYR A CD1 1 
ATOM   1160 C  CD2 . TYR A 1 165 ? 8.938   2.558   24.075  1.00 20.74 ? 164 TYR A CD2 1 
ATOM   1161 C  CE1 . TYR A 1 165 ? 8.545   -0.215  24.279  1.00 20.49 ? 164 TYR A CE1 1 
ATOM   1162 C  CE2 . TYR A 1 165 ? 8.168   2.043   25.118  1.00 23.86 ? 164 TYR A CE2 1 
ATOM   1163 C  CZ  . TYR A 1 165 ? 7.982   0.664   25.216  1.00 22.67 ? 164 TYR A CZ  1 
ATOM   1164 O  OH  . TYR A 1 165 ? 7.251   0.191   26.278  1.00 22.24 ? 164 TYR A OH  1 
ATOM   1165 N  N   . LEU A 1 166 ? 8.665   4.783   21.357  1.00 18.16 ? 165 LEU A N   1 
ATOM   1166 C  CA  . LEU A 1 166 ? 7.610   5.728   21.690  1.00 19.53 ? 165 LEU A CA  1 
ATOM   1167 C  C   . LEU A 1 166 ? 6.657   5.971   20.528  1.00 19.85 ? 165 LEU A C   1 
ATOM   1168 O  O   . LEU A 1 166 ? 5.452   6.075   20.755  1.00 19.56 ? 165 LEU A O   1 
ATOM   1169 C  CB  . LEU A 1 166 ? 8.231   7.056   22.146  1.00 19.28 ? 165 LEU A CB  1 
ATOM   1170 C  CG  . LEU A 1 166 ? 8.847   7.071   23.552  1.00 20.89 ? 165 LEU A CG  1 
ATOM   1171 C  CD1 . LEU A 1 166 ? 9.401   8.446   23.843  1.00 23.31 ? 165 LEU A CD1 1 
ATOM   1172 C  CD2 . LEU A 1 166 ? 7.797   6.723   24.596  1.00 21.38 ? 165 LEU A CD2 1 
ATOM   1173 N  N   . PHE A 1 167 ? 7.151   6.004   19.280  1.00 18.67 ? 166 PHE A N   1 
ATOM   1174 C  CA  . PHE A 1 167 ? 6.281   6.173   18.131  1.00 20.41 ? 166 PHE A CA  1 
ATOM   1175 C  C   . PHE A 1 167 ? 5.295   5.000   18.017  1.00 20.12 ? 166 PHE A C   1 
ATOM   1176 O  O   . PHE A 1 167 ? 4.104   5.202   17.737  1.00 18.72 ? 166 PHE A O   1 
ATOM   1177 C  CB  . PHE A 1 167 ? 7.133   6.271   16.860  1.00 17.59 ? 166 PHE A CB  1 
ATOM   1178 C  CG  . PHE A 1 167 ? 6.280   6.473   15.597  1.00 21.78 ? 166 PHE A CG  1 
ATOM   1179 C  CD1 . PHE A 1 167 ? 5.796   7.745   15.268  1.00 21.47 ? 166 PHE A CD1 1 
ATOM   1180 C  CD2 . PHE A 1 167 ? 5.988   5.381   14.758  1.00 22.58 ? 166 PHE A CD2 1 
ATOM   1181 C  CE1 . PHE A 1 167 ? 5.028   7.915   14.107  1.00 21.55 ? 166 PHE A CE1 1 
ATOM   1182 C  CE2 . PHE A 1 167 ? 5.220   5.567   13.609  1.00 22.99 ? 166 PHE A CE2 1 
ATOM   1183 C  CZ  . PHE A 1 167 ? 4.738   6.829   13.280  1.00 22.30 ? 166 PHE A CZ  1 
ATOM   1184 N  N   . ASP A 1 168 ? 5.779   3.767   18.247  1.00 18.06 ? 167 ASP A N   1 
ATOM   1185 C  CA  . ASP A 1 168 ? 4.915   2.612   18.141  1.00 19.97 ? 167 ASP A CA  1 
ATOM   1186 C  C   . ASP A 1 168 ? 3.825   2.663   19.205  1.00 21.54 ? 167 ASP A C   1 
ATOM   1187 O  O   . ASP A 1 168 ? 2.681   2.294   18.911  1.00 22.30 ? 167 ASP A O   1 
ATOM   1188 C  CB  . ASP A 1 168 ? 5.757   1.357   18.277  1.00 19.58 ? 167 ASP A CB  1 
ATOM   1189 C  CG  . ASP A 1 168 ? 4.958   0.056   18.334  1.00 21.98 ? 167 ASP A CG  1 
ATOM   1190 O  OD1 . ASP A 1 168 ? 4.696   -0.525  17.283  1.00 21.95 ? 167 ASP A OD1 1 
ATOM   1191 O  OD2 . ASP A 1 168 ? 4.611   -0.376  19.437  1.00 24.74 ? 167 ASP A OD2 1 
ATOM   1192 N  N   . LYS A 1 169 ? 4.133   3.168   20.415  1.00 19.10 ? 168 LYS A N   1 
ATOM   1193 C  CA  . LYS A 1 169 ? 3.128   3.243   21.474  1.00 22.51 ? 168 LYS A CA  1 
ATOM   1194 C  C   . LYS A 1 169 ? 2.131   4.389   21.347  1.00 23.33 ? 168 LYS A C   1 
ATOM   1195 O  O   . LYS A 1 169 ? 0.918   4.181   21.450  1.00 25.36 ? 168 LYS A O   1 
ATOM   1196 C  CB  . LYS A 1 169 ? 3.814   3.359   22.854  1.00 21.84 ? 168 LYS A CB  1 
ATOM   1197 C  CG  . LYS A 1 169 ? 4.674   2.168   23.238  1.00 25.08 ? 168 LYS A CG  1 
ATOM   1198 C  CD  . LYS A 1 169 ? 3.838   0.898   23.241  1.00 27.90 ? 168 LYS A CD  1 
ATOM   1199 C  CE  . LYS A 1 169 ? 4.678   -0.287  23.674  1.00 30.27 ? 168 LYS A CE  1 
ATOM   1200 N  NZ  . LYS A 1 169 ? 3.842   -1.478  23.677  1.00 34.75 ? 168 LYS A NZ  1 
ATOM   1201 N  N   . HIS A 1 170 ? 2.629   5.596   21.082  1.00 25.24 ? 169 HIS A N   1 
ATOM   1202 C  CA  . HIS A 1 170 ? 1.823   6.808   21.098  1.00 26.07 ? 169 HIS A CA  1 
ATOM   1203 C  C   . HIS A 1 170 ? 1.144   7.212   19.813  1.00 28.50 ? 169 HIS A C   1 
ATOM   1204 O  O   . HIS A 1 170 ? 0.083   7.847   19.873  1.00 34.83 ? 169 HIS A O   1 
ATOM   1205 C  CB  . HIS A 1 170 ? 2.700   7.968   21.618  1.00 25.14 ? 169 HIS A CB  1 
ATOM   1206 C  CG  . HIS A 1 170 ? 2.828   7.952   23.132  1.00 30.10 ? 169 HIS A CG  1 
ATOM   1207 N  ND1 . HIS A 1 170 ? 1.828   8.119   23.984  1.00 33.88 ? 169 HIS A ND1 1 
ATOM   1208 C  CD2 . HIS A 1 170 ? 3.977   7.765   23.873  1.00 34.65 ? 169 HIS A CD2 1 
ATOM   1209 C  CE1 . HIS A 1 170 ? 2.340   8.038   25.201  1.00 38.70 ? 169 HIS A CE1 1 
ATOM   1210 N  NE2 . HIS A 1 170 ? 3.635   7.824   25.150  1.00 38.04 ? 169 HIS A NE2 1 
ATOM   1211 N  N   . THR A 1 171 ? 1.728   6.895   18.660  1.00 25.26 ? 170 THR A N   1 
ATOM   1212 C  CA  . THR A 1 171 ? 1.103   7.238   17.390  1.00 25.83 ? 170 THR A CA  1 
ATOM   1213 C  C   . THR A 1 171 ? 0.423   6.035   16.792  1.00 24.58 ? 170 THR A C   1 
ATOM   1214 O  O   . THR A 1 171 ? -0.710  6.150   16.345  1.00 24.28 ? 170 THR A O   1 
ATOM   1215 C  CB  . THR A 1 171 ? 2.142   7.795   16.380  1.00 26.69 ? 170 THR A CB  1 
ATOM   1216 O  OG1 . THR A 1 171 ? 2.564   9.039   16.923  1.00 25.26 ? 170 THR A OG1 1 
ATOM   1217 C  CG2 . THR A 1 171 ? 1.608   8.041   14.968  1.00 25.90 ? 170 THR A CG2 1 
ATOM   1218 N  N   . MET A 1 172 ? 1.112   4.892   16.754  1.00 24.70 ? 171 MET A N   1 
ATOM   1219 C  CA  . MET A 1 172 ? 0.547   3.706   16.131  1.00 27.86 ? 171 MET A CA  1 
ATOM   1220 C  C   . MET A 1 172 ? -0.364  2.970   17.090  1.00 31.79 ? 171 MET A C   1 
ATOM   1221 O  O   . MET A 1 172 ? -1.095  2.081   16.661  1.00 33.14 ? 171 MET A O   1 
ATOM   1222 C  CB  . MET A 1 172 ? 1.642   2.746   15.669  1.00 27.04 ? 171 MET A CB  1 
ATOM   1223 C  CG  . MET A 1 172 ? 2.690   3.357   14.776  1.00 30.21 ? 171 MET A CG  1 
ATOM   1224 S  SD  . MET A 1 172 ? 1.980   4.167   13.320  1.00 39.68 ? 171 MET A SD  1 
ATOM   1225 C  CE  . MET A 1 172 ? 2.326   2.696   12.436  1.00 37.54 ? 171 MET A CE  1 
ATOM   1226 N  N   . GLY A 1 173 ? -0.358  3.300   18.382  1.00 36.29 ? 172 GLY A N   1 
ATOM   1227 C  CA  . GLY A 1 173 ? -1.285  2.681   19.318  1.00 46.30 ? 172 GLY A CA  1 
ATOM   1228 C  C   . GLY A 1 173 ? -2.607  3.443   19.434  1.00 53.54 ? 172 GLY A C   1 
ATOM   1229 O  O   . GLY A 1 173 ? -3.413  3.116   20.314  1.00 57.89 ? 172 GLY A O   1 
ATOM   1230 N  N   . GLU A 1 174 ? -2.771  4.421   18.499  1.00 57.31 ? 173 GLU A N   1 
ATOM   1231 C  CA  . GLU A 1 174 ? -3.849  5.397   18.239  1.00 59.89 ? 173 GLU A CA  1 
ATOM   1232 C  C   . GLU A 1 174 ? -3.788  6.633   19.132  1.00 61.49 ? 173 GLU A C   1 
ATOM   1233 O  O   . GLU A 1 174 ? -3.141  7.596   18.708  1.00 62.48 ? 173 GLU A O   1 
ATOM   1234 C  CB  . GLU A 1 174 ? -5.260  4.793   18.412  1.00 60.75 ? 173 GLU A CB  1 
HETATM 1235 CA CA  . CA  B 2 .   ? 9.994   -12.319 -10.085 0.50 22.18 ? 176 CA  A CA  1 
HETATM 1236 O  O   . HOH C 3 .   ? 5.868   8.455   27.234  0.25 31.14 ? 177 HOH A O   1 
HETATM 1237 O  O   . HOH C 3 .   ? -2.956  -9.221  -11.668 1.00 20.63 ? 178 HOH A O   1 
HETATM 1238 O  O   . HOH C 3 .   ? -19.303 -8.713  -17.113 1.00 22.90 ? 179 HOH A O   1 
HETATM 1239 O  O   . HOH C 3 .   ? -13.803 -10.505 -16.232 1.00 26.55 ? 180 HOH A O   1 
HETATM 1240 O  O   . HOH C 3 .   ? 3.887   -9.600  -12.795 1.00 39.91 ? 181 HOH A O   1 
HETATM 1241 O  O   . HOH C 3 .   ? -4.473  -7.900  -13.551 1.00 26.89 ? 182 HOH A O   1 
HETATM 1242 O  O   . HOH C 3 .   ? 6.477   0.362   21.252  1.00 36.79 ? 183 HOH A O   1 
HETATM 1243 O  O   . HOH C 3 .   ? 3.100   13.947  16.537  1.00 21.95 ? 184 HOH A O   1 
HETATM 1244 O  O   . HOH C 3 .   ? 3.164   -7.610  -9.577  1.00 22.53 ? 185 HOH A O   1 
HETATM 1245 O  O   . HOH C 3 .   ? -1.635  0.112   14.690  1.00 39.80 ? 186 HOH A O   1 
HETATM 1246 O  O   . HOH C 3 .   ? -23.263 -2.449  -17.010 1.00 38.42 ? 187 HOH A O   1 
HETATM 1247 O  O   . HOH C 3 .   ? -19.725 -0.530  -20.117 1.00 38.75 ? 188 HOH A O   1 
HETATM 1248 O  O   . HOH C 3 .   ? 9.337   -9.468  0.997   1.00 23.31 ? 189 HOH A O   1 
HETATM 1249 O  O   . HOH C 3 .   ? 10.503  -11.973 1.649   1.00 26.55 ? 190 HOH A O   1 
HETATM 1250 O  O   . HOH C 3 .   ? -22.843 -0.576  -19.229 1.00 36.77 ? 191 HOH A O   1 
HETATM 1251 O  O   . HOH C 3 .   ? 2.066   -13.046 -15.381 1.00 31.71 ? 192 HOH A O   1 
HETATM 1252 O  O   . HOH C 3 .   ? 9.718   -11.097 8.198   1.00 29.85 ? 193 HOH A O   1 
HETATM 1253 O  O   . HOH C 3 .   ? 8.121   -10.460 6.008   1.00 29.42 ? 194 HOH A O   1 
HETATM 1254 O  O   . HOH C 3 .   ? -12.983 -7.861  -23.690 1.00 45.24 ? 195 HOH A O   1 
HETATM 1255 O  O   . HOH C 3 .   ? -9.518  -14.145 -15.212 1.00 30.40 ? 196 HOH A O   1 
HETATM 1256 O  O   . HOH C 3 .   ? -17.717 -0.631  -25.710 1.00 63.82 ? 197 HOH A O   1 
HETATM 1257 O  O   . HOH C 3 .   ? -19.644 -6.841  -11.319 1.00 34.99 ? 198 HOH A O   1 
HETATM 1258 O  O   . HOH C 3 .   ? 7.180   -3.421  23.852  1.00 36.52 ? 199 HOH A O   1 
HETATM 1259 O  O   . HOH C 3 .   ? -0.264  2.083   22.665  1.00 65.32 ? 200 HOH A O   1 
HETATM 1260 O  O   . HOH C 3 .   ? -20.703 2.272   -26.994 1.00 76.15 ? 201 HOH A O   1 
HETATM 1261 O  O   . HOH C 3 .   ? -3.291  3.100   1.307   1.00 40.46 ? 202 HOH A O   1 
HETATM 1262 O  O   . HOH C 3 .   ? -22.654 -7.724  -10.964 1.00 62.04 ? 203 HOH A O   1 
HETATM 1263 O  O   . HOH C 3 .   ? -3.497  -8.077  -17.461 1.00 59.22 ? 204 HOH A O   1 
HETATM 1264 O  O   . HOH C 3 .   ? -10.975 -13.223 -18.850 1.00 47.06 ? 205 HOH A O   1 
HETATM 1265 O  O   . HOH C 3 .   ? 6.574   -6.462  22.669  1.00 32.54 ? 206 HOH A O   1 
HETATM 1266 O  O   . HOH C 3 .   ? 5.487   -3.728  20.058  1.00 33.15 ? 207 HOH A O   1 
HETATM 1267 O  O   . HOH C 3 .   ? 0.466   -0.939  22.837  1.00 57.19 ? 208 HOH A O   1 
# 
